data_3IY0
# 
_entry.id   3IY0 
# 
_audit_conform.dict_name       mmcif_pdbx.dic 
_audit_conform.dict_version    5.397 
_audit_conform.dict_location   http://mmcif.pdb.org/dictionaries/ascii/mmcif_pdbx.dic 
# 
loop_
_database_2.database_id 
_database_2.database_code 
_database_2.pdbx_database_accession 
_database_2.pdbx_DOI 
PDB   3IY0         pdb_00003iy0 10.2210/pdb3iy0/pdb 
RCSB  RCSB160006   ?            ?                   
WWPDB D_1000160006 ?            ?                   
# 
loop_
_pdbx_audit_revision_history.ordinal 
_pdbx_audit_revision_history.data_content_type 
_pdbx_audit_revision_history.major_revision 
_pdbx_audit_revision_history.minor_revision 
_pdbx_audit_revision_history.revision_date 
1 'Structure model' 1 0 2009-05-12 
2 'Structure model' 1 1 2011-07-13 
3 'Structure model' 1 2 2024-10-30 
# 
_pdbx_audit_revision_details.ordinal             1 
_pdbx_audit_revision_details.revision_ordinal    1 
_pdbx_audit_revision_details.data_content_type   'Structure model' 
_pdbx_audit_revision_details.provider            repository 
_pdbx_audit_revision_details.type                'Initial release' 
_pdbx_audit_revision_details.description         ? 
_pdbx_audit_revision_details.details             ? 
# 
loop_
_pdbx_audit_revision_group.ordinal 
_pdbx_audit_revision_group.revision_ordinal 
_pdbx_audit_revision_group.data_content_type 
_pdbx_audit_revision_group.group 
1 2 'Structure model' 'Version format compliance' 
2 3 'Structure model' 'Data collection'           
3 3 'Structure model' 'Database references'       
4 3 'Structure model' 'Structure summary'         
# 
loop_
_pdbx_audit_revision_category.ordinal 
_pdbx_audit_revision_category.revision_ordinal 
_pdbx_audit_revision_category.data_content_type 
_pdbx_audit_revision_category.category 
1 3 'Structure model' chem_comp_atom            
2 3 'Structure model' chem_comp_bond            
3 3 'Structure model' database_2                
4 3 'Structure model' pdbx_entry_details        
5 3 'Structure model' pdbx_modification_feature 
# 
loop_
_pdbx_audit_revision_item.ordinal 
_pdbx_audit_revision_item.revision_ordinal 
_pdbx_audit_revision_item.data_content_type 
_pdbx_audit_revision_item.item 
1 3 'Structure model' '_database_2.pdbx_DOI'                
2 3 'Structure model' '_database_2.pdbx_database_accession' 
# 
_pdbx_database_status.status_code                     REL 
_pdbx_database_status.entry_id                        3IY0 
_pdbx_database_status.recvd_initial_deposition_date   2009-04-07 
_pdbx_database_status.deposit_site                    RCSB 
_pdbx_database_status.process_site                    RCSB 
_pdbx_database_status.status_code_sf                  ? 
_pdbx_database_status.status_code_mr                  ? 
_pdbx_database_status.SG_entry                        ? 
_pdbx_database_status.pdb_format_compatible           Y 
_pdbx_database_status.status_code_cs                  ? 
_pdbx_database_status.status_code_nmr_data            ? 
_pdbx_database_status.methods_development_category    ? 
# 
_pdbx_database_related.db_name        EMDB 
_pdbx_database_related.db_id          EMD-5105 
_pdbx_database_related.content_type   'associated EM volume' 
_pdbx_database_related.details        'cryoEM reconstruction of the canine parvovirus-Fab 14 complex' 
# 
loop_
_audit_author.name 
_audit_author.pdbx_ordinal 
'Hafenstein, S.' 1 
'Bowman, V.D.'   2 
'Sun, T.'        3 
'Nelson, C.D.'   4 
'Palermo, L.M.'  5 
'Chipman, P.R.'  6 
'Battisti, A.J.' 7 
'Parrish, C.R.'  8 
'Rossmann, M.G.' 9 
# 
_citation.id                        primary 
_citation.title                     'Structural comparison of different antibodies interacting with parvovirus capsids' 
_citation.journal_abbrev            J.Virol. 
_citation.journal_volume            83 
_citation.page_first                5556 
_citation.page_last                 5566 
_citation.year                      2009 
_citation.journal_id_ASTM           JOVIAM 
_citation.country                   US 
_citation.journal_id_ISSN           0022-538X 
_citation.journal_id_CSD            0825 
_citation.book_publisher            ? 
_citation.pdbx_database_id_PubMed   19321620 
_citation.pdbx_database_id_DOI      10.1128/JVI.02532-08 
# 
loop_
_citation_author.citation_id 
_citation_author.name 
_citation_author.ordinal 
_citation_author.identifier_ORCID 
primary 'Hafenstein, S.' 1 ? 
primary 'Bowman, V.D.'   2 ? 
primary 'Sun, T.'        3 ? 
primary 'Nelson, C.D.'   4 ? 
primary 'Palermo, L.M.'  5 ? 
primary 'Chipman, P.R.'  6 ? 
primary 'Battisti, A.J.' 7 ? 
primary 'Parrish, C.R.'  8 ? 
primary 'Rossmann, M.G.' 9 ? 
# 
loop_
_entity.id 
_entity.type 
_entity.src_method 
_entity.pdbx_description 
_entity.formula_weight 
_entity.pdbx_number_of_molecules 
_entity.pdbx_ec 
_entity.pdbx_mutation 
_entity.pdbx_fragment 
_entity.details 
1 polymer nat 'Fab 14, light domain' 11737.015 1 ? ? Fab14 ? 
2 polymer nat 'Fab 14, heavy domain' 12055.316 1 ? ? ?     ? 
# 
loop_
_entity_poly.entity_id 
_entity_poly.type 
_entity_poly.nstd_linkage 
_entity_poly.nstd_monomer 
_entity_poly.pdbx_seq_one_letter_code 
_entity_poly.pdbx_seq_one_letter_code_can 
_entity_poly.pdbx_strand_id 
_entity_poly.pdbx_target_identifier 
1 'polypeptide(L)' no no 
;DIVMTQSHKFMSTSVGDRVSITCKGSQDVNSALAWYQQVPGQSPALLIYSGSNRYSGVPGRFTASGGGTDFSFTISSVQG
EDLALYYCQQHYTTPWTFGGGTKLEIKR
;
;DIVMTQSHKFMSTSVGDRVSITCKGSQDVNSALAWYQQVPGQSPALLIYSGSNRYSGVPGRFTASGGGTDFSFTISSVQG
EDLALYYCQQHYTTPWTFGGGTKLEIKR
;
L ? 
2 'polypeptide(L)' no no 
;AVHLQQSGTELVAPGGGVKLSCGASGYTFTNYDMNWVRQRPGAGLEWIGWIFPGDGSARGNEKFGGAAALAAAAAGGTAY
MGLGGLSSEDSGVYFCARRGFAGAASFAYWGQGTLVTAGG
;
;AVHLQQSGTELVAPGGGVKLSCGASGYTFTNYDMNWVRQRPGAGLEWIGWIFPGDGSARGNEKFGGAAALAAAAAGGTAY
MGLGGLSSEDSGVYFCARRGFAGAASFAYWGQGTLVTAGG
;
H ? 
# 
loop_
_entity_poly_seq.entity_id 
_entity_poly_seq.num 
_entity_poly_seq.mon_id 
_entity_poly_seq.hetero 
1 1   ASP n 
1 2   ILE n 
1 3   VAL n 
1 4   MET n 
1 5   THR n 
1 6   GLN n 
1 7   SER n 
1 8   HIS n 
1 9   LYS n 
1 10  PHE n 
1 11  MET n 
1 12  SER n 
1 13  THR n 
1 14  SER n 
1 15  VAL n 
1 16  GLY n 
1 17  ASP n 
1 18  ARG n 
1 19  VAL n 
1 20  SER n 
1 21  ILE n 
1 22  THR n 
1 23  CYS n 
1 24  LYS n 
1 25  GLY n 
1 26  SER n 
1 27  GLN n 
1 28  ASP n 
1 29  VAL n 
1 30  ASN n 
1 31  SER n 
1 32  ALA n 
1 33  LEU n 
1 34  ALA n 
1 35  TRP n 
1 36  TYR n 
1 37  GLN n 
1 38  GLN n 
1 39  VAL n 
1 40  PRO n 
1 41  GLY n 
1 42  GLN n 
1 43  SER n 
1 44  PRO n 
1 45  ALA n 
1 46  LEU n 
1 47  LEU n 
1 48  ILE n 
1 49  TYR n 
1 50  SER n 
1 51  GLY n 
1 52  SER n 
1 53  ASN n 
1 54  ARG n 
1 55  TYR n 
1 56  SER n 
1 57  GLY n 
1 58  VAL n 
1 59  PRO n 
1 60  GLY n 
1 61  ARG n 
1 62  PHE n 
1 63  THR n 
1 64  ALA n 
1 65  SER n 
1 66  GLY n 
1 67  GLY n 
1 68  GLY n 
1 69  THR n 
1 70  ASP n 
1 71  PHE n 
1 72  SER n 
1 73  PHE n 
1 74  THR n 
1 75  ILE n 
1 76  SER n 
1 77  SER n 
1 78  VAL n 
1 79  GLN n 
1 80  GLY n 
1 81  GLU n 
1 82  ASP n 
1 83  LEU n 
1 84  ALA n 
1 85  LEU n 
1 86  TYR n 
1 87  TYR n 
1 88  CYS n 
1 89  GLN n 
1 90  GLN n 
1 91  HIS n 
1 92  TYR n 
1 93  THR n 
1 94  THR n 
1 95  PRO n 
1 96  TRP n 
1 97  THR n 
1 98  PHE n 
1 99  GLY n 
1 100 GLY n 
1 101 GLY n 
1 102 THR n 
1 103 LYS n 
1 104 LEU n 
1 105 GLU n 
1 106 ILE n 
1 107 LYS n 
1 108 ARG n 
2 1   ALA n 
2 2   VAL n 
2 3   HIS n 
2 4   LEU n 
2 5   GLN n 
2 6   GLN n 
2 7   SER n 
2 8   GLY n 
2 9   THR n 
2 10  GLU n 
2 11  LEU n 
2 12  VAL n 
2 13  ALA n 
2 14  PRO n 
2 15  GLY n 
2 16  GLY n 
2 17  GLY n 
2 18  VAL n 
2 19  LYS n 
2 20  LEU n 
2 21  SER n 
2 22  CYS n 
2 23  GLY n 
2 24  ALA n 
2 25  SER n 
2 26  GLY n 
2 27  TYR n 
2 28  THR n 
2 29  PHE n 
2 30  THR n 
2 31  ASN n 
2 32  TYR n 
2 33  ASP n 
2 34  MET n 
2 35  ASN n 
2 36  TRP n 
2 37  VAL n 
2 38  ARG n 
2 39  GLN n 
2 40  ARG n 
2 41  PRO n 
2 42  GLY n 
2 43  ALA n 
2 44  GLY n 
2 45  LEU n 
2 46  GLU n 
2 47  TRP n 
2 48  ILE n 
2 49  GLY n 
2 50  TRP n 
2 51  ILE n 
2 52  PHE n 
2 53  PRO n 
2 54  GLY n 
2 55  ASP n 
2 56  GLY n 
2 57  SER n 
2 58  ALA n 
2 59  ARG n 
2 60  GLY n 
2 61  ASN n 
2 62  GLU n 
2 63  LYS n 
2 64  PHE n 
2 65  GLY n 
2 66  GLY n 
2 67  ALA n 
2 68  ALA n 
2 69  ALA n 
2 70  LEU n 
2 71  ALA n 
2 72  ALA n 
2 73  ALA n 
2 74  ALA n 
2 75  ALA n 
2 76  GLY n 
2 77  GLY n 
2 78  THR n 
2 79  ALA n 
2 80  TYR n 
2 81  MET n 
2 82  GLY n 
2 83  LEU n 
2 84  GLY n 
2 85  GLY n 
2 86  LEU n 
2 87  SER n 
2 88  SER n 
2 89  GLU n 
2 90  ASP n 
2 91  SER n 
2 92  GLY n 
2 93  VAL n 
2 94  TYR n 
2 95  PHE n 
2 96  CYS n 
2 97  ALA n 
2 98  ARG n 
2 99  ARG n 
2 100 GLY n 
2 101 PHE n 
2 102 ALA n 
2 103 GLY n 
2 104 ALA n 
2 105 ALA n 
2 106 SER n 
2 107 PHE n 
2 108 ALA n 
2 109 TYR n 
2 110 TRP n 
2 111 GLY n 
2 112 GLN n 
2 113 GLY n 
2 114 THR n 
2 115 LEU n 
2 116 VAL n 
2 117 THR n 
2 118 ALA n 
2 119 GLY n 
2 120 GLY n 
# 
loop_
_entity_src_nat.entity_id 
_entity_src_nat.pdbx_src_id 
_entity_src_nat.pdbx_alt_source_flag 
_entity_src_nat.pdbx_beg_seq_num 
_entity_src_nat.pdbx_end_seq_num 
_entity_src_nat.common_name 
_entity_src_nat.pdbx_organism_scientific 
_entity_src_nat.pdbx_ncbi_taxonomy_id 
_entity_src_nat.genus 
_entity_src_nat.species 
_entity_src_nat.strain 
_entity_src_nat.tissue 
_entity_src_nat.tissue_fraction 
_entity_src_nat.pdbx_secretion 
_entity_src_nat.pdbx_fragment 
_entity_src_nat.pdbx_variant 
_entity_src_nat.pdbx_cell_line 
_entity_src_nat.pdbx_atcc 
_entity_src_nat.pdbx_cellular_location 
_entity_src_nat.pdbx_organ 
_entity_src_nat.pdbx_organelle 
_entity_src_nat.pdbx_cell 
_entity_src_nat.pdbx_plasmid_name 
_entity_src_nat.pdbx_plasmid_details 
_entity_src_nat.details 
1 1 sample ? ? ? 'Mus musculus' 10090 ? ? ? ? ? ? ? ? ? ? ? ? ? ? ? ? ? 
2 1 sample ? ? ? 'Mus musculus' 10090 ? ? ? ? ? ? ? ? ? ? ? ? ? ? ? ? ? 
# 
loop_
_chem_comp.id 
_chem_comp.type 
_chem_comp.mon_nstd_flag 
_chem_comp.name 
_chem_comp.pdbx_synonyms 
_chem_comp.formula 
_chem_comp.formula_weight 
ALA 'L-peptide linking' y ALANINE         ? 'C3 H7 N O2'     89.093  
ARG 'L-peptide linking' y ARGININE        ? 'C6 H15 N4 O2 1' 175.209 
ASN 'L-peptide linking' y ASPARAGINE      ? 'C4 H8 N2 O3'    132.118 
ASP 'L-peptide linking' y 'ASPARTIC ACID' ? 'C4 H7 N O4'     133.103 
CYS 'L-peptide linking' y CYSTEINE        ? 'C3 H7 N O2 S'   121.158 
GLN 'L-peptide linking' y GLUTAMINE       ? 'C5 H10 N2 O3'   146.144 
GLU 'L-peptide linking' y 'GLUTAMIC ACID' ? 'C5 H9 N O4'     147.129 
GLY 'peptide linking'   y GLYCINE         ? 'C2 H5 N O2'     75.067  
HIS 'L-peptide linking' y HISTIDINE       ? 'C6 H10 N3 O2 1' 156.162 
ILE 'L-peptide linking' y ISOLEUCINE      ? 'C6 H13 N O2'    131.173 
LEU 'L-peptide linking' y LEUCINE         ? 'C6 H13 N O2'    131.173 
LYS 'L-peptide linking' y LYSINE          ? 'C6 H15 N2 O2 1' 147.195 
MET 'L-peptide linking' y METHIONINE      ? 'C5 H11 N O2 S'  149.211 
PHE 'L-peptide linking' y PHENYLALANINE   ? 'C9 H11 N O2'    165.189 
PRO 'L-peptide linking' y PROLINE         ? 'C5 H9 N O2'     115.130 
SER 'L-peptide linking' y SERINE          ? 'C3 H7 N O3'     105.093 
THR 'L-peptide linking' y THREONINE       ? 'C4 H9 N O3'     119.119 
TRP 'L-peptide linking' y TRYPTOPHAN      ? 'C11 H12 N2 O2'  204.225 
TYR 'L-peptide linking' y TYROSINE        ? 'C9 H11 N O3'    181.189 
VAL 'L-peptide linking' y VALINE          ? 'C5 H11 N O2'    117.146 
# 
loop_
_pdbx_poly_seq_scheme.asym_id 
_pdbx_poly_seq_scheme.entity_id 
_pdbx_poly_seq_scheme.seq_id 
_pdbx_poly_seq_scheme.mon_id 
_pdbx_poly_seq_scheme.ndb_seq_num 
_pdbx_poly_seq_scheme.pdb_seq_num 
_pdbx_poly_seq_scheme.auth_seq_num 
_pdbx_poly_seq_scheme.pdb_mon_id 
_pdbx_poly_seq_scheme.auth_mon_id 
_pdbx_poly_seq_scheme.pdb_strand_id 
_pdbx_poly_seq_scheme.pdb_ins_code 
_pdbx_poly_seq_scheme.hetero 
A 1 1   ASP 1   1   1   ASP ASP L . n 
A 1 2   ILE 2   2   2   ILE ILE L . n 
A 1 3   VAL 3   3   3   VAL VAL L . n 
A 1 4   MET 4   4   4   MET MET L . n 
A 1 5   THR 5   5   5   THR THR L . n 
A 1 6   GLN 6   6   6   GLN GLN L . n 
A 1 7   SER 7   7   7   SER SER L . n 
A 1 8   HIS 8   8   8   HIS HIS L . n 
A 1 9   LYS 9   9   9   LYS LYS L . n 
A 1 10  PHE 10  10  10  PHE PHE L . n 
A 1 11  MET 11  11  11  MET MET L . n 
A 1 12  SER 12  12  12  SER SER L . n 
A 1 13  THR 13  13  13  THR THR L . n 
A 1 14  SER 14  14  14  SER SER L . n 
A 1 15  VAL 15  15  15  VAL VAL L . n 
A 1 16  GLY 16  16  16  GLY GLY L . n 
A 1 17  ASP 17  17  17  ASP ASP L . n 
A 1 18  ARG 18  18  18  ARG ARG L . n 
A 1 19  VAL 19  19  19  VAL VAL L . n 
A 1 20  SER 20  20  20  SER SER L . n 
A 1 21  ILE 21  21  21  ILE ILE L . n 
A 1 22  THR 22  22  22  THR THR L . n 
A 1 23  CYS 23  23  23  CYS CYS L . n 
A 1 24  LYS 24  24  24  LYS LYS L . n 
A 1 25  GLY 25  25  25  GLY GLY L . n 
A 1 26  SER 26  26  26  SER SER L . n 
A 1 27  GLN 27  27  27  GLN GLN L . n 
A 1 28  ASP 28  28  28  ASP ASP L . n 
A 1 29  VAL 29  29  29  VAL VAL L . n 
A 1 30  ASN 30  30  30  ASN ASN L . n 
A 1 31  SER 31  31  31  SER SER L . n 
A 1 32  ALA 32  32  32  ALA ALA L . n 
A 1 33  LEU 33  33  33  LEU LEU L . n 
A 1 34  ALA 34  34  34  ALA ALA L . n 
A 1 35  TRP 35  35  35  TRP TRP L . n 
A 1 36  TYR 36  36  36  TYR TYR L . n 
A 1 37  GLN 37  37  37  GLN GLN L . n 
A 1 38  GLN 38  38  38  GLN GLN L . n 
A 1 39  VAL 39  39  39  VAL VAL L . n 
A 1 40  PRO 40  40  40  PRO PRO L . n 
A 1 41  GLY 41  41  41  GLY GLY L . n 
A 1 42  GLN 42  42  42  GLN GLN L . n 
A 1 43  SER 43  43  43  SER SER L . n 
A 1 44  PRO 44  44  44  PRO PRO L . n 
A 1 45  ALA 45  45  45  ALA ALA L . n 
A 1 46  LEU 46  46  46  LEU LEU L . n 
A 1 47  LEU 47  47  47  LEU LEU L . n 
A 1 48  ILE 48  48  48  ILE ILE L . n 
A 1 49  TYR 49  49  49  TYR TYR L . n 
A 1 50  SER 50  50  50  SER SER L . n 
A 1 51  GLY 51  51  51  GLY GLY L . n 
A 1 52  SER 52  52  52  SER SER L . n 
A 1 53  ASN 53  53  53  ASN ASN L . n 
A 1 54  ARG 54  54  54  ARG ARG L . n 
A 1 55  TYR 55  55  55  TYR TYR L . n 
A 1 56  SER 56  56  56  SER SER L . n 
A 1 57  GLY 57  57  57  GLY GLY L . n 
A 1 58  VAL 58  58  58  VAL VAL L . n 
A 1 59  PRO 59  59  59  PRO PRO L . n 
A 1 60  GLY 60  60  60  GLY GLY L . n 
A 1 61  ARG 61  61  61  ARG ARG L . n 
A 1 62  PHE 62  62  62  PHE PHE L . n 
A 1 63  THR 63  63  63  THR THR L . n 
A 1 64  ALA 64  64  64  ALA ALA L . n 
A 1 65  SER 65  65  65  SER SER L . n 
A 1 66  GLY 66  66  66  GLY GLY L . n 
A 1 67  GLY 67  67  67  GLY GLY L . n 
A 1 68  GLY 68  68  68  GLY GLY L . n 
A 1 69  THR 69  69  69  THR THR L . n 
A 1 70  ASP 70  70  70  ASP ASP L . n 
A 1 71  PHE 71  71  71  PHE PHE L . n 
A 1 72  SER 72  72  72  SER SER L . n 
A 1 73  PHE 73  73  73  PHE PHE L . n 
A 1 74  THR 74  74  74  THR THR L . n 
A 1 75  ILE 75  75  75  ILE ILE L . n 
A 1 76  SER 76  76  76  SER SER L . n 
A 1 77  SER 77  77  77  SER SER L . n 
A 1 78  VAL 78  78  78  VAL VAL L . n 
A 1 79  GLN 79  79  79  GLN GLN L . n 
A 1 80  GLY 80  80  80  GLY GLY L . n 
A 1 81  GLU 81  81  81  GLU GLU L . n 
A 1 82  ASP 82  82  82  ASP ASP L . n 
A 1 83  LEU 83  83  83  LEU LEU L . n 
A 1 84  ALA 84  84  84  ALA ALA L . n 
A 1 85  LEU 85  85  85  LEU LEU L . n 
A 1 86  TYR 86  86  86  TYR TYR L . n 
A 1 87  TYR 87  87  87  TYR TYR L . n 
A 1 88  CYS 88  88  88  CYS CYS L . n 
A 1 89  GLN 89  89  89  GLN GLN L . n 
A 1 90  GLN 90  90  90  GLN GLN L . n 
A 1 91  HIS 91  91  91  HIS HIS L . n 
A 1 92  TYR 92  92  92  TYR TYR L . n 
A 1 93  THR 93  93  93  THR THR L . n 
A 1 94  THR 94  94  94  THR THR L . n 
A 1 95  PRO 95  95  95  PRO PRO L . n 
A 1 96  TRP 96  96  96  TRP TRP L . n 
A 1 97  THR 97  97  97  THR THR L . n 
A 1 98  PHE 98  98  98  PHE PHE L . n 
A 1 99  GLY 99  99  99  GLY GLY L . n 
A 1 100 GLY 100 100 100 GLY GLY L . n 
A 1 101 GLY 101 101 101 GLY GLY L . n 
A 1 102 THR 102 102 102 THR THR L . n 
A 1 103 LYS 103 103 103 LYS LYS L . n 
A 1 104 LEU 104 104 104 LEU LEU L . n 
A 1 105 GLU 105 105 105 GLU GLU L . n 
A 1 106 ILE 106 106 106 ILE ILE L . n 
A 1 107 LYS 107 107 107 LYS LYS L . n 
A 1 108 ARG 108 108 108 ARG ARG L . n 
B 2 1   ALA 1   1   1   ALA ALA H . n 
B 2 2   VAL 2   2   2   VAL VAL H . n 
B 2 3   HIS 3   3   3   HIS HIS H . n 
B 2 4   LEU 4   4   4   LEU LEU H . n 
B 2 5   GLN 5   5   5   GLN GLN H . n 
B 2 6   GLN 6   6   6   GLN GLN H . n 
B 2 7   SER 7   7   7   SER SER H . n 
B 2 8   GLY 8   8   8   GLY GLY H . n 
B 2 9   THR 9   9   9   THR THR H . n 
B 2 10  GLU 10  10  10  GLU GLU H . n 
B 2 11  LEU 11  11  11  LEU LEU H . n 
B 2 12  VAL 12  12  12  VAL VAL H . n 
B 2 13  ALA 13  13  13  ALA ALA H . n 
B 2 14  PRO 14  14  14  PRO PRO H . n 
B 2 15  GLY 15  15  15  GLY GLY H . n 
B 2 16  GLY 16  16  16  GLY GLY H . n 
B 2 17  GLY 17  17  17  GLY GLY H . n 
B 2 18  VAL 18  18  18  VAL VAL H . n 
B 2 19  LYS 19  19  19  LYS LYS H . n 
B 2 20  LEU 20  20  20  LEU LEU H . n 
B 2 21  SER 21  21  21  SER SER H . n 
B 2 22  CYS 22  22  22  CYS CYS H . n 
B 2 23  GLY 23  23  23  GLY GLY H . n 
B 2 24  ALA 24  24  24  ALA ALA H . n 
B 2 25  SER 25  25  25  SER SER H . n 
B 2 26  GLY 26  26  26  GLY GLY H . n 
B 2 27  TYR 27  27  27  TYR TYR H . n 
B 2 28  THR 28  28  28  THR THR H . n 
B 2 29  PHE 29  29  29  PHE PHE H . n 
B 2 30  THR 30  30  30  THR THR H . n 
B 2 31  ASN 31  31  31  ASN ASN H . n 
B 2 32  TYR 32  32  32  TYR TYR H . n 
B 2 33  ASP 33  33  33  ASP ASP H . n 
B 2 34  MET 34  34  34  MET MET H . n 
B 2 35  ASN 35  35  35  ASN ASN H . n 
B 2 36  TRP 36  36  36  TRP TRP H . n 
B 2 37  VAL 37  37  37  VAL VAL H . n 
B 2 38  ARG 38  38  38  ARG ARG H . n 
B 2 39  GLN 39  39  39  GLN GLN H . n 
B 2 40  ARG 40  40  40  ARG ARG H . n 
B 2 41  PRO 41  41  41  PRO PRO H . n 
B 2 42  GLY 42  42  42  GLY GLY H . n 
B 2 43  ALA 43  43  43  ALA ALA H . n 
B 2 44  GLY 44  44  44  GLY GLY H . n 
B 2 45  LEU 45  45  45  LEU LEU H . n 
B 2 46  GLU 46  46  46  GLU GLU H . n 
B 2 47  TRP 47  47  47  TRP TRP H . n 
B 2 48  ILE 48  48  48  ILE ILE H . n 
B 2 49  GLY 49  49  49  GLY GLY H . n 
B 2 50  TRP 50  50  50  TRP TRP H . n 
B 2 51  ILE 51  51  51  ILE ILE H . n 
B 2 52  PHE 52  52  52  PHE PHE H . n 
B 2 53  PRO 53  53  53  PRO PRO H . n 
B 2 54  GLY 54  54  54  GLY GLY H . n 
B 2 55  ASP 55  55  55  ASP ASP H . n 
B 2 56  GLY 56  56  56  GLY GLY H . n 
B 2 57  SER 57  57  57  SER SER H . n 
B 2 58  ALA 58  58  58  ALA ALA H . n 
B 2 59  ARG 59  59  59  ARG ARG H . n 
B 2 60  GLY 60  60  60  GLY GLY H . n 
B 2 61  ASN 61  61  61  ASN ASN H . n 
B 2 62  GLU 62  62  62  GLU GLU H . n 
B 2 63  LYS 63  63  63  LYS LYS H . n 
B 2 64  PHE 64  64  64  PHE PHE H . n 
B 2 65  GLY 65  65  65  GLY GLY H . n 
B 2 66  GLY 66  66  66  GLY GLY H . n 
B 2 67  ALA 67  67  67  ALA ALA H . n 
B 2 68  ALA 68  68  68  ALA ALA H . n 
B 2 69  ALA 69  69  69  ALA ALA H . n 
B 2 70  LEU 70  70  70  LEU LEU H . n 
B 2 71  ALA 71  71  71  ALA ALA H . n 
B 2 72  ALA 72  72  72  ALA ALA H . n 
B 2 73  ALA 73  73  73  ALA ALA H . n 
B 2 74  ALA 74  74  74  ALA ALA H . n 
B 2 75  ALA 75  75  75  ALA ALA H . n 
B 2 76  GLY 76  76  76  GLY GLY H . n 
B 2 77  GLY 77  77  77  GLY GLY H . n 
B 2 78  THR 78  78  78  THR THR H . n 
B 2 79  ALA 79  79  79  ALA ALA H . n 
B 2 80  TYR 80  80  80  TYR TYR H . n 
B 2 81  MET 81  81  81  MET MET H . n 
B 2 82  GLY 82  82  82  GLY GLY H . n 
B 2 83  LEU 83  83  83  LEU LEU H . n 
B 2 84  GLY 84  84  84  GLY GLY H . n 
B 2 85  GLY 85  85  85  GLY GLY H . n 
B 2 86  LEU 86  86  86  LEU LEU H . n 
B 2 87  SER 87  87  87  SER SER H . n 
B 2 88  SER 88  88  88  SER SER H . n 
B 2 89  GLU 89  89  89  GLU GLU H . n 
B 2 90  ASP 90  90  90  ASP ASP H . n 
B 2 91  SER 91  91  91  SER SER H . n 
B 2 92  GLY 92  92  92  GLY GLY H . n 
B 2 93  VAL 93  93  93  VAL VAL H . n 
B 2 94  TYR 94  94  94  TYR TYR H . n 
B 2 95  PHE 95  95  95  PHE PHE H . n 
B 2 96  CYS 96  96  96  CYS CYS H . n 
B 2 97  ALA 97  97  97  ALA ALA H . n 
B 2 98  ARG 98  98  98  ARG ARG H . n 
B 2 99  ARG 99  99  99  ARG ARG H . n 
B 2 100 GLY 100 100 100 GLY GLY H . n 
B 2 101 PHE 101 101 101 PHE PHE H . n 
B 2 102 ALA 102 102 102 ALA ALA H . n 
B 2 103 GLY 103 103 103 GLY GLY H . n 
B 2 104 ALA 104 104 104 ALA ALA H . n 
B 2 105 ALA 105 105 105 ALA ALA H . n 
B 2 106 SER 106 106 106 SER SER H . n 
B 2 107 PHE 107 107 107 PHE PHE H . n 
B 2 108 ALA 108 108 108 ALA ALA H . n 
B 2 109 TYR 109 109 109 TYR TYR H . n 
B 2 110 TRP 110 110 110 TRP TRP H . n 
B 2 111 GLY 111 111 111 GLY GLY H . n 
B 2 112 GLN 112 112 112 GLN GLN H . n 
B 2 113 GLY 113 113 113 GLY GLY H . n 
B 2 114 THR 114 114 114 THR THR H . n 
B 2 115 LEU 115 115 115 LEU LEU H . n 
B 2 116 VAL 116 116 116 VAL VAL H . n 
B 2 117 THR 117 117 117 THR THR H . n 
B 2 118 ALA 118 118 118 ALA ALA H . n 
B 2 119 GLY 119 119 119 GLY GLY H . n 
B 2 120 GLY 120 120 120 GLY GLY H . n 
# 
_cell.entry_id           3IY0 
_cell.length_a           1.000 
_cell.length_b           1.000 
_cell.length_c           1.000 
_cell.angle_alpha        90.00 
_cell.angle_beta         90.00 
_cell.angle_gamma        90.00 
_cell.Z_PDB              1 
_cell.pdbx_unique_axis   ? 
_cell.length_a_esd       ? 
_cell.length_b_esd       ? 
_cell.length_c_esd       ? 
_cell.angle_alpha_esd    ? 
_cell.angle_beta_esd     ? 
_cell.angle_gamma_esd    ? 
# 
_symmetry.entry_id                         3IY0 
_symmetry.space_group_name_H-M             'P 1' 
_symmetry.pdbx_full_space_group_name_H-M   ? 
_symmetry.cell_setting                     ? 
_symmetry.Int_Tables_number                1 
_symmetry.space_group_name_Hall            ? 
# 
_exptl.entry_id          3IY0 
_exptl.method            'ELECTRON MICROSCOPY' 
_exptl.crystals_number   ? 
# 
_exptl_crystal.id                    1 
_exptl_crystal.density_meas          ? 
_exptl_crystal.density_Matthews      ? 
_exptl_crystal.density_percent_sol   ? 
_exptl_crystal.description           ? 
# 
_diffrn.id                     1 
_diffrn.ambient_temp           ? 
_diffrn.ambient_temp_details   ? 
_diffrn.crystal_id             1 
# 
_diffrn_radiation.diffrn_id                        1 
_diffrn_radiation.wavelength_id                    1 
_diffrn_radiation.pdbx_monochromatic_or_laue_m_l   M 
_diffrn_radiation.monochromator                    ? 
_diffrn_radiation.pdbx_diffrn_protocol             'SINGLE WAVELENGTH' 
_diffrn_radiation.pdbx_scattering_type             ? 
# 
_diffrn_radiation_wavelength.id           1 
_diffrn_radiation_wavelength.wavelength   . 
_diffrn_radiation_wavelength.wt           1.0 
# 
_refine.pdbx_refine_id                           'ELECTRON MICROSCOPY' 
_refine.entry_id                                 3IY0 
_refine.ls_number_reflns_obs                     ? 
_refine.ls_number_reflns_all                     ? 
_refine.pdbx_ls_sigma_I                          ? 
_refine.pdbx_ls_sigma_F                          ? 
_refine.pdbx_data_cutoff_high_absF               ? 
_refine.pdbx_data_cutoff_low_absF                ? 
_refine.pdbx_data_cutoff_high_rms_absF           ? 
_refine.ls_d_res_low                             ? 
_refine.ls_d_res_high                            12.50 
_refine.ls_percent_reflns_obs                    ? 
_refine.ls_R_factor_obs                          ? 
_refine.ls_R_factor_all                          ? 
_refine.ls_R_factor_R_work                       ? 
_refine.ls_R_factor_R_free                       ? 
_refine.ls_R_factor_R_free_error                 ? 
_refine.ls_R_factor_R_free_error_details         ? 
_refine.ls_percent_reflns_R_free                 ? 
_refine.ls_number_reflns_R_free                  ? 
_refine.ls_number_parameters                     ? 
_refine.ls_number_restraints                     ? 
_refine.occupancy_min                            ? 
_refine.occupancy_max                            ? 
_refine.correlation_coeff_Fo_to_Fc               ? 
_refine.correlation_coeff_Fo_to_Fc_free          ? 
_refine.B_iso_mean                               ? 
_refine.aniso_B[1][1]                            ? 
_refine.aniso_B[2][2]                            ? 
_refine.aniso_B[3][3]                            ? 
_refine.aniso_B[1][2]                            ? 
_refine.aniso_B[1][3]                            ? 
_refine.aniso_B[2][3]                            ? 
_refine.solvent_model_details                    ? 
_refine.solvent_model_param_ksol                 ? 
_refine.solvent_model_param_bsol                 ? 
_refine.pdbx_solvent_vdw_probe_radii             ? 
_refine.pdbx_solvent_ion_probe_radii             ? 
_refine.pdbx_solvent_shrinkage_radii             ? 
_refine.pdbx_ls_cross_valid_method               ? 
_refine.details                                  ? 
_refine.pdbx_starting_model                      ? 
_refine.pdbx_method_to_determine_struct          ? 
_refine.pdbx_isotropic_thermal_model             ? 
_refine.pdbx_stereochemistry_target_values       ? 
_refine.pdbx_stereochem_target_val_spec_case     ? 
_refine.pdbx_R_Free_selection_details            ? 
_refine.pdbx_overall_ESU_R                       ? 
_refine.pdbx_overall_ESU_R_Free                  ? 
_refine.overall_SU_ML                            ? 
_refine.pdbx_overall_phase_error                 ? 
_refine.overall_SU_B                             ? 
_refine.ls_redundancy_reflns_obs                 ? 
_refine.B_iso_min                                ? 
_refine.B_iso_max                                ? 
_refine.overall_SU_R_Cruickshank_DPI             ? 
_refine.overall_SU_R_free                        ? 
_refine.pdbx_diffrn_id                           ? 
_refine.pdbx_TLS_residual_ADP_flag               ? 
_refine.pdbx_overall_SU_R_free_Cruickshank_DPI   ? 
_refine.pdbx_overall_SU_R_Blow_DPI               ? 
_refine.pdbx_overall_SU_R_free_Blow_DPI          ? 
# 
_refine_hist.pdbx_refine_id                   'ELECTRON MICROSCOPY' 
_refine_hist.cycle_id                         LAST 
_refine_hist.pdbx_number_atoms_protein        1675 
_refine_hist.pdbx_number_atoms_nucleic_acid   0 
_refine_hist.pdbx_number_atoms_ligand         0 
_refine_hist.number_atoms_solvent             0 
_refine_hist.number_atoms_total               1675 
_refine_hist.d_res_high                       12.50 
_refine_hist.d_res_low                        . 
# 
_struct.entry_id                  3IY0 
_struct.title                     
'Variable domains of the x-ray structure of Fab 14 fitted into the cryoEM reconstruction of the virus-Fab 14 complex' 
_struct.pdbx_model_details        ? 
_struct.pdbx_CASP_flag            ? 
_struct.pdbx_model_type_details   ? 
# 
_struct_keywords.entry_id        3IY0 
_struct_keywords.pdbx_keywords   'IMMUNE SYSTEM' 
_struct_keywords.text            'cryoEM, neutralizing antibody, parvovirus, canine, feline, fab footprint, IMMUNE SYSTEM' 
# 
loop_
_struct_asym.id 
_struct_asym.pdbx_blank_PDB_chainid_flag 
_struct_asym.pdbx_modified 
_struct_asym.entity_id 
_struct_asym.details 
A N N 1 ? 
B N N 2 ? 
# 
loop_
_struct_ref.id 
_struct_ref.db_name 
_struct_ref.db_code 
_struct_ref.pdbx_db_accession 
_struct_ref.entity_id 
_struct_ref.pdbx_align_begin 
_struct_ref.pdbx_seq_one_letter_code 
_struct_ref.pdbx_db_isoform 
1 PDB 3IY0 3IY0 1 ? ? ? 
2 PDB 3IY0 3IY0 2 ? ? ? 
# 
loop_
_struct_ref_seq.align_id 
_struct_ref_seq.ref_id 
_struct_ref_seq.pdbx_PDB_id_code 
_struct_ref_seq.pdbx_strand_id 
_struct_ref_seq.seq_align_beg 
_struct_ref_seq.pdbx_seq_align_beg_ins_code 
_struct_ref_seq.seq_align_end 
_struct_ref_seq.pdbx_seq_align_end_ins_code 
_struct_ref_seq.pdbx_db_accession 
_struct_ref_seq.db_align_beg 
_struct_ref_seq.pdbx_db_align_beg_ins_code 
_struct_ref_seq.db_align_end 
_struct_ref_seq.pdbx_db_align_end_ins_code 
_struct_ref_seq.pdbx_auth_seq_align_beg 
_struct_ref_seq.pdbx_auth_seq_align_end 
1 1 3IY0 L 1 ? 108 ? 3IY0 1 ? 108 ? 1 108 
2 2 3IY0 H 1 ? 120 ? 3IY0 1 ? 120 ? 1 120 
# 
_pdbx_struct_assembly.id                   1 
_pdbx_struct_assembly.details              author_defined_assembly 
_pdbx_struct_assembly.method_details       ? 
_pdbx_struct_assembly.oligomeric_details   dimeric 
_pdbx_struct_assembly.oligomeric_count     2 
# 
_pdbx_struct_assembly_gen.assembly_id       1 
_pdbx_struct_assembly_gen.oper_expression   1 
_pdbx_struct_assembly_gen.asym_id_list      A,B 
# 
_pdbx_struct_oper_list.id                   1 
_pdbx_struct_oper_list.type                 'identity operation' 
_pdbx_struct_oper_list.name                 1_555 
_pdbx_struct_oper_list.symmetry_operation   x,y,z 
_pdbx_struct_oper_list.matrix[1][1]         1.0000000000 
_pdbx_struct_oper_list.matrix[1][2]         0.0000000000 
_pdbx_struct_oper_list.matrix[1][3]         0.0000000000 
_pdbx_struct_oper_list.vector[1]            0.0000000000 
_pdbx_struct_oper_list.matrix[2][1]         0.0000000000 
_pdbx_struct_oper_list.matrix[2][2]         1.0000000000 
_pdbx_struct_oper_list.matrix[2][3]         0.0000000000 
_pdbx_struct_oper_list.vector[2]            0.0000000000 
_pdbx_struct_oper_list.matrix[3][1]         0.0000000000 
_pdbx_struct_oper_list.matrix[3][2]         0.0000000000 
_pdbx_struct_oper_list.matrix[3][3]         1.0000000000 
_pdbx_struct_oper_list.vector[3]            0.0000000000 
# 
_struct_biol.id        1 
_struct_biol.details   ? 
# 
loop_
_struct_conf.conf_type_id 
_struct_conf.id 
_struct_conf.pdbx_PDB_helix_id 
_struct_conf.beg_label_comp_id 
_struct_conf.beg_label_asym_id 
_struct_conf.beg_label_seq_id 
_struct_conf.pdbx_beg_PDB_ins_code 
_struct_conf.end_label_comp_id 
_struct_conf.end_label_asym_id 
_struct_conf.end_label_seq_id 
_struct_conf.pdbx_end_PDB_ins_code 
_struct_conf.beg_auth_comp_id 
_struct_conf.beg_auth_asym_id 
_struct_conf.beg_auth_seq_id 
_struct_conf.end_auth_comp_id 
_struct_conf.end_auth_asym_id 
_struct_conf.end_auth_seq_id 
_struct_conf.pdbx_PDB_helix_class 
_struct_conf.details 
_struct_conf.pdbx_PDB_helix_length 
HELX_P HELX_P1 1 GLN A 79 ? LEU A 83 ? GLN L 79 LEU L 83 5 ? 5 
HELX_P HELX_P2 2 THR B 28 ? TYR B 32 ? THR H 28 TYR H 32 5 ? 5 
HELX_P HELX_P3 3 GLU B 62 ? GLY B 65 ? GLU H 62 GLY H 65 5 ? 4 
HELX_P HELX_P4 4 SER B 87 ? SER B 91 ? SER H 87 SER H 91 5 ? 5 
# 
_struct_conf_type.id          HELX_P 
_struct_conf_type.criteria    ? 
_struct_conf_type.reference   ? 
# 
loop_
_struct_conn.id 
_struct_conn.conn_type_id 
_struct_conn.pdbx_leaving_atom_flag 
_struct_conn.pdbx_PDB_id 
_struct_conn.ptnr1_label_asym_id 
_struct_conn.ptnr1_label_comp_id 
_struct_conn.ptnr1_label_seq_id 
_struct_conn.ptnr1_label_atom_id 
_struct_conn.pdbx_ptnr1_label_alt_id 
_struct_conn.pdbx_ptnr1_PDB_ins_code 
_struct_conn.pdbx_ptnr1_standard_comp_id 
_struct_conn.ptnr1_symmetry 
_struct_conn.ptnr2_label_asym_id 
_struct_conn.ptnr2_label_comp_id 
_struct_conn.ptnr2_label_seq_id 
_struct_conn.ptnr2_label_atom_id 
_struct_conn.pdbx_ptnr2_label_alt_id 
_struct_conn.pdbx_ptnr2_PDB_ins_code 
_struct_conn.ptnr1_auth_asym_id 
_struct_conn.ptnr1_auth_comp_id 
_struct_conn.ptnr1_auth_seq_id 
_struct_conn.ptnr2_auth_asym_id 
_struct_conn.ptnr2_auth_comp_id 
_struct_conn.ptnr2_auth_seq_id 
_struct_conn.ptnr2_symmetry 
_struct_conn.pdbx_ptnr3_label_atom_id 
_struct_conn.pdbx_ptnr3_label_seq_id 
_struct_conn.pdbx_ptnr3_label_comp_id 
_struct_conn.pdbx_ptnr3_label_asym_id 
_struct_conn.pdbx_ptnr3_label_alt_id 
_struct_conn.pdbx_ptnr3_PDB_ins_code 
_struct_conn.details 
_struct_conn.pdbx_dist_value 
_struct_conn.pdbx_value_order 
_struct_conn.pdbx_role 
disulf1 disulf ? ? A CYS 23 SG ? ? ? 1_555 A CYS 88 SG ? ? L CYS 23 L CYS 88 1_555 ? ? ? ? ? ? ? 2.032 ? ? 
disulf2 disulf ? ? B CYS 22 SG ? ? ? 1_555 B CYS 96 SG ? ? H CYS 22 H CYS 96 1_555 ? ? ? ? ? ? ? 2.031 ? ? 
# 
_struct_conn_type.id          disulf 
_struct_conn_type.criteria    ? 
_struct_conn_type.reference   ? 
# 
loop_
_pdbx_modification_feature.ordinal 
_pdbx_modification_feature.label_comp_id 
_pdbx_modification_feature.label_asym_id 
_pdbx_modification_feature.label_seq_id 
_pdbx_modification_feature.label_alt_id 
_pdbx_modification_feature.modified_residue_label_comp_id 
_pdbx_modification_feature.modified_residue_label_asym_id 
_pdbx_modification_feature.modified_residue_label_seq_id 
_pdbx_modification_feature.modified_residue_label_alt_id 
_pdbx_modification_feature.auth_comp_id 
_pdbx_modification_feature.auth_asym_id 
_pdbx_modification_feature.auth_seq_id 
_pdbx_modification_feature.PDB_ins_code 
_pdbx_modification_feature.symmetry 
_pdbx_modification_feature.modified_residue_auth_comp_id 
_pdbx_modification_feature.modified_residue_auth_asym_id 
_pdbx_modification_feature.modified_residue_auth_seq_id 
_pdbx_modification_feature.modified_residue_PDB_ins_code 
_pdbx_modification_feature.modified_residue_symmetry 
_pdbx_modification_feature.comp_id_linking_atom 
_pdbx_modification_feature.modified_residue_id_linking_atom 
_pdbx_modification_feature.modified_residue_id 
_pdbx_modification_feature.ref_pcm_id 
_pdbx_modification_feature.ref_comp_id 
_pdbx_modification_feature.type 
_pdbx_modification_feature.category 
1 CYS A 23 ? CYS A 88 ? CYS L 23 ? 1_555 CYS L 88 ? 1_555 SG SG . . . None 'Disulfide bridge' 
2 CYS B 22 ? CYS B 96 ? CYS H 22 ? 1_555 CYS H 96 ? 1_555 SG SG . . . None 'Disulfide bridge' 
# 
_struct_mon_prot_cis.pdbx_id                1 
_struct_mon_prot_cis.label_comp_id          THR 
_struct_mon_prot_cis.label_seq_id           94 
_struct_mon_prot_cis.label_asym_id          A 
_struct_mon_prot_cis.label_alt_id           . 
_struct_mon_prot_cis.pdbx_PDB_ins_code      ? 
_struct_mon_prot_cis.auth_comp_id           THR 
_struct_mon_prot_cis.auth_seq_id            94 
_struct_mon_prot_cis.auth_asym_id           L 
_struct_mon_prot_cis.pdbx_label_comp_id_2   PRO 
_struct_mon_prot_cis.pdbx_label_seq_id_2    95 
_struct_mon_prot_cis.pdbx_label_asym_id_2   A 
_struct_mon_prot_cis.pdbx_PDB_ins_code_2    ? 
_struct_mon_prot_cis.pdbx_auth_comp_id_2    PRO 
_struct_mon_prot_cis.pdbx_auth_seq_id_2     95 
_struct_mon_prot_cis.pdbx_auth_asym_id_2    L 
_struct_mon_prot_cis.pdbx_PDB_model_num     1 
_struct_mon_prot_cis.pdbx_omega_angle       -0.14 
# 
loop_
_struct_sheet.id 
_struct_sheet.type 
_struct_sheet.number_strands 
_struct_sheet.details 
A ? 4 ? 
B ? 6 ? 
C ? 4 ? 
D ? 4 ? 
E ? 6 ? 
F ? 4 ? 
# 
loop_
_struct_sheet_order.sheet_id 
_struct_sheet_order.range_id_1 
_struct_sheet_order.range_id_2 
_struct_sheet_order.offset 
_struct_sheet_order.sense 
A 1 2 ? anti-parallel 
A 2 3 ? anti-parallel 
A 3 4 ? anti-parallel 
B 1 2 ? parallel      
B 2 3 ? anti-parallel 
B 3 4 ? anti-parallel 
B 4 5 ? anti-parallel 
B 5 6 ? anti-parallel 
C 1 2 ? parallel      
C 2 3 ? anti-parallel 
C 3 4 ? anti-parallel 
D 1 2 ? anti-parallel 
D 2 3 ? anti-parallel 
D 3 4 ? anti-parallel 
E 1 2 ? parallel      
E 2 3 ? anti-parallel 
E 3 4 ? anti-parallel 
E 4 5 ? anti-parallel 
E 5 6 ? anti-parallel 
F 1 2 ? parallel      
F 2 3 ? anti-parallel 
F 3 4 ? anti-parallel 
# 
loop_
_struct_sheet_range.sheet_id 
_struct_sheet_range.id 
_struct_sheet_range.beg_label_comp_id 
_struct_sheet_range.beg_label_asym_id 
_struct_sheet_range.beg_label_seq_id 
_struct_sheet_range.pdbx_beg_PDB_ins_code 
_struct_sheet_range.end_label_comp_id 
_struct_sheet_range.end_label_asym_id 
_struct_sheet_range.end_label_seq_id 
_struct_sheet_range.pdbx_end_PDB_ins_code 
_struct_sheet_range.beg_auth_comp_id 
_struct_sheet_range.beg_auth_asym_id 
_struct_sheet_range.beg_auth_seq_id 
_struct_sheet_range.end_auth_comp_id 
_struct_sheet_range.end_auth_asym_id 
_struct_sheet_range.end_auth_seq_id 
A 1 MET A 4   ? THR A 5   ? MET L 4   THR L 5   
A 2 VAL A 19  ? GLY A 25  ? VAL L 19  GLY L 25  
A 3 ASP A 70  ? ILE A 75  ? ASP L 70  ILE L 75  
A 4 PHE A 62  ? GLY A 66  ? PHE L 62  GLY L 66  
B 1 PHE A 10  ? THR A 13  ? PHE L 10  THR L 13  
B 2 THR A 102 ? ILE A 106 ? THR L 102 ILE L 106 
B 3 LEU A 85  ? GLN A 90  ? LEU L 85  GLN L 90  
B 4 LEU A 33  ? GLN A 38  ? LEU L 33  GLN L 38  
B 5 ALA A 45  ? TYR A 49  ? ALA L 45  TYR L 49  
B 6 ASN A 53  ? ARG A 54  ? ASN L 53  ARG L 54  
C 1 PHE A 10  ? THR A 13  ? PHE L 10  THR L 13  
C 2 THR A 102 ? ILE A 106 ? THR L 102 ILE L 106 
C 3 LEU A 85  ? GLN A 90  ? LEU L 85  GLN L 90  
C 4 THR A 97  ? PHE A 98  ? THR L 97  PHE L 98  
D 1 HIS B 3   ? GLN B 6   ? HIS H 3   GLN H 6   
D 2 VAL B 18  ? SER B 25  ? VAL H 18  SER H 25  
D 3 THR B 78  ? LEU B 83  ? THR H 78  LEU H 83  
D 4 ALA B 68  ? ALA B 73  ? ALA H 68  ALA H 73  
E 1 GLU B 10  ? VAL B 12  ? GLU H 10  VAL H 12  
E 2 THR B 114 ? ALA B 118 ? THR H 114 ALA H 118 
E 3 GLY B 92  ? ARG B 99  ? GLY H 92  ARG H 99  
E 4 MET B 34  ? ARG B 40  ? MET H 34  ARG H 40  
E 5 GLY B 44  ? ILE B 51  ? GLY H 44  ILE H 51  
E 6 ALA B 58  ? GLY B 60  ? ALA H 58  GLY H 60  
F 1 GLU B 10  ? VAL B 12  ? GLU H 10  VAL H 12  
F 2 THR B 114 ? ALA B 118 ? THR H 114 ALA H 118 
F 3 GLY B 92  ? ARG B 99  ? GLY H 92  ARG H 99  
F 4 PHE B 107 ? TRP B 110 ? PHE H 107 TRP H 110 
# 
loop_
_pdbx_struct_sheet_hbond.sheet_id 
_pdbx_struct_sheet_hbond.range_id_1 
_pdbx_struct_sheet_hbond.range_id_2 
_pdbx_struct_sheet_hbond.range_1_label_atom_id 
_pdbx_struct_sheet_hbond.range_1_label_comp_id 
_pdbx_struct_sheet_hbond.range_1_label_asym_id 
_pdbx_struct_sheet_hbond.range_1_label_seq_id 
_pdbx_struct_sheet_hbond.range_1_PDB_ins_code 
_pdbx_struct_sheet_hbond.range_1_auth_atom_id 
_pdbx_struct_sheet_hbond.range_1_auth_comp_id 
_pdbx_struct_sheet_hbond.range_1_auth_asym_id 
_pdbx_struct_sheet_hbond.range_1_auth_seq_id 
_pdbx_struct_sheet_hbond.range_2_label_atom_id 
_pdbx_struct_sheet_hbond.range_2_label_comp_id 
_pdbx_struct_sheet_hbond.range_2_label_asym_id 
_pdbx_struct_sheet_hbond.range_2_label_seq_id 
_pdbx_struct_sheet_hbond.range_2_PDB_ins_code 
_pdbx_struct_sheet_hbond.range_2_auth_atom_id 
_pdbx_struct_sheet_hbond.range_2_auth_comp_id 
_pdbx_struct_sheet_hbond.range_2_auth_asym_id 
_pdbx_struct_sheet_hbond.range_2_auth_seq_id 
A 1 2 N THR A 5   ? N THR L 5   O LYS A 24  ? O LYS L 24  
A 2 3 N CYS A 23  ? N CYS L 23  O PHE A 71  ? O PHE L 71  
A 3 4 O SER A 72  ? O SER L 72  N SER A 65  ? N SER L 65  
B 1 2 N MET A 11  ? N MET L 11  O GLU A 105 ? O GLU L 105 
B 2 3 O THR A 102 ? O THR L 102 N TYR A 86  ? N TYR L 86  
B 3 4 O GLN A 89  ? O GLN L 89  N ALA A 34  ? N ALA L 34  
B 4 5 N TRP A 35  ? N TRP L 35  O LEU A 47  ? O LEU L 47  
B 5 6 N TYR A 49  ? N TYR L 49  O ASN A 53  ? O ASN L 53  
C 1 2 N MET A 11  ? N MET L 11  O GLU A 105 ? O GLU L 105 
C 2 3 O THR A 102 ? O THR L 102 N TYR A 86  ? N TYR L 86  
C 3 4 N GLN A 90  ? N GLN L 90  O THR A 97  ? O THR L 97  
D 1 2 N HIS B 3   ? N HIS H 3   O SER B 25  ? O SER H 25  
D 2 3 N VAL B 18  ? N VAL H 18  O LEU B 83  ? O LEU H 83  
D 3 4 O GLY B 82  ? O GLY H 82  N ALA B 69  ? N ALA H 69  
E 1 2 N GLU B 10  ? N GLU H 10  O LEU B 115 ? O LEU H 115 
E 2 3 O VAL B 116 ? O VAL H 116 N GLY B 92  ? N GLY H 92  
E 3 4 O PHE B 95  ? O PHE H 95  N VAL B 37  ? N VAL H 37  
E 4 5 N ARG B 38  ? N ARG H 38  O GLU B 46  ? O GLU H 46  
E 5 6 N TRP B 50  ? N TRP H 50  O ARG B 59  ? O ARG H 59  
F 1 2 N GLU B 10  ? N GLU H 10  O LEU B 115 ? O LEU H 115 
F 2 3 O VAL B 116 ? O VAL H 116 N GLY B 92  ? N GLY H 92  
F 3 4 N ARG B 98  ? N ARG H 98  O TYR B 109 ? O TYR H 109 
# 
_pdbx_entry_details.entry_id                   3IY0 
_pdbx_entry_details.compound_details           ? 
_pdbx_entry_details.source_details             ? 
_pdbx_entry_details.nonpolymer_details         ? 
_pdbx_entry_details.sequence_details           ? 
_pdbx_entry_details.has_ligand_of_interest     ? 
_pdbx_entry_details.has_protein_modification   Y 
# 
loop_
_pdbx_validate_torsion.id 
_pdbx_validate_torsion.PDB_model_num 
_pdbx_validate_torsion.auth_comp_id 
_pdbx_validate_torsion.auth_asym_id 
_pdbx_validate_torsion.auth_seq_id 
_pdbx_validate_torsion.PDB_ins_code 
_pdbx_validate_torsion.label_alt_id 
_pdbx_validate_torsion.phi 
_pdbx_validate_torsion.psi 
1 1 ASN L 30  ? ? 50.84   -109.41 
2 1 ALA L 84  ? ? -123.04 -163.33 
3 1 PRO H 14  ? ? -45.87  151.03  
4 1 PRO H 41  ? ? -39.67  -71.91  
5 1 ALA H 43  ? ? 102.92  -23.66  
6 1 ALA H 75  ? ? 71.57   -10.66  
7 1 LEU H 86  ? ? -30.23  117.21  
8 1 PHE H 101 ? ? -98.84  -157.17 
9 1 ALA H 102 ? ? -143.98 15.66   
# 
_em_3d_reconstruction.entry_id                    3IY0 
_em_3d_reconstruction.id                          1 
_em_3d_reconstruction.symmetry_type               POINT 
_em_3d_reconstruction.num_particles               2059 
_em_3d_reconstruction.image_processing_id         1 
_em_3d_reconstruction.method                      'COMMON LINES' 
_em_3d_reconstruction.nominal_pixel_size          ? 
_em_3d_reconstruction.actual_pixel_size           ? 
_em_3d_reconstruction.resolution                  12.500 
_em_3d_reconstruction.magnification_calibration   ? 
_em_3d_reconstruction.details                     ? 
_em_3d_reconstruction.resolution_method           ? 
_em_3d_reconstruction.num_class_averages          ? 
_em_3d_reconstruction.algorithm                   ? 
# 
_em_buffer.id            1 
_em_buffer.specimen_id   1 
_em_buffer.name          ? 
_em_buffer.pH            7.5 
_em_buffer.details       ? 
# 
loop_
_em_entity_assembly.id 
_em_entity_assembly.name 
_em_entity_assembly.type 
_em_entity_assembly.parent_id 
_em_entity_assembly.synonym 
_em_entity_assembly.details 
_em_entity_assembly.oligomeric_details 
1 'FAB FRAGMENT OF MAB14 INTERACTING WITH CANINE PARVOVIRUS' COMPLEX 0 ? ? ? 
2 'canine parvovirus'                                        VIRUS   1 ? ? ? 
# 
_em_image_scans.entry_id                3IY0 
_em_image_scans.id                      1 
_em_image_scans.image_recording_id      1 
_em_image_scans.number_digital_images   109 
_em_image_scans.citation_id             ? 
_em_image_scans.od_range                ? 
_em_image_scans.quant_bit_size          ? 
_em_image_scans.sampling_size           ? 
_em_image_scans.scanner_model           ? 
_em_image_scans.details                 ? 
# 
_em_imaging.entry_id                        3IY0 
_em_imaging.id                              1 
_em_imaging.specimen_id                     1 
_em_imaging.date                            2004-06-17 
_em_imaging.temperature                     93.00 
_em_imaging.microscope_model                'FEI/PHILIPS CM300FEG/T' 
_em_imaging.nominal_defocus_min             1.00 
_em_imaging.nominal_defocus_max             3.80 
_em_imaging.tilt_angle_min                  0.00 
_em_imaging.tilt_angle_max                  0.00 
_em_imaging.nominal_cs                      2.00 
_em_imaging.mode                            'BRIGHT FIELD' 
_em_imaging.illumination_mode               'SPOT SCAN' 
_em_imaging.nominal_magnification           45000 
_em_imaging.calibrated_magnification        47190 
_em_imaging.electron_source                 'TUNGSTEN HAIRPIN' 
_em_imaging.accelerating_voltage            45 
_em_imaging.details                         ? 
_em_imaging.specimen_holder_type            . 
_em_imaging.specimen_holder_model           . 
_em_imaging.citation_id                     ? 
_em_imaging.detector_distance               ? 
_em_imaging.recording_temperature_maximum   ? 
_em_imaging.recording_temperature_minimum   ? 
_em_imaging.astigmatism                     ? 
_em_imaging.electron_beam_tilt_params       ? 
# 
_em_virus_entity.id                    1 
_em_virus_entity.virus_host_category   VERTEBRATES 
_em_virus_entity.entity_assembly_id    1 
_em_virus_entity.virus_type            VIRION 
_em_virus_entity.virus_isolate         STRAIN 
_em_virus_entity.empty                 ? 
_em_virus_entity.enveloped             ? 
_em_virus_entity.details               ? 
# 
_em_vitrification.entry_id              3IY0 
_em_vitrification.id                    1 
_em_vitrification.instrument            'HOMEMADE PLUNGER' 
_em_vitrification.cryogen_name          ETHANE 
_em_vitrification.specimen_id           1 
_em_vitrification.citation_id           ? 
_em_vitrification.humidity              ? 
_em_vitrification.method                ? 
_em_vitrification.temp                  ? 
_em_vitrification.time_resolved_state   ? 
_em_vitrification.details               ? 
# 
_em_experiment.reconstruction_method   'SINGLE PARTICLE' 
_em_experiment.entry_id                3IY0 
_em_experiment.id                      1 
_em_experiment.aggregation_state       PARTICLE 
_em_experiment.entity_assembly_id      1 
# 
_em_single_particle_entity.entry_id              3IY0 
_em_single_particle_entity.id                    1 
_em_single_particle_entity.point_symmetry        I 
_em_single_particle_entity.image_processing_id   1 
# 
loop_
_chem_comp_atom.comp_id 
_chem_comp_atom.atom_id 
_chem_comp_atom.type_symbol 
_chem_comp_atom.pdbx_aromatic_flag 
_chem_comp_atom.pdbx_stereo_config 
_chem_comp_atom.pdbx_ordinal 
ALA N    N N N 1   
ALA CA   C N S 2   
ALA C    C N N 3   
ALA O    O N N 4   
ALA CB   C N N 5   
ALA OXT  O N N 6   
ALA H    H N N 7   
ALA H2   H N N 8   
ALA HA   H N N 9   
ALA HB1  H N N 10  
ALA HB2  H N N 11  
ALA HB3  H N N 12  
ALA HXT  H N N 13  
ARG N    N N N 14  
ARG CA   C N S 15  
ARG C    C N N 16  
ARG O    O N N 17  
ARG CB   C N N 18  
ARG CG   C N N 19  
ARG CD   C N N 20  
ARG NE   N N N 21  
ARG CZ   C N N 22  
ARG NH1  N N N 23  
ARG NH2  N N N 24  
ARG OXT  O N N 25  
ARG H    H N N 26  
ARG H2   H N N 27  
ARG HA   H N N 28  
ARG HB2  H N N 29  
ARG HB3  H N N 30  
ARG HG2  H N N 31  
ARG HG3  H N N 32  
ARG HD2  H N N 33  
ARG HD3  H N N 34  
ARG HE   H N N 35  
ARG HH11 H N N 36  
ARG HH12 H N N 37  
ARG HH21 H N N 38  
ARG HH22 H N N 39  
ARG HXT  H N N 40  
ASN N    N N N 41  
ASN CA   C N S 42  
ASN C    C N N 43  
ASN O    O N N 44  
ASN CB   C N N 45  
ASN CG   C N N 46  
ASN OD1  O N N 47  
ASN ND2  N N N 48  
ASN OXT  O N N 49  
ASN H    H N N 50  
ASN H2   H N N 51  
ASN HA   H N N 52  
ASN HB2  H N N 53  
ASN HB3  H N N 54  
ASN HD21 H N N 55  
ASN HD22 H N N 56  
ASN HXT  H N N 57  
ASP N    N N N 58  
ASP CA   C N S 59  
ASP C    C N N 60  
ASP O    O N N 61  
ASP CB   C N N 62  
ASP CG   C N N 63  
ASP OD1  O N N 64  
ASP OD2  O N N 65  
ASP OXT  O N N 66  
ASP H    H N N 67  
ASP H2   H N N 68  
ASP HA   H N N 69  
ASP HB2  H N N 70  
ASP HB3  H N N 71  
ASP HD2  H N N 72  
ASP HXT  H N N 73  
CYS N    N N N 74  
CYS CA   C N R 75  
CYS C    C N N 76  
CYS O    O N N 77  
CYS CB   C N N 78  
CYS SG   S N N 79  
CYS OXT  O N N 80  
CYS H    H N N 81  
CYS H2   H N N 82  
CYS HA   H N N 83  
CYS HB2  H N N 84  
CYS HB3  H N N 85  
CYS HG   H N N 86  
CYS HXT  H N N 87  
GLN N    N N N 88  
GLN CA   C N S 89  
GLN C    C N N 90  
GLN O    O N N 91  
GLN CB   C N N 92  
GLN CG   C N N 93  
GLN CD   C N N 94  
GLN OE1  O N N 95  
GLN NE2  N N N 96  
GLN OXT  O N N 97  
GLN H    H N N 98  
GLN H2   H N N 99  
GLN HA   H N N 100 
GLN HB2  H N N 101 
GLN HB3  H N N 102 
GLN HG2  H N N 103 
GLN HG3  H N N 104 
GLN HE21 H N N 105 
GLN HE22 H N N 106 
GLN HXT  H N N 107 
GLU N    N N N 108 
GLU CA   C N S 109 
GLU C    C N N 110 
GLU O    O N N 111 
GLU CB   C N N 112 
GLU CG   C N N 113 
GLU CD   C N N 114 
GLU OE1  O N N 115 
GLU OE2  O N N 116 
GLU OXT  O N N 117 
GLU H    H N N 118 
GLU H2   H N N 119 
GLU HA   H N N 120 
GLU HB2  H N N 121 
GLU HB3  H N N 122 
GLU HG2  H N N 123 
GLU HG3  H N N 124 
GLU HE2  H N N 125 
GLU HXT  H N N 126 
GLY N    N N N 127 
GLY CA   C N N 128 
GLY C    C N N 129 
GLY O    O N N 130 
GLY OXT  O N N 131 
GLY H    H N N 132 
GLY H2   H N N 133 
GLY HA2  H N N 134 
GLY HA3  H N N 135 
GLY HXT  H N N 136 
HIS N    N N N 137 
HIS CA   C N S 138 
HIS C    C N N 139 
HIS O    O N N 140 
HIS CB   C N N 141 
HIS CG   C Y N 142 
HIS ND1  N Y N 143 
HIS CD2  C Y N 144 
HIS CE1  C Y N 145 
HIS NE2  N Y N 146 
HIS OXT  O N N 147 
HIS H    H N N 148 
HIS H2   H N N 149 
HIS HA   H N N 150 
HIS HB2  H N N 151 
HIS HB3  H N N 152 
HIS HD1  H N N 153 
HIS HD2  H N N 154 
HIS HE1  H N N 155 
HIS HE2  H N N 156 
HIS HXT  H N N 157 
ILE N    N N N 158 
ILE CA   C N S 159 
ILE C    C N N 160 
ILE O    O N N 161 
ILE CB   C N S 162 
ILE CG1  C N N 163 
ILE CG2  C N N 164 
ILE CD1  C N N 165 
ILE OXT  O N N 166 
ILE H    H N N 167 
ILE H2   H N N 168 
ILE HA   H N N 169 
ILE HB   H N N 170 
ILE HG12 H N N 171 
ILE HG13 H N N 172 
ILE HG21 H N N 173 
ILE HG22 H N N 174 
ILE HG23 H N N 175 
ILE HD11 H N N 176 
ILE HD12 H N N 177 
ILE HD13 H N N 178 
ILE HXT  H N N 179 
LEU N    N N N 180 
LEU CA   C N S 181 
LEU C    C N N 182 
LEU O    O N N 183 
LEU CB   C N N 184 
LEU CG   C N N 185 
LEU CD1  C N N 186 
LEU CD2  C N N 187 
LEU OXT  O N N 188 
LEU H    H N N 189 
LEU H2   H N N 190 
LEU HA   H N N 191 
LEU HB2  H N N 192 
LEU HB3  H N N 193 
LEU HG   H N N 194 
LEU HD11 H N N 195 
LEU HD12 H N N 196 
LEU HD13 H N N 197 
LEU HD21 H N N 198 
LEU HD22 H N N 199 
LEU HD23 H N N 200 
LEU HXT  H N N 201 
LYS N    N N N 202 
LYS CA   C N S 203 
LYS C    C N N 204 
LYS O    O N N 205 
LYS CB   C N N 206 
LYS CG   C N N 207 
LYS CD   C N N 208 
LYS CE   C N N 209 
LYS NZ   N N N 210 
LYS OXT  O N N 211 
LYS H    H N N 212 
LYS H2   H N N 213 
LYS HA   H N N 214 
LYS HB2  H N N 215 
LYS HB3  H N N 216 
LYS HG2  H N N 217 
LYS HG3  H N N 218 
LYS HD2  H N N 219 
LYS HD3  H N N 220 
LYS HE2  H N N 221 
LYS HE3  H N N 222 
LYS HZ1  H N N 223 
LYS HZ2  H N N 224 
LYS HZ3  H N N 225 
LYS HXT  H N N 226 
MET N    N N N 227 
MET CA   C N S 228 
MET C    C N N 229 
MET O    O N N 230 
MET CB   C N N 231 
MET CG   C N N 232 
MET SD   S N N 233 
MET CE   C N N 234 
MET OXT  O N N 235 
MET H    H N N 236 
MET H2   H N N 237 
MET HA   H N N 238 
MET HB2  H N N 239 
MET HB3  H N N 240 
MET HG2  H N N 241 
MET HG3  H N N 242 
MET HE1  H N N 243 
MET HE2  H N N 244 
MET HE3  H N N 245 
MET HXT  H N N 246 
PHE N    N N N 247 
PHE CA   C N S 248 
PHE C    C N N 249 
PHE O    O N N 250 
PHE CB   C N N 251 
PHE CG   C Y N 252 
PHE CD1  C Y N 253 
PHE CD2  C Y N 254 
PHE CE1  C Y N 255 
PHE CE2  C Y N 256 
PHE CZ   C Y N 257 
PHE OXT  O N N 258 
PHE H    H N N 259 
PHE H2   H N N 260 
PHE HA   H N N 261 
PHE HB2  H N N 262 
PHE HB3  H N N 263 
PHE HD1  H N N 264 
PHE HD2  H N N 265 
PHE HE1  H N N 266 
PHE HE2  H N N 267 
PHE HZ   H N N 268 
PHE HXT  H N N 269 
PRO N    N N N 270 
PRO CA   C N S 271 
PRO C    C N N 272 
PRO O    O N N 273 
PRO CB   C N N 274 
PRO CG   C N N 275 
PRO CD   C N N 276 
PRO OXT  O N N 277 
PRO H    H N N 278 
PRO HA   H N N 279 
PRO HB2  H N N 280 
PRO HB3  H N N 281 
PRO HG2  H N N 282 
PRO HG3  H N N 283 
PRO HD2  H N N 284 
PRO HD3  H N N 285 
PRO HXT  H N N 286 
SER N    N N N 287 
SER CA   C N S 288 
SER C    C N N 289 
SER O    O N N 290 
SER CB   C N N 291 
SER OG   O N N 292 
SER OXT  O N N 293 
SER H    H N N 294 
SER H2   H N N 295 
SER HA   H N N 296 
SER HB2  H N N 297 
SER HB3  H N N 298 
SER HG   H N N 299 
SER HXT  H N N 300 
THR N    N N N 301 
THR CA   C N S 302 
THR C    C N N 303 
THR O    O N N 304 
THR CB   C N R 305 
THR OG1  O N N 306 
THR CG2  C N N 307 
THR OXT  O N N 308 
THR H    H N N 309 
THR H2   H N N 310 
THR HA   H N N 311 
THR HB   H N N 312 
THR HG1  H N N 313 
THR HG21 H N N 314 
THR HG22 H N N 315 
THR HG23 H N N 316 
THR HXT  H N N 317 
TRP N    N N N 318 
TRP CA   C N S 319 
TRP C    C N N 320 
TRP O    O N N 321 
TRP CB   C N N 322 
TRP CG   C Y N 323 
TRP CD1  C Y N 324 
TRP CD2  C Y N 325 
TRP NE1  N Y N 326 
TRP CE2  C Y N 327 
TRP CE3  C Y N 328 
TRP CZ2  C Y N 329 
TRP CZ3  C Y N 330 
TRP CH2  C Y N 331 
TRP OXT  O N N 332 
TRP H    H N N 333 
TRP H2   H N N 334 
TRP HA   H N N 335 
TRP HB2  H N N 336 
TRP HB3  H N N 337 
TRP HD1  H N N 338 
TRP HE1  H N N 339 
TRP HE3  H N N 340 
TRP HZ2  H N N 341 
TRP HZ3  H N N 342 
TRP HH2  H N N 343 
TRP HXT  H N N 344 
TYR N    N N N 345 
TYR CA   C N S 346 
TYR C    C N N 347 
TYR O    O N N 348 
TYR CB   C N N 349 
TYR CG   C Y N 350 
TYR CD1  C Y N 351 
TYR CD2  C Y N 352 
TYR CE1  C Y N 353 
TYR CE2  C Y N 354 
TYR CZ   C Y N 355 
TYR OH   O N N 356 
TYR OXT  O N N 357 
TYR H    H N N 358 
TYR H2   H N N 359 
TYR HA   H N N 360 
TYR HB2  H N N 361 
TYR HB3  H N N 362 
TYR HD1  H N N 363 
TYR HD2  H N N 364 
TYR HE1  H N N 365 
TYR HE2  H N N 366 
TYR HH   H N N 367 
TYR HXT  H N N 368 
VAL N    N N N 369 
VAL CA   C N S 370 
VAL C    C N N 371 
VAL O    O N N 372 
VAL CB   C N N 373 
VAL CG1  C N N 374 
VAL CG2  C N N 375 
VAL OXT  O N N 376 
VAL H    H N N 377 
VAL H2   H N N 378 
VAL HA   H N N 379 
VAL HB   H N N 380 
VAL HG11 H N N 381 
VAL HG12 H N N 382 
VAL HG13 H N N 383 
VAL HG21 H N N 384 
VAL HG22 H N N 385 
VAL HG23 H N N 386 
VAL HXT  H N N 387 
# 
loop_
_chem_comp_bond.comp_id 
_chem_comp_bond.atom_id_1 
_chem_comp_bond.atom_id_2 
_chem_comp_bond.value_order 
_chem_comp_bond.pdbx_aromatic_flag 
_chem_comp_bond.pdbx_stereo_config 
_chem_comp_bond.pdbx_ordinal 
ALA N   CA   sing N N 1   
ALA N   H    sing N N 2   
ALA N   H2   sing N N 3   
ALA CA  C    sing N N 4   
ALA CA  CB   sing N N 5   
ALA CA  HA   sing N N 6   
ALA C   O    doub N N 7   
ALA C   OXT  sing N N 8   
ALA CB  HB1  sing N N 9   
ALA CB  HB2  sing N N 10  
ALA CB  HB3  sing N N 11  
ALA OXT HXT  sing N N 12  
ARG N   CA   sing N N 13  
ARG N   H    sing N N 14  
ARG N   H2   sing N N 15  
ARG CA  C    sing N N 16  
ARG CA  CB   sing N N 17  
ARG CA  HA   sing N N 18  
ARG C   O    doub N N 19  
ARG C   OXT  sing N N 20  
ARG CB  CG   sing N N 21  
ARG CB  HB2  sing N N 22  
ARG CB  HB3  sing N N 23  
ARG CG  CD   sing N N 24  
ARG CG  HG2  sing N N 25  
ARG CG  HG3  sing N N 26  
ARG CD  NE   sing N N 27  
ARG CD  HD2  sing N N 28  
ARG CD  HD3  sing N N 29  
ARG NE  CZ   sing N N 30  
ARG NE  HE   sing N N 31  
ARG CZ  NH1  sing N N 32  
ARG CZ  NH2  doub N N 33  
ARG NH1 HH11 sing N N 34  
ARG NH1 HH12 sing N N 35  
ARG NH2 HH21 sing N N 36  
ARG NH2 HH22 sing N N 37  
ARG OXT HXT  sing N N 38  
ASN N   CA   sing N N 39  
ASN N   H    sing N N 40  
ASN N   H2   sing N N 41  
ASN CA  C    sing N N 42  
ASN CA  CB   sing N N 43  
ASN CA  HA   sing N N 44  
ASN C   O    doub N N 45  
ASN C   OXT  sing N N 46  
ASN CB  CG   sing N N 47  
ASN CB  HB2  sing N N 48  
ASN CB  HB3  sing N N 49  
ASN CG  OD1  doub N N 50  
ASN CG  ND2  sing N N 51  
ASN ND2 HD21 sing N N 52  
ASN ND2 HD22 sing N N 53  
ASN OXT HXT  sing N N 54  
ASP N   CA   sing N N 55  
ASP N   H    sing N N 56  
ASP N   H2   sing N N 57  
ASP CA  C    sing N N 58  
ASP CA  CB   sing N N 59  
ASP CA  HA   sing N N 60  
ASP C   O    doub N N 61  
ASP C   OXT  sing N N 62  
ASP CB  CG   sing N N 63  
ASP CB  HB2  sing N N 64  
ASP CB  HB3  sing N N 65  
ASP CG  OD1  doub N N 66  
ASP CG  OD2  sing N N 67  
ASP OD2 HD2  sing N N 68  
ASP OXT HXT  sing N N 69  
CYS N   CA   sing N N 70  
CYS N   H    sing N N 71  
CYS N   H2   sing N N 72  
CYS CA  C    sing N N 73  
CYS CA  CB   sing N N 74  
CYS CA  HA   sing N N 75  
CYS C   O    doub N N 76  
CYS C   OXT  sing N N 77  
CYS CB  SG   sing N N 78  
CYS CB  HB2  sing N N 79  
CYS CB  HB3  sing N N 80  
CYS SG  HG   sing N N 81  
CYS OXT HXT  sing N N 82  
GLN N   CA   sing N N 83  
GLN N   H    sing N N 84  
GLN N   H2   sing N N 85  
GLN CA  C    sing N N 86  
GLN CA  CB   sing N N 87  
GLN CA  HA   sing N N 88  
GLN C   O    doub N N 89  
GLN C   OXT  sing N N 90  
GLN CB  CG   sing N N 91  
GLN CB  HB2  sing N N 92  
GLN CB  HB3  sing N N 93  
GLN CG  CD   sing N N 94  
GLN CG  HG2  sing N N 95  
GLN CG  HG3  sing N N 96  
GLN CD  OE1  doub N N 97  
GLN CD  NE2  sing N N 98  
GLN NE2 HE21 sing N N 99  
GLN NE2 HE22 sing N N 100 
GLN OXT HXT  sing N N 101 
GLU N   CA   sing N N 102 
GLU N   H    sing N N 103 
GLU N   H2   sing N N 104 
GLU CA  C    sing N N 105 
GLU CA  CB   sing N N 106 
GLU CA  HA   sing N N 107 
GLU C   O    doub N N 108 
GLU C   OXT  sing N N 109 
GLU CB  CG   sing N N 110 
GLU CB  HB2  sing N N 111 
GLU CB  HB3  sing N N 112 
GLU CG  CD   sing N N 113 
GLU CG  HG2  sing N N 114 
GLU CG  HG3  sing N N 115 
GLU CD  OE1  doub N N 116 
GLU CD  OE2  sing N N 117 
GLU OE2 HE2  sing N N 118 
GLU OXT HXT  sing N N 119 
GLY N   CA   sing N N 120 
GLY N   H    sing N N 121 
GLY N   H2   sing N N 122 
GLY CA  C    sing N N 123 
GLY CA  HA2  sing N N 124 
GLY CA  HA3  sing N N 125 
GLY C   O    doub N N 126 
GLY C   OXT  sing N N 127 
GLY OXT HXT  sing N N 128 
HIS N   CA   sing N N 129 
HIS N   H    sing N N 130 
HIS N   H2   sing N N 131 
HIS CA  C    sing N N 132 
HIS CA  CB   sing N N 133 
HIS CA  HA   sing N N 134 
HIS C   O    doub N N 135 
HIS C   OXT  sing N N 136 
HIS CB  CG   sing N N 137 
HIS CB  HB2  sing N N 138 
HIS CB  HB3  sing N N 139 
HIS CG  ND1  sing Y N 140 
HIS CG  CD2  doub Y N 141 
HIS ND1 CE1  doub Y N 142 
HIS ND1 HD1  sing N N 143 
HIS CD2 NE2  sing Y N 144 
HIS CD2 HD2  sing N N 145 
HIS CE1 NE2  sing Y N 146 
HIS CE1 HE1  sing N N 147 
HIS NE2 HE2  sing N N 148 
HIS OXT HXT  sing N N 149 
ILE N   CA   sing N N 150 
ILE N   H    sing N N 151 
ILE N   H2   sing N N 152 
ILE CA  C    sing N N 153 
ILE CA  CB   sing N N 154 
ILE CA  HA   sing N N 155 
ILE C   O    doub N N 156 
ILE C   OXT  sing N N 157 
ILE CB  CG1  sing N N 158 
ILE CB  CG2  sing N N 159 
ILE CB  HB   sing N N 160 
ILE CG1 CD1  sing N N 161 
ILE CG1 HG12 sing N N 162 
ILE CG1 HG13 sing N N 163 
ILE CG2 HG21 sing N N 164 
ILE CG2 HG22 sing N N 165 
ILE CG2 HG23 sing N N 166 
ILE CD1 HD11 sing N N 167 
ILE CD1 HD12 sing N N 168 
ILE CD1 HD13 sing N N 169 
ILE OXT HXT  sing N N 170 
LEU N   CA   sing N N 171 
LEU N   H    sing N N 172 
LEU N   H2   sing N N 173 
LEU CA  C    sing N N 174 
LEU CA  CB   sing N N 175 
LEU CA  HA   sing N N 176 
LEU C   O    doub N N 177 
LEU C   OXT  sing N N 178 
LEU CB  CG   sing N N 179 
LEU CB  HB2  sing N N 180 
LEU CB  HB3  sing N N 181 
LEU CG  CD1  sing N N 182 
LEU CG  CD2  sing N N 183 
LEU CG  HG   sing N N 184 
LEU CD1 HD11 sing N N 185 
LEU CD1 HD12 sing N N 186 
LEU CD1 HD13 sing N N 187 
LEU CD2 HD21 sing N N 188 
LEU CD2 HD22 sing N N 189 
LEU CD2 HD23 sing N N 190 
LEU OXT HXT  sing N N 191 
LYS N   CA   sing N N 192 
LYS N   H    sing N N 193 
LYS N   H2   sing N N 194 
LYS CA  C    sing N N 195 
LYS CA  CB   sing N N 196 
LYS CA  HA   sing N N 197 
LYS C   O    doub N N 198 
LYS C   OXT  sing N N 199 
LYS CB  CG   sing N N 200 
LYS CB  HB2  sing N N 201 
LYS CB  HB3  sing N N 202 
LYS CG  CD   sing N N 203 
LYS CG  HG2  sing N N 204 
LYS CG  HG3  sing N N 205 
LYS CD  CE   sing N N 206 
LYS CD  HD2  sing N N 207 
LYS CD  HD3  sing N N 208 
LYS CE  NZ   sing N N 209 
LYS CE  HE2  sing N N 210 
LYS CE  HE3  sing N N 211 
LYS NZ  HZ1  sing N N 212 
LYS NZ  HZ2  sing N N 213 
LYS NZ  HZ3  sing N N 214 
LYS OXT HXT  sing N N 215 
MET N   CA   sing N N 216 
MET N   H    sing N N 217 
MET N   H2   sing N N 218 
MET CA  C    sing N N 219 
MET CA  CB   sing N N 220 
MET CA  HA   sing N N 221 
MET C   O    doub N N 222 
MET C   OXT  sing N N 223 
MET CB  CG   sing N N 224 
MET CB  HB2  sing N N 225 
MET CB  HB3  sing N N 226 
MET CG  SD   sing N N 227 
MET CG  HG2  sing N N 228 
MET CG  HG3  sing N N 229 
MET SD  CE   sing N N 230 
MET CE  HE1  sing N N 231 
MET CE  HE2  sing N N 232 
MET CE  HE3  sing N N 233 
MET OXT HXT  sing N N 234 
PHE N   CA   sing N N 235 
PHE N   H    sing N N 236 
PHE N   H2   sing N N 237 
PHE CA  C    sing N N 238 
PHE CA  CB   sing N N 239 
PHE CA  HA   sing N N 240 
PHE C   O    doub N N 241 
PHE C   OXT  sing N N 242 
PHE CB  CG   sing N N 243 
PHE CB  HB2  sing N N 244 
PHE CB  HB3  sing N N 245 
PHE CG  CD1  doub Y N 246 
PHE CG  CD2  sing Y N 247 
PHE CD1 CE1  sing Y N 248 
PHE CD1 HD1  sing N N 249 
PHE CD2 CE2  doub Y N 250 
PHE CD2 HD2  sing N N 251 
PHE CE1 CZ   doub Y N 252 
PHE CE1 HE1  sing N N 253 
PHE CE2 CZ   sing Y N 254 
PHE CE2 HE2  sing N N 255 
PHE CZ  HZ   sing N N 256 
PHE OXT HXT  sing N N 257 
PRO N   CA   sing N N 258 
PRO N   CD   sing N N 259 
PRO N   H    sing N N 260 
PRO CA  C    sing N N 261 
PRO CA  CB   sing N N 262 
PRO CA  HA   sing N N 263 
PRO C   O    doub N N 264 
PRO C   OXT  sing N N 265 
PRO CB  CG   sing N N 266 
PRO CB  HB2  sing N N 267 
PRO CB  HB3  sing N N 268 
PRO CG  CD   sing N N 269 
PRO CG  HG2  sing N N 270 
PRO CG  HG3  sing N N 271 
PRO CD  HD2  sing N N 272 
PRO CD  HD3  sing N N 273 
PRO OXT HXT  sing N N 274 
SER N   CA   sing N N 275 
SER N   H    sing N N 276 
SER N   H2   sing N N 277 
SER CA  C    sing N N 278 
SER CA  CB   sing N N 279 
SER CA  HA   sing N N 280 
SER C   O    doub N N 281 
SER C   OXT  sing N N 282 
SER CB  OG   sing N N 283 
SER CB  HB2  sing N N 284 
SER CB  HB3  sing N N 285 
SER OG  HG   sing N N 286 
SER OXT HXT  sing N N 287 
THR N   CA   sing N N 288 
THR N   H    sing N N 289 
THR N   H2   sing N N 290 
THR CA  C    sing N N 291 
THR CA  CB   sing N N 292 
THR CA  HA   sing N N 293 
THR C   O    doub N N 294 
THR C   OXT  sing N N 295 
THR CB  OG1  sing N N 296 
THR CB  CG2  sing N N 297 
THR CB  HB   sing N N 298 
THR OG1 HG1  sing N N 299 
THR CG2 HG21 sing N N 300 
THR CG2 HG22 sing N N 301 
THR CG2 HG23 sing N N 302 
THR OXT HXT  sing N N 303 
TRP N   CA   sing N N 304 
TRP N   H    sing N N 305 
TRP N   H2   sing N N 306 
TRP CA  C    sing N N 307 
TRP CA  CB   sing N N 308 
TRP CA  HA   sing N N 309 
TRP C   O    doub N N 310 
TRP C   OXT  sing N N 311 
TRP CB  CG   sing N N 312 
TRP CB  HB2  sing N N 313 
TRP CB  HB3  sing N N 314 
TRP CG  CD1  doub Y N 315 
TRP CG  CD2  sing Y N 316 
TRP CD1 NE1  sing Y N 317 
TRP CD1 HD1  sing N N 318 
TRP CD2 CE2  doub Y N 319 
TRP CD2 CE3  sing Y N 320 
TRP NE1 CE2  sing Y N 321 
TRP NE1 HE1  sing N N 322 
TRP CE2 CZ2  sing Y N 323 
TRP CE3 CZ3  doub Y N 324 
TRP CE3 HE3  sing N N 325 
TRP CZ2 CH2  doub Y N 326 
TRP CZ2 HZ2  sing N N 327 
TRP CZ3 CH2  sing Y N 328 
TRP CZ3 HZ3  sing N N 329 
TRP CH2 HH2  sing N N 330 
TRP OXT HXT  sing N N 331 
TYR N   CA   sing N N 332 
TYR N   H    sing N N 333 
TYR N   H2   sing N N 334 
TYR CA  C    sing N N 335 
TYR CA  CB   sing N N 336 
TYR CA  HA   sing N N 337 
TYR C   O    doub N N 338 
TYR C   OXT  sing N N 339 
TYR CB  CG   sing N N 340 
TYR CB  HB2  sing N N 341 
TYR CB  HB3  sing N N 342 
TYR CG  CD1  doub Y N 343 
TYR CG  CD2  sing Y N 344 
TYR CD1 CE1  sing Y N 345 
TYR CD1 HD1  sing N N 346 
TYR CD2 CE2  doub Y N 347 
TYR CD2 HD2  sing N N 348 
TYR CE1 CZ   doub Y N 349 
TYR CE1 HE1  sing N N 350 
TYR CE2 CZ   sing Y N 351 
TYR CE2 HE2  sing N N 352 
TYR CZ  OH   sing N N 353 
TYR OH  HH   sing N N 354 
TYR OXT HXT  sing N N 355 
VAL N   CA   sing N N 356 
VAL N   H    sing N N 357 
VAL N   H2   sing N N 358 
VAL CA  C    sing N N 359 
VAL CA  CB   sing N N 360 
VAL CA  HA   sing N N 361 
VAL C   O    doub N N 362 
VAL C   OXT  sing N N 363 
VAL CB  CG1  sing N N 364 
VAL CB  CG2  sing N N 365 
VAL CB  HB   sing N N 366 
VAL CG1 HG11 sing N N 367 
VAL CG1 HG12 sing N N 368 
VAL CG1 HG13 sing N N 369 
VAL CG2 HG21 sing N N 370 
VAL CG2 HG22 sing N N 371 
VAL CG2 HG23 sing N N 372 
VAL OXT HXT  sing N N 373 
# 
_em_ctf_correction.id        1 
_em_ctf_correction.details   ROBEM 
_em_ctf_correction.type      . 
# 
_em_image_processing.id                   1 
_em_image_processing.image_recording_id   1 
_em_image_processing.details              ? 
# 
_em_image_recording.avg_electron_dose_per_image   37.00 
_em_image_recording.details                       ? 
_em_image_recording.id                            1 
_em_image_recording.film_or_detector_model        'KODAK SO-163 FILM' 
_em_image_recording.imaging_id                    1 
_em_image_recording.detector_mode                 ? 
_em_image_recording.average_exposure_time         ? 
_em_image_recording.num_diffraction_images        ? 
_em_image_recording.num_grids_imaged              ? 
_em_image_recording.num_real_images               ? 
# 
_em_specimen.experiment_id           1 
_em_specimen.id                      1 
_em_specimen.concentration           1 
_em_specimen.vitrification_applied   YES 
_em_specimen.staining_applied        NO 
_em_specimen.embedding_applied       NO 
_em_specimen.shadowing_applied       NO 
_em_specimen.details                 ? 
# 
_em_virus_natural_host.entity_assembly_id   1 
_em_virus_natural_host.id                   1 
_em_virus_natural_host.ncbi_tax_id          9615 
_em_virus_natural_host.organism             'Canis lupus familiaris' 
_em_virus_natural_host.strain               ? 
# 
_em_virus_shell.entity_assembly_id   1 
_em_virus_shell.id                   1 
_em_virus_shell.name                 ? 
_em_virus_shell.diameter             ? 
_em_virus_shell.triangulation        1 
# 
_atom_sites.entry_id                    3IY0 
_atom_sites.fract_transf_matrix[1][1]   1.000000 
_atom_sites.fract_transf_matrix[1][2]   0.000000 
_atom_sites.fract_transf_matrix[1][3]   0.000000 
_atom_sites.fract_transf_matrix[2][1]   0.000000 
_atom_sites.fract_transf_matrix[2][2]   1.000000 
_atom_sites.fract_transf_matrix[2][3]   0.000000 
_atom_sites.fract_transf_matrix[3][1]   0.000000 
_atom_sites.fract_transf_matrix[3][2]   0.000000 
_atom_sites.fract_transf_matrix[3][3]   1.000000 
_atom_sites.fract_transf_vector[1]      0.00000 
_atom_sites.fract_transf_vector[2]      0.00000 
_atom_sites.fract_transf_vector[3]      0.00000 
# 
loop_
_atom_type.symbol 
C 
N 
O 
S 
# 
loop_
_atom_site.group_PDB 
_atom_site.id 
_atom_site.type_symbol 
_atom_site.label_atom_id 
_atom_site.label_alt_id 
_atom_site.label_comp_id 
_atom_site.label_asym_id 
_atom_site.label_entity_id 
_atom_site.label_seq_id 
_atom_site.pdbx_PDB_ins_code 
_atom_site.Cartn_x 
_atom_site.Cartn_y 
_atom_site.Cartn_z 
_atom_site.occupancy 
_atom_site.B_iso_or_equiv 
_atom_site.pdbx_formal_charge 
_atom_site.auth_seq_id 
_atom_site.auth_comp_id 
_atom_site.auth_asym_id 
_atom_site.auth_atom_id 
_atom_site.pdbx_PDB_model_num 
ATOM 1    N N   . ASP A 1 1   ? 9.755   -8.190  12.923  1.00 94.57  ? 1   ASP L N   1 
ATOM 2    C CA  . ASP A 1 1   ? 8.868   -7.390  12.044  1.00 81.65  ? 1   ASP L CA  1 
ATOM 3    C C   . ASP A 1 1   ? 8.138   -6.367  12.877  1.00 76.37  ? 1   ASP L C   1 
ATOM 4    O O   . ASP A 1 1   ? 7.510   -6.710  13.881  1.00 81.96  ? 1   ASP L O   1 
ATOM 5    C CB  . ASP A 1 1   ? 7.839   -8.290  11.373  1.00 79.90  ? 1   ASP L CB  1 
ATOM 6    C CG  . ASP A 1 1   ? 8.440   -9.157  10.310  1.00 81.38  ? 1   ASP L CG  1 
ATOM 7    O OD1 . ASP A 1 1   ? 9.543   -9.702  10.537  1.00 91.19  ? 1   ASP L OD1 1 
ATOM 8    O OD2 . ASP A 1 1   ? 7.802   -9.301  9.247   1.00 72.85  ? 1   ASP L OD2 1 
ATOM 9    N N   . ILE A 1 2   ? 8.219   -5.109  12.471  1.00 65.82  ? 2   ILE L N   1 
ATOM 10   C CA  . ILE A 1 2   ? 7.521   -4.067  13.200  1.00 62.12  ? 2   ILE L CA  1 
ATOM 11   C C   . ILE A 1 2   ? 6.023   -4.322  13.049  1.00 57.65  ? 2   ILE L C   1 
ATOM 12   O O   . ILE A 1 2   ? 5.568   -4.797  12.005  1.00 53.29  ? 2   ILE L O   1 
ATOM 13   C CB  . ILE A 1 2   ? 7.876   -2.687  12.644  1.00 52.92  ? 2   ILE L CB  1 
ATOM 14   C CG1 . ILE A 1 2   ? 9.356   -2.400  12.909  1.00 58.37  ? 2   ILE L CG1 1 
ATOM 15   C CG2 . ILE A 1 2   ? 6.997   -1.622  13.286  1.00 49.49  ? 2   ILE L CG2 1 
ATOM 16   C CD1 . ILE A 1 2   ? 9.790   -1.004  12.511  1.00 51.66  ? 2   ILE L CD1 1 
ATOM 17   N N   . VAL A 1 3   ? 5.258   -4.025  14.095  1.00 60.42  ? 3   VAL L N   1 
ATOM 18   C CA  . VAL A 1 3   ? 3.819   -4.231  14.048  1.00 58.35  ? 3   VAL L CA  1 
ATOM 19   C C   . VAL A 1 3   ? 3.065   -2.954  14.243  1.00 51.17  ? 3   VAL L C   1 
ATOM 20   O O   . VAL A 1 3   ? 3.277   -2.236  15.212  1.00 52.94  ? 3   VAL L O   1 
ATOM 21   C CB  . VAL A 1 3   ? 3.341   -5.215  15.111  1.00 69.76  ? 3   VAL L CB  1 
ATOM 22   C CG1 . VAL A 1 3   ? 1.888   -4.933  15.455  1.00 68.11  ? 3   VAL L CG1 1 
ATOM 23   C CG2 . VAL A 1 3   ? 3.483   -6.637  14.592  1.00 76.92  ? 3   VAL L CG2 1 
ATOM 24   N N   . MET A 1 4   ? 2.158   -2.680  13.323  1.00 45.66  ? 4   MET L N   1 
ATOM 25   C CA  . MET A 1 4   ? 1.373   -1.468  13.419  1.00 40.86  ? 4   MET L CA  1 
ATOM 26   C C   . MET A 1 4   ? -0.031  -1.840  13.893  1.00 44.09  ? 4   MET L C   1 
ATOM 27   O O   . MET A 1 4   ? -0.728  -2.632  13.247  1.00 46.32  ? 4   MET L O   1 
ATOM 28   C CB  . MET A 1 4   ? 1.331   -0.780  12.053  1.00 33.20  ? 4   MET L CB  1 
ATOM 29   C CG  . MET A 1 4   ? 2.690   -0.691  11.361  1.00 30.58  ? 4   MET L CG  1 
ATOM 30   S SD  . MET A 1 4   ? 3.986   0.151   12.324  1.00 33.32  ? 4   MET L SD  1 
ATOM 31   C CE  . MET A 1 4   ? 3.379   1.791   12.375  1.00 30.41  ? 4   MET L CE  1 
ATOM 32   N N   . THR A 1 5   ? -0.446  -1.293  15.031  1.00 45.06  ? 5   THR L N   1 
ATOM 33   C CA  . THR A 1 5   ? -1.769  -1.630  15.495  1.00 49.11  ? 5   THR L CA  1 
ATOM 34   C C   . THR A 1 5   ? -2.764  -0.509  15.430  1.00 44.84  ? 5   THR L C   1 
ATOM 35   O O   . THR A 1 5   ? -2.595  0.559   16.017  1.00 42.53  ? 5   THR L O   1 
ATOM 36   C CB  . THR A 1 5   ? -1.787  -2.202  16.942  1.00 58.19  ? 5   THR L CB  1 
ATOM 37   O OG1 . THR A 1 5   ? -1.476  -1.170  17.882  1.00 58.47  ? 5   THR L OG1 1 
ATOM 38   C CG2 . THR A 1 5   ? -0.792  -3.334  17.072  1.00 64.93  ? 5   THR L CG2 1 
ATOM 39   N N   . GLN A 1 6   ? -3.816  -0.767  14.675  1.00 44.12  ? 6   GLN L N   1 
ATOM 40   C CA  . GLN A 1 6   ? -4.887  0.182   14.572  1.00 40.37  ? 6   GLN L CA  1 
ATOM 41   C C   . GLN A 1 6   ? -5.994  -0.516  15.352  1.00 48.22  ? 6   GLN L C   1 
ATOM 42   O O   . GLN A 1 6   ? -6.692  -1.392  14.835  1.00 51.66  ? 6   GLN L O   1 
ATOM 43   C CB  . GLN A 1 6   ? -5.238  0.415   13.111  1.00 34.27  ? 6   GLN L CB  1 
ATOM 44   C CG  . GLN A 1 6   ? -4.618  1.678   12.578  1.00 27.95  ? 6   GLN L CG  1 
ATOM 45   C CD  . GLN A 1 6   ? -4.927  1.904   11.122  1.00 22.88  ? 6   GLN L CD  1 
ATOM 46   O OE1 . GLN A 1 6   ? -4.385  1.227   10.245  1.00 21.91  ? 6   GLN L OE1 1 
ATOM 47   N NE2 . GLN A 1 6   ? -5.811  2.858   10.847  1.00 19.63  ? 6   GLN L NE2 1 
ATOM 48   N N   . SER A 1 7   ? -6.102  -0.122  16.624  1.00 51.77  ? 7   SER L N   1 
ATOM 49   C CA  . SER A 1 7   ? -7.048  -0.688  17.577  1.00 61.72  ? 7   SER L CA  1 
ATOM 50   C C   . SER A 1 7   ? -8.516  -0.588  17.187  1.00 61.39  ? 7   SER L C   1 
ATOM 51   O O   . SER A 1 7   ? -9.285  -1.506  17.444  1.00 68.44  ? 7   SER L O   1 
ATOM 52   C CB  . SER A 1 7   ? -6.834  -0.049  18.951  1.00 69.10  ? 7   SER L CB  1 
ATOM 53   O OG  . SER A 1 7   ? -7.131  1.338   18.921  1.00 65.78  ? 7   SER L OG  1 
ATOM 54   N N   . HIS A 1 8   ? -8.907  0.522   16.574  1.00 55.17  ? 8   HIS L N   1 
ATOM 55   C CA  . HIS A 1 8   ? -10.294 0.698   16.147  1.00 54.13  ? 8   HIS L CA  1 
ATOM 56   C C   . HIS A 1 8   ? -10.499 0.316   14.682  1.00 47.77  ? 8   HIS L C   1 
ATOM 57   O O   . HIS A 1 8   ? -10.137 1.068   13.777  1.00 40.80  ? 8   HIS L O   1 
ATOM 58   C CB  . HIS A 1 8   ? -10.738 2.147   16.348  1.00 52.08  ? 8   HIS L CB  1 
ATOM 59   C CG  . HIS A 1 8   ? -10.927 2.527   17.782  1.00 62.54  ? 8   HIS L CG  1 
ATOM 60   N ND1 . HIS A 1 8   ? -10.027 2.189   18.768  1.00 68.23  ? 8   HIS L ND1 1 
ATOM 61   C CD2 . HIS A 1 8   ? -11.903 3.244   18.391  1.00 68.90  ? 8   HIS L CD2 1 
ATOM 62   C CE1 . HIS A 1 8   ? -10.436 2.681   19.924  1.00 78.07  ? 8   HIS L CE1 1 
ATOM 63   N NE2 . HIS A 1 8   ? -11.572 3.327   19.722  1.00 78.28  ? 8   HIS L NE2 1 
ATOM 64   N N   . LYS A 1 9   ? -11.073 -0.860  14.454  1.00 51.94  ? 9   LYS L N   1 
ATOM 65   C CA  . LYS A 1 9   ? -11.355 -1.324  13.099  1.00 50.09  ? 9   LYS L CA  1 
ATOM 66   C C   . LYS A 1 9   ? -12.374 -0.372  12.482  1.00 44.32  ? 9   LYS L C   1 
ATOM 67   O O   . LYS A 1 9   ? -12.365 -0.116  11.276  1.00 40.31  ? 9   LYS L O   1 
ATOM 68   C CB  . LYS A 1 9   ? -11.937 -2.731  13.140  1.00 60.22  ? 9   LYS L CB  1 
ATOM 69   C CG  . LYS A 1 9   ? -10.915 -3.827  13.243  1.00 66.79  ? 9   LYS L CG  1 
ATOM 70   C CD  . LYS A 1 9   ? -10.307 -4.086  11.879  1.00 63.44  ? 9   LYS L CD  1 
ATOM 71   C CE  . LYS A 1 9   ? -9.274  -5.199  11.916  1.00 70.21  ? 9   LYS L CE  1 
ATOM 72   N NZ  . LYS A 1 9   ? -8.869  -5.543  10.524  1.00 66.86  ? 9   LYS L NZ  1 
ATOM 73   N N   . PHE A 1 10  ? -13.251 0.150   13.335  1.00 46.78  ? 10  PHE L N   1 
ATOM 74   C CA  . PHE A 1 10  ? -14.287 1.070   12.896  1.00 43.45  ? 10  PHE L CA  1 
ATOM 75   C C   . PHE A 1 10  ? -14.382 2.253   13.831  1.00 44.91  ? 10  PHE L C   1 
ATOM 76   O O   . PHE A 1 10  ? -14.126 2.129   15.023  1.00 51.27  ? 10  PHE L O   1 
ATOM 77   C CB  . PHE A 1 10  ? -15.651 0.376   12.861  1.00 54.76  ? 10  PHE L CB  1 
ATOM 78   C CG  . PHE A 1 10  ? -15.752 -0.725  11.843  1.00 56.08  ? 10  PHE L CG  1 
ATOM 79   C CD1 . PHE A 1 10  ? -16.026 -0.430  10.511  1.00 56.25  ? 10  PHE L CD1 1 
ATOM 80   C CD2 . PHE A 1 10  ? -15.585 -2.055  12.216  1.00 58.06  ? 10  PHE L CD2 1 
ATOM 81   C CE1 . PHE A 1 10  ? -16.135 -1.449  9.558   1.00 48.93  ? 10  PHE L CE1 1 
ATOM 82   C CE2 . PHE A 1 10  ? -15.693 -3.078  11.273  1.00 68.87  ? 10  PHE L CE2 1 
ATOM 83   C CZ  . PHE A 1 10  ? -15.968 -2.772  9.944   1.00 64.30  ? 10  PHE L CZ  1 
ATOM 84   N N   . MET A 1 11  ? -14.747 3.406   13.289  1.00 42.05  ? 11  MET L N   1 
ATOM 85   C CA  . MET A 1 11  ? -14.911 4.592   14.109  1.00 46.00  ? 11  MET L CA  1 
ATOM 86   C C   . MET A 1 11  ? -16.089 5.369   13.594  1.00 46.39  ? 11  MET L C   1 
ATOM 87   O O   . MET A 1 11  ? -16.150 5.714   12.405  1.00 40.18  ? 11  MET L O   1 
ATOM 88   C CB  . MET A 1 11  ? -13.669 5.471   14.083  1.00 44.08  ? 11  MET L CB  1 
ATOM 89   C CG  . MET A 1 11  ? -12.651 5.069   15.119  1.00 48.23  ? 11  MET L CG  1 
ATOM 90   S SD  . MET A 1 11  ? -11.359 6.275   15.208  1.00 46.96  ? 11  MET L SD  1 
ATOM 91   C CE  . MET A 1 11  ? -12.037 7.395   16.406  1.00 57.94  ? 11  MET L CE  1 
ATOM 92   N N   . SER A 1 12  ? -17.031 5.633   14.495  1.00 53.93  ? 12  SER L N   1 
ATOM 93   C CA  . SER A 1 12  ? -18.229 6.363   14.131  1.00 54.23  ? 12  SER L CA  1 
ATOM 94   C C   . SER A 1 12  ? -17.957 7.844   14.160  1.00 54.38  ? 12  SER L C   1 
ATOM 95   O O   . SER A 1 12  ? -17.232 8.332   15.019  1.00 58.61  ? 12  SER L O   1 
ATOM 96   C CB  . SER A 1 12  ? -19.361 6.027   15.086  1.00 62.66  ? 12  SER L CB  1 
ATOM 97   O OG  . SER A 1 12  ? -19.523 4.626   15.193  1.00 64.28  ? 12  SER L OG  1 
ATOM 98   N N   . THR A 1 13  ? -18.529 8.550   13.197  1.00 49.63  ? 13  THR L N   1 
ATOM 99   C CA  . THR A 1 13  ? -18.368 9.985   13.103  1.00 49.62  ? 13  THR L CA  1 
ATOM 100  C C   . THR A 1 13  ? -19.582 10.556  12.396  1.00 49.12  ? 13  THR L C   1 
ATOM 101  O O   . THR A 1 13  ? -20.518 9.832   12.073  1.00 50.98  ? 13  THR L O   1 
ATOM 102  C CB  . THR A 1 13  ? -17.134 10.361  12.280  1.00 42.54  ? 13  THR L CB  1 
ATOM 103  O OG1 . THR A 1 13  ? -16.151 9.329   12.399  1.00 41.31  ? 13  THR L OG1 1 
ATOM 104  C CG2 . THR A 1 13  ? -16.547 11.669  12.787  1.00 46.40  ? 13  THR L CG2 1 
ATOM 105  N N   . SER A 1 14  ? -19.557 11.862  12.158  1.00 50.42  ? 14  SER L N   1 
ATOM 106  C CA  . SER A 1 14  ? -20.644 12.528  11.453  1.00 52.36  ? 14  SER L CA  1 
ATOM 107  C C   . SER A 1 14  ? -20.016 13.473  10.450  1.00 50.20  ? 14  SER L C   1 
ATOM 108  O O   . SER A 1 14  ? -18.809 13.733  10.493  1.00 47.38  ? 14  SER L O   1 
ATOM 109  C CB  . SER A 1 14  ? -21.510 13.348  12.405  1.00 61.68  ? 14  SER L CB  1 
ATOM 110  O OG  . SER A 1 14  ? -21.889 12.596  13.535  1.00 64.52  ? 14  SER L OG  1 
ATOM 111  N N   . VAL A 1 15  ? -20.838 13.978  9.541   1.00 53.57  ? 15  VAL L N   1 
ATOM 112  C CA  . VAL A 1 15  ? -20.364 14.924  8.549   1.00 54.65  ? 15  VAL L CA  1 
ATOM 113  C C   . VAL A 1 15  ? -20.279 16.260  9.277   1.00 61.16  ? 15  VAL L C   1 
ATOM 114  O O   . VAL A 1 15  ? -21.208 16.648  9.985   1.00 68.04  ? 15  VAL L O   1 
ATOM 115  C CB  . VAL A 1 15  ? -21.358 15.048  7.375   1.00 58.00  ? 15  VAL L CB  1 
ATOM 116  C CG1 . VAL A 1 15  ? -20.919 16.141  6.436   1.00 61.27  ? 15  VAL L CG1 1 
ATOM 117  C CG2 . VAL A 1 15  ? -21.459 13.729  6.644   1.00 53.14  ? 15  VAL L CG2 1 
ATOM 118  N N   . GLY A 1 16  ? -19.163 16.955  9.117   1.00 60.13  ? 16  GLY L N   1 
ATOM 119  C CA  . GLY A 1 16  ? -19.001 18.232  9.785   1.00 67.18  ? 16  GLY L CA  1 
ATOM 120  C C   . GLY A 1 16  ? -18.262 18.077  11.101  1.00 66.42  ? 16  GLY L C   1 
ATOM 121  O O   . GLY A 1 16  ? -17.848 19.061  11.711  1.00 71.29  ? 16  GLY L O   1 
ATOM 122  N N   . ASP A 1 17  ? -18.101 16.836  11.538  1.00 60.79  ? 17  ASP L N   1 
ATOM 123  C CA  . ASP A 1 17  ? -17.412 16.520  12.780  1.00 60.86  ? 17  ASP L CA  1 
ATOM 124  C C   . ASP A 1 17  ? -15.897 16.377  12.600  1.00 55.46  ? 17  ASP L C   1 
ATOM 125  O O   . ASP A 1 17  ? -15.372 16.518  11.494  1.00 50.62  ? 17  ASP L O   1 
ATOM 126  C CB  . ASP A 1 17  ? -17.969 15.215  13.341  1.00 60.32  ? 17  ASP L CB  1 
ATOM 127  C CG  . ASP A 1 17  ? -18.845 15.425  14.557  1.00 69.67  ? 17  ASP L CG  1 
ATOM 128  O OD1 . ASP A 1 17  ? -19.645 16.387  14.570  1.00 75.62  ? 17  ASP L OD1 1 
ATOM 129  O OD2 . ASP A 1 17  ? -18.741 14.613  15.500  1.00 72.17  ? 17  ASP L OD2 1 
ATOM 130  N N   . ARG A 1 18  ? -15.208 16.089  13.701  1.00 58.84  ? 18  ARG L N   1 
ATOM 131  C CA  . ARG A 1 18  ? -13.760 15.901  13.702  1.00 56.58  ? 18  ARG L CA  1 
ATOM 132  C C   . ARG A 1 18  ? -13.423 14.507  14.222  1.00 54.38  ? 18  ARG L C   1 
ATOM 133  O O   . ARG A 1 18  ? -14.014 14.060  15.203  1.00 60.58  ? 18  ARG L O   1 
ATOM 134  C CB  . ARG A 1 18  ? -13.081 16.947  14.598  1.00 64.53  ? 18  ARG L CB  1 
ATOM 135  C CG  . ARG A 1 18  ? -11.671 16.568  15.080  1.00 65.91  ? 18  ARG L CG  1 
ATOM 136  C CD  . ARG A 1 18  ? -11.123 17.615  16.041  1.00 77.09  ? 18  ARG L CD  1 
ATOM 137  N NE  . ARG A 1 18  ? -9.787  17.290  16.551  1.00 79.43  ? 18  ARG L NE  1 
ATOM 138  C CZ  . ARG A 1 18  ? -8.678  17.954  16.235  1.00 80.59  ? 18  ARG L CZ  1 
ATOM 139  N NH1 . ARG A 1 18  ? -8.732  18.982  15.404  1.00 81.21  ? 18  ARG L NH1 1 
ATOM 140  N NH2 . ARG A 1 18  ? -7.518  17.600  16.772  1.00 83.48  ? 18  ARG L NH2 1 
ATOM 141  N N   . VAL A 1 19  ? -12.479 13.833  13.562  1.00 47.62  ? 19  VAL L N   1 
ATOM 142  C CA  . VAL A 1 19  ? -12.060 12.493  13.976  1.00 47.26  ? 19  VAL L CA  1 
ATOM 143  C C   . VAL A 1 19  ? -10.567 12.351  14.046  1.00 45.52  ? 19  VAL L C   1 
ATOM 144  O O   . VAL A 1 19  ? -9.813  13.064  13.383  1.00 42.16  ? 19  VAL L O   1 
ATOM 145  C CB  . VAL A 1 19  ? -12.483 11.338  13.006  1.00 40.91  ? 19  VAL L CB  1 
ATOM 146  C CG1 . VAL A 1 19  ? -13.240 10.261  13.784  1.00 44.75  ? 19  VAL L CG1 1 
ATOM 147  C CG2 . VAL A 1 19  ? -13.264 11.865  11.828  1.00 37.42  ? 19  VAL L CG2 1 
ATOM 148  N N   . SER A 1 20  ? -10.162 11.362  14.825  1.00 47.92  ? 20  SER L N   1 
ATOM 149  C CA  . SER A 1 20  ? -8.771  11.038  15.007  1.00 45.90  ? 20  SER L CA  1 
ATOM 150  C C   . SER A 1 20  ? -8.632  9.540   15.141  1.00 43.44  ? 20  SER L C   1 
ATOM 151  O O   . SER A 1 20  ? -9.224  8.921   16.030  1.00 49.93  ? 20  SER L O   1 
ATOM 152  C CB  . SER A 1 20  ? -8.206  11.723  16.248  1.00 55.40  ? 20  SER L CB  1 
ATOM 153  O OG  . SER A 1 20  ? -8.119  13.114  16.031  1.00 57.97  ? 20  SER L OG  1 
ATOM 154  N N   . ILE A 1 21  ? -7.839  8.983   14.234  1.00 35.16  ? 21  ILE L N   1 
ATOM 155  C CA  . ILE A 1 21  ? -7.544  7.567   14.176  1.00 32.80  ? 21  ILE L CA  1 
ATOM 156  C C   . ILE A 1 21  ? -6.151  7.447   14.766  1.00 32.36  ? 21  ILE L C   1 
ATOM 157  O O   . ILE A 1 21  ? -5.339  8.349   14.596  1.00 31.98  ? 21  ILE L O   1 
ATOM 158  C CB  . ILE A 1 21  ? -7.510  7.092   12.712  1.00 25.45  ? 21  ILE L CB  1 
ATOM 159  C CG1 . ILE A 1 21  ? -8.868  7.351   12.064  1.00 25.54  ? 21  ILE L CG1 1 
ATOM 160  C CG2 . ILE A 1 21  ? -7.108  5.625   12.642  1.00 24.20  ? 21  ILE L CG2 1 
ATOM 161  C CD1 . ILE A 1 21  ? -8.888  7.128   10.560  1.00 21.17  ? 21  ILE L CD1 1 
ATOM 162  N N   . THR A 1 22  ? -5.867  6.346   15.448  1.00 34.78  ? 22  THR L N   1 
ATOM 163  C CA  . THR A 1 22  ? -4.552  6.181   16.043  1.00 36.26  ? 22  THR L CA  1 
ATOM 164  C C   . THR A 1 22  ? -3.829  4.957   15.530  1.00 33.56  ? 22  THR L C   1 
ATOM 165  O O   . THR A 1 22  ? -4.454  3.988   15.106  1.00 32.19  ? 22  THR L O   1 
ATOM 166  C CB  . THR A 1 22  ? -4.624  6.068   17.581  1.00 45.79  ? 22  THR L CB  1 
ATOM 167  O OG1 . THR A 1 22  ? -5.334  4.878   17.939  1.00 50.46  ? 22  THR L OG1 1 
ATOM 168  C CG2 . THR A 1 22  ? -5.319  7.273   18.172  1.00 54.02  ? 22  THR L CG2 1 
ATOM 169  N N   . CYS A 1 23  ? -2.500  5.019   15.577  1.00 32.73  ? 23  CYS L N   1 
ATOM 170  C CA  . CYS A 1 23  ? -1.659  3.917   15.142  1.00 31.22  ? 23  CYS L CA  1 
ATOM 171  C C   . CYS A 1 23  ? -0.559  3.769   16.166  1.00 36.53  ? 23  CYS L C   1 
ATOM 172  O O   . CYS A 1 23  ? -0.134  4.745   16.773  1.00 39.38  ? 23  CYS L O   1 
ATOM 173  C CB  . CYS A 1 23  ? -1.051  4.197   13.774  1.00 27.48  ? 23  CYS L CB  1 
ATOM 174  S SG  . CYS A 1 23  ? -0.175  2.762   13.075  1.00 28.34  ? 23  CYS L SG  1 
ATOM 175  N N   . LYS A 1 24  ? -0.084  2.549   16.351  1.00 39.78  ? 24  LYS L N   1 
ATOM 176  C CA  . LYS A 1 24  ? 0.947   2.314   17.335  1.00 45.24  ? 24  LYS L CA  1 
ATOM 177  C C   . LYS A 1 24  ? 1.912   1.250   16.863  1.00 45.78  ? 24  LYS L C   1 
ATOM 178  O O   . LYS A 1 24  ? 1.622   0.053   16.960  1.00 49.81  ? 24  LYS L O   1 
ATOM 179  C CB  . LYS A 1 24  ? 0.298   1.890   18.652  1.00 53.14  ? 24  LYS L CB  1 
ATOM 180  C CG  . LYS A 1 24  ? 1.167   2.069   19.870  1.00 62.99  ? 24  LYS L CG  1 
ATOM 181  C CD  . LYS A 1 24  ? 0.301   2.077   21.115  1.00 72.65  ? 24  LYS L CD  1 
ATOM 182  C CE  . LYS A 1 24  ? 1.077   2.560   22.325  1.00 82.85  ? 24  LYS L CE  1 
ATOM 183  N NZ  . LYS A 1 24  ? 0.157   3.017   23.406  1.00 92.19  ? 24  LYS L NZ  1 
ATOM 184  N N   . GLY A 1 25  ? 3.057   1.694   16.352  1.00 44.11  ? 25  GLY L N   1 
ATOM 185  C CA  . GLY A 1 25  ? 4.065   0.765   15.885  1.00 46.92  ? 25  GLY L CA  1 
ATOM 186  C C   . GLY A 1 25  ? 4.655   0.113   17.105  1.00 55.91  ? 25  GLY L C   1 
ATOM 187  O O   . GLY A 1 25  ? 4.827   0.766   18.130  1.00 60.50  ? 25  GLY L O   1 
ATOM 188  N N   . SER A 1 26  ? 4.961   -1.170  17.011  1.00 61.07  ? 26  SER L N   1 
ATOM 189  C CA  . SER A 1 26  ? 5.520   -1.865  18.154  1.00 72.58  ? 26  SER L CA  1 
ATOM 190  C C   . SER A 1 26  ? 6.858   -1.249  18.543  1.00 76.25  ? 26  SER L C   1 
ATOM 191  O O   . SER A 1 26  ? 7.215   -1.231  19.724  1.00 84.03  ? 26  SER L O   1 
ATOM 192  C CB  . SER A 1 26  ? 5.677   -3.358  17.850  1.00 78.36  ? 26  SER L CB  1 
ATOM 193  O OG  . SER A 1 26  ? 6.560   -3.578  16.768  1.00 76.15  ? 26  SER L OG  1 
ATOM 194  N N   . GLN A 1 27  ? 7.582   -0.728  17.555  1.00 71.27  ? 27  GLN L N   1 
ATOM 195  C CA  . GLN A 1 27  ? 8.878   -0.102  17.808  1.00 74.97  ? 27  GLN L CA  1 
ATOM 196  C C   . GLN A 1 27  ? 8.871   1.369   17.451  1.00 68.17  ? 27  GLN L C   1 
ATOM 197  O O   . GLN A 1 27  ? 7.916   1.873   16.858  1.00 60.12  ? 27  GLN L O   1 
ATOM 198  C CB  . GLN A 1 27  ? 9.972   -0.753  16.977  1.00 76.65  ? 27  GLN L CB  1 
ATOM 199  C CG  . GLN A 1 27  ? 10.118  -2.230  17.145  1.00 84.82  ? 27  GLN L CG  1 
ATOM 200  C CD  . GLN A 1 27  ? 11.241  -2.757  16.295  1.00 85.19  ? 27  GLN L CD  1 
ATOM 201  O OE1 . GLN A 1 27  ? 11.471  -3.964  16.230  1.00 91.46  ? 27  GLN L OE1 1 
ATOM 202  N NE2 . GLN A 1 27  ? 11.959  -1.847  15.631  1.00 78.69  ? 27  GLN L NE2 1 
ATOM 203  N N   . ASP A 1 28  ? 9.954   2.051   17.810  1.00 70.30  ? 28  ASP L N   1 
ATOM 204  C CA  . ASP A 1 28  ? 10.091  3.460   17.488  1.00 64.19  ? 28  ASP L CA  1 
ATOM 205  C C   . ASP A 1 28  ? 10.503  3.510   16.031  1.00 57.49  ? 28  ASP L C   1 
ATOM 206  O O   . ASP A 1 28  ? 11.593  3.070   15.664  1.00 63.64  ? 28  ASP L O   1 
ATOM 207  C CB  . ASP A 1 28  ? 11.172  4.130   18.339  1.00 69.22  ? 28  ASP L CB  1 
ATOM 208  C CG  . ASP A 1 28  ? 11.320  5.615   18.026  1.00 69.38  ? 28  ASP L CG  1 
ATOM 209  O OD1 . ASP A 1 28  ? 11.474  5.963   16.840  1.00 68.03  ? 28  ASP L OD1 1 
ATOM 210  O OD2 . ASP A 1 28  ? 11.288  6.445   18.960  1.00 72.81  ? 28  ASP L OD2 1 
ATOM 211  N N   . VAL A 1 29  ? 9.621   4.029   15.194  1.00 50.54  ? 29  VAL L N   1 
ATOM 212  C CA  . VAL A 1 29  ? 9.923   4.135   13.780  1.00 44.27  ? 29  VAL L CA  1 
ATOM 213  C C   . VAL A 1 29  ? 10.143  5.596   13.447  1.00 47.80  ? 29  VAL L C   1 
ATOM 214  O O   . VAL A 1 29  ? 10.002  6.029   12.301  1.00 49.13  ? 29  VAL L O   1 
ATOM 215  C CB  . VAL A 1 29  ? 8.792   3.547   12.918  1.00 39.08  ? 29  VAL L CB  1 
ATOM 216  C CG1 . VAL A 1 29  ? 8.760   2.038   13.083  1.00 42.75  ? 29  VAL L CG1 1 
ATOM 217  C CG2 . VAL A 1 29  ? 7.462   4.154   13.323  1.00 37.89  ? 29  VAL L CG2 1 
ATOM 218  N N   . ASN A 1 30  ? 10.475  6.358   14.483  1.00 53.91  ? 30  ASN L N   1 
ATOM 219  C CA  . ASN A 1 30  ? 10.778  7.770   14.339  1.00 59.52  ? 30  ASN L CA  1 
ATOM 220  C C   . ASN A 1 30  ? 9.712   8.530   13.568  1.00 57.54  ? 30  ASN L C   1 
ATOM 221  O O   . ASN A 1 30  ? 8.595   8.724   14.055  1.00 51.14  ? 30  ASN L O   1 
ATOM 222  C CB  . ASN A 1 30  ? 12.146  7.909   13.649  1.00 73.01  ? 30  ASN L CB  1 
ATOM 223  C CG  . ASN A 1 30  ? 12.675  9.330   13.667  1.00 82.58  ? 30  ASN L CG  1 
ATOM 224  O OD1 . ASN A 1 30  ? 12.701  10.011  12.639  1.00 95.30  ? 30  ASN L OD1 1 
ATOM 225  N ND2 . ASN A 1 30  ? 13.098  9.787   14.841  1.00 74.17  ? 30  ASN L ND2 1 
ATOM 226  N N   . SER A 1 31  ? 10.054  8.940   12.355  1.00 68.62  ? 31  SER L N   1 
ATOM 227  C CA  . SER A 1 31  ? 9.133   9.705   11.535  1.00 55.19  ? 31  SER L CA  1 
ATOM 228  C C   . SER A 1 31  ? 8.777   8.974   10.242  1.00 46.13  ? 31  SER L C   1 
ATOM 229  O O   . SER A 1 31  ? 7.982   9.476   9.450   1.00 38.01  ? 31  SER L O   1 
ATOM 230  C CB  . SER A 1 31  ? 9.770   11.058  11.208  1.00 64.68  ? 31  SER L CB  1 
ATOM 231  O OG  . SER A 1 31  ? 8.800   12.025  10.842  1.00 64.37  ? 31  SER L OG  1 
ATOM 232  N N   . ALA A 1 32  ? 9.354   7.792   10.038  1.00 54.00  ? 32  ALA L N   1 
ATOM 233  C CA  . ALA A 1 32  ? 9.117   7.026   8.817   1.00 38.76  ? 32  ALA L CA  1 
ATOM 234  C C   . ALA A 1 32  ? 7.742   6.373   8.779   1.00 25.64  ? 32  ALA L C   1 
ATOM 235  O O   . ALA A 1 32  ? 7.619   5.140   8.802   1.00 23.92  ? 32  ALA L O   1 
ATOM 236  C CB  . ALA A 1 32  ? 10.199  5.959   8.651   1.00 36.50  ? 32  ALA L CB  1 
ATOM 237  N N   . LEU A 1 33  ? 6.703   7.190   8.687   1.00 24.89  ? 33  LEU L N   1 
ATOM 238  C CA  . LEU A 1 33  ? 5.370   6.627   8.674   1.00 21.82  ? 33  LEU L CA  1 
ATOM 239  C C   . LEU A 1 33  ? 4.416   7.296   7.698   1.00 19.10  ? 33  LEU L C   1 
ATOM 240  O O   . LEU A 1 33  ? 4.410   8.526   7.557   1.00 21.67  ? 33  LEU L O   1 
ATOM 241  C CB  . LEU A 1 33  ? 4.801   6.675   10.095  1.00 24.89  ? 33  LEU L CB  1 
ATOM 242  C CG  . LEU A 1 33  ? 3.398   6.124   10.316  1.00 22.83  ? 33  LEU L CG  1 
ATOM 243  C CD1 . LEU A 1 33  ? 3.445   5.043   11.377  1.00 25.73  ? 33  LEU L CD1 1 
ATOM 244  C CD2 . LEU A 1 33  ? 2.467   7.255   10.705  1.00 24.35  ? 33  LEU L CD2 1 
ATOM 245  N N   . ALA A 1 34  ? 3.602   6.478   7.033   1.00 14.87  ? 34  ALA L N   1 
ATOM 246  C CA  . ALA A 1 34  ? 2.639   6.999   6.076   1.00 11.43  ? 34  ALA L CA  1 
ATOM 247  C C   . ALA A 1 34  ? 1.185   6.643   6.394   1.00 8.69   ? 34  ALA L C   1 
ATOM 248  O O   . ALA A 1 34  ? 0.900   5.663   7.078   1.00 9.86   ? 34  ALA L O   1 
ATOM 249  C CB  . ALA A 1 34  ? 2.984   6.506   4.679   1.00 9.93   ? 34  ALA L CB  1 
ATOM 250  N N   . TRP A 1 35  ? 0.282   7.471   5.879   1.00 7.64   ? 35  TRP L N   1 
ATOM 251  C CA  . TRP A 1 35  ? -1.151  7.282   6.009   1.00 6.17   ? 35  TRP L CA  1 
ATOM 252  C C   . TRP A 1 35  ? -1.728  7.181   4.619   1.00 4.41   ? 35  TRP L C   1 
ATOM 253  O O   . TRP A 1 35  ? -1.392  7.971   3.743   1.00 4.84   ? 35  TRP L O   1 
ATOM 254  C CB  . TRP A 1 35  ? -1.820  8.464   6.704   1.00 6.89   ? 35  TRP L CB  1 
ATOM 255  C CG  . TRP A 1 35  ? -1.590  8.466   8.147   1.00 10.65  ? 35  TRP L CG  1 
ATOM 256  C CD1 . TRP A 1 35  ? -0.665  9.206   8.831   1.00 16.33  ? 35  TRP L CD1 1 
ATOM 257  C CD2 . TRP A 1 35  ? -2.234  7.634   9.107   1.00 12.23  ? 35  TRP L CD2 1 
ATOM 258  N NE1 . TRP A 1 35  ? -0.695  8.876   10.161  1.00 19.43  ? 35  TRP L NE1 1 
ATOM 259  C CE2 . TRP A 1 35  ? -1.650  7.914   10.358  1.00 16.49  ? 35  TRP L CE2 1 
ATOM 260  C CE3 . TRP A 1 35  ? -3.247  6.673   9.032   1.00 11.09  ? 35  TRP L CE3 1 
ATOM 261  C CZ2 . TRP A 1 35  ? -2.053  7.264   11.532  1.00 19.34  ? 35  TRP L CZ2 1 
ATOM 262  C CZ3 . TRP A 1 35  ? -3.647  6.027   10.193  1.00 13.68  ? 35  TRP L CZ3 1 
ATOM 263  C CH2 . TRP A 1 35  ? -3.049  6.327   11.431  1.00 17.77  ? 35  TRP L CH2 1 
ATOM 264  N N   . TYR A 1 36  ? -2.610  6.212   4.423   1.00 3.47   ? 36  TYR L N   1 
ATOM 265  C CA  . TYR A 1 36  ? -3.256  6.026   3.140   1.00 5.36   ? 36  TYR L CA  1 
ATOM 266  C C   . TYR A 1 36  ? -4.761  5.942   3.338   1.00 7.45   ? 36  TYR L C   1 
ATOM 267  O O   . TYR A 1 36  ? -5.234  5.545   4.414   1.00 6.31   ? 36  TYR L O   1 
ATOM 268  C CB  . TYR A 1 36  ? -2.814  4.712   2.478   1.00 7.14   ? 36  TYR L CB  1 
ATOM 269  C CG  . TYR A 1 36  ? -1.351  4.592   2.143   1.00 7.05   ? 36  TYR L CG  1 
ATOM 270  C CD1 . TYR A 1 36  ? -0.449  4.094   3.060   1.00 6.21   ? 36  TYR L CD1 1 
ATOM 271  C CD2 . TYR A 1 36  ? -0.879  4.949   0.890   1.00 7.99   ? 36  TYR L CD2 1 
ATOM 272  C CE1 . TYR A 1 36  ? 0.904   3.947   2.742   1.00 6.44   ? 36  TYR L CE1 1 
ATOM 273  C CE2 . TYR A 1 36  ? 0.472   4.811   0.546   1.00 7.83   ? 36  TYR L CE2 1 
ATOM 274  C CZ  . TYR A 1 36  ? 1.358   4.306   1.480   1.00 7.69   ? 36  TYR L CZ  1 
ATOM 275  O OH  . TYR A 1 36  ? 2.692   4.147   1.170   1.00 8.99   ? 36  TYR L OH  1 
ATOM 276  N N   . GLN A 1 37  ? -5.498  6.306   2.286   1.00 10.68  ? 37  GLN L N   1 
ATOM 277  C CA  . GLN A 1 37  ? -6.953  6.209   2.281   1.00 14.12  ? 37  GLN L CA  1 
ATOM 278  C C   . GLN A 1 37  ? -7.333  5.258   1.155   1.00 16.33  ? 37  GLN L C   1 
ATOM 279  O O   . GLN A 1 37  ? -6.746  5.289   0.074   1.00 17.38  ? 37  GLN L O   1 
ATOM 280  C CB  . GLN A 1 37  ? -7.611  7.562   2.008   1.00 18.59  ? 37  GLN L CB  1 
ATOM 281  C CG  . GLN A 1 37  ? -9.142  7.528   2.082   1.00 23.12  ? 37  GLN L CG  1 
ATOM 282  C CD  . GLN A 1 37  ? -9.797  8.783   1.504   1.00 29.02  ? 37  GLN L CD  1 
ATOM 283  O OE1 . GLN A 1 37  ? -9.620  9.088   0.324   1.00 32.24  ? 37  GLN L OE1 1 
ATOM 284  N NE2 . GLN A 1 37  ? -10.547 9.513   2.331   1.00 30.76  ? 37  GLN L NE2 1 
ATOM 285  N N   . GLN A 1 38  ? -8.311  4.402   1.396   1.00 17.76  ? 38  GLN L N   1 
ATOM 286  C CA  . GLN A 1 38  ? -8.741  3.489   0.350   1.00 20.92  ? 38  GLN L CA  1 
ATOM 287  C C   . GLN A 1 38  ? -10.246 3.387   0.283   1.00 25.59  ? 38  GLN L C   1 
ATOM 288  O O   . GLN A 1 38  ? -10.926 3.259   1.297   1.00 26.39  ? 38  GLN L O   1 
ATOM 289  C CB  . GLN A 1 38  ? -8.152  2.091   0.544   1.00 19.99  ? 38  GLN L CB  1 
ATOM 290  C CG  . GLN A 1 38  ? -8.472  1.171   -0.618  1.00 23.53  ? 38  GLN L CG  1 
ATOM 291  C CD  . GLN A 1 38  ? -7.950  -0.228  -0.429  1.00 24.95  ? 38  GLN L CD  1 
ATOM 292  O OE1 . GLN A 1 38  ? -8.014  -0.780  0.676   1.00 25.72  ? 38  GLN L OE1 1 
ATOM 293  N NE2 . GLN A 1 38  ? -7.454  -0.828  -1.511  1.00 26.10  ? 38  GLN L NE2 1 
ATOM 294  N N   . VAL A 1 39  ? -10.756 3.459   -0.935  1.00 29.85  ? 39  VAL L N   1 
ATOM 295  C CA  . VAL A 1 39  ? -12.177 3.355   -1.191  1.00 35.15  ? 39  VAL L CA  1 
ATOM 296  C C   . VAL A 1 39  ? -12.357 2.028   -1.924  1.00 37.67  ? 39  VAL L C   1 
ATOM 297  O O   . VAL A 1 39  ? -11.486 1.597   -2.674  1.00 35.98  ? 39  VAL L O   1 
ATOM 298  C CB  . VAL A 1 39  ? -12.673 4.535   -2.072  1.00 39.21  ? 39  VAL L CB  1 
ATOM 299  C CG1 . VAL A 1 39  ? -14.087 4.271   -2.539  1.00 47.32  ? 39  VAL L CG1 1 
ATOM 300  C CG2 . VAL A 1 39  ? -12.626 5.841   -1.278  1.00 39.74  ? 39  VAL L CG2 1 
ATOM 301  N N   . PRO A 1 40  ? -13.484 1.352   -1.694  1.00 43.32  ? 40  PRO L N   1 
ATOM 302  C CA  . PRO A 1 40  ? -13.764 0.065   -2.339  1.00 49.18  ? 40  PRO L CA  1 
ATOM 303  C C   . PRO A 1 40  ? -13.501 -0.001  -3.843  1.00 52.95  ? 40  PRO L C   1 
ATOM 304  O O   . PRO A 1 40  ? -13.874 0.899   -4.602  1.00 54.90  ? 40  PRO L O   1 
ATOM 305  C CB  . PRO A 1 40  ? -15.231 -0.178  -1.983  1.00 55.28  ? 40  PRO L CB  1 
ATOM 306  C CG  . PRO A 1 40  ? -15.303 0.385   -0.581  1.00 50.74  ? 40  PRO L CG  1 
ATOM 307  C CD  . PRO A 1 40  ? -14.541 1.697   -0.723  1.00 46.34  ? 40  PRO L CD  1 
ATOM 308  N N   . GLY A 1 41  ? -12.844 -1.083  -4.255  1.00 54.02  ? 41  GLY L N   1 
ATOM 309  C CA  . GLY A 1 41  ? -12.528 -1.300  -5.658  1.00 57.46  ? 41  GLY L CA  1 
ATOM 310  C C   . GLY A 1 41  ? -11.436 -0.385  -6.170  1.00 52.27  ? 41  GLY L C   1 
ATOM 311  O O   . GLY A 1 41  ? -11.153 -0.345  -7.369  1.00 56.51  ? 41  GLY L O   1 
ATOM 312  N N   . GLN A 1 42  ? -10.819 0.344   -5.251  1.00 44.99  ? 42  GLN L N   1 
ATOM 313  C CA  . GLN A 1 42  ? -9.769  1.282   -5.597  1.00 40.83  ? 42  GLN L CA  1 
ATOM 314  C C   . GLN A 1 42  ? -8.476  0.964   -4.855  1.00 33.76  ? 42  GLN L C   1 
ATOM 315  O O   . GLN A 1 42  ? -8.468  0.261   -3.839  1.00 30.40  ? 42  GLN L O   1 
ATOM 316  C CB  . GLN A 1 42  ? -10.209 2.704   -5.248  1.00 41.03  ? 42  GLN L CB  1 
ATOM 317  C CG  . GLN A 1 42  ? -11.616 3.050   -5.710  1.00 49.10  ? 42  GLN L CG  1 
ATOM 318  C CD  . GLN A 1 42  ? -11.726 3.120   -7.221  1.00 58.67  ? 42  GLN L CD  1 
ATOM 319  O OE1 . GLN A 1 42  ? -12.536 2.420   -7.835  1.00 64.52  ? 42  GLN L OE1 1 
ATOM 320  N NE2 . GLN A 1 42  ? -10.908 3.967   -7.832  1.00 61.10  ? 42  GLN L NE2 1 
ATOM 321  N N   . SER A 1 43  ? -7.380  1.499   -5.368  1.00 31.90  ? 43  SER L N   1 
ATOM 322  C CA  . SER A 1 43  ? -6.088  1.276   -4.756  1.00 25.12  ? 43  SER L CA  1 
ATOM 323  C C   . SER A 1 43  ? -5.900  2.322   -3.685  1.00 23.12  ? 43  SER L C   1 
ATOM 324  O O   . SER A 1 43  ? -6.573  3.343   -3.683  1.00 25.42  ? 43  SER L O   1 
ATOM 325  C CB  . SER A 1 43  ? -4.972  1.385   -5.796  1.00 23.23  ? 43  SER L CB  1 
ATOM 326  O OG  . SER A 1 43  ? -4.642  2.728   -6.065  1.00 24.86  ? 43  SER L OG  1 
ATOM 327  N N   . PRO A 1 44  ? -4.988  2.076   -2.739  1.00 19.85  ? 44  PRO L N   1 
ATOM 328  C CA  . PRO A 1 44  ? -4.755  3.049   -1.674  1.00 17.14  ? 44  PRO L CA  1 
ATOM 329  C C   . PRO A 1 44  ? -4.258  4.368   -2.247  1.00 17.81  ? 44  PRO L C   1 
ATOM 330  O O   . PRO A 1 44  ? -3.636  4.410   -3.309  1.00 18.45  ? 44  PRO L O   1 
ATOM 331  C CB  . PRO A 1 44  ? -3.699  2.371   -0.813  1.00 15.49  ? 44  PRO L CB  1 
ATOM 332  C CG  . PRO A 1 44  ? -3.972  0.921   -1.011  1.00 18.17  ? 44  PRO L CG  1 
ATOM 333  C CD  . PRO A 1 44  ? -4.200  0.854   -2.508  1.00 18.82  ? 44  PRO L CD  1 
ATOM 334  N N   . ALA A 1 45  ? -4.558  5.456   -1.555  1.00 17.29  ? 45  ALA L N   1 
ATOM 335  C CA  . ALA A 1 45  ? -4.103  6.773   -1.979  1.00 19.50  ? 45  ALA L CA  1 
ATOM 336  C C   . ALA A 1 45  ? -3.271  7.318   -0.829  1.00 15.44  ? 45  ALA L C   1 
ATOM 337  O O   . ALA A 1 45  ? -3.700  7.271   0.336   1.00 12.70  ? 45  ALA L O   1 
ATOM 338  C CB  . ALA A 1 45  ? -5.300  7.694   -2.254  1.00 26.39  ? 45  ALA L CB  1 
ATOM 339  N N   . LEU A 1 46  ? -2.083  7.819   -1.145  1.00 15.20  ? 46  LEU L N   1 
ATOM 340  C CA  . LEU A 1 46  ? -1.206  8.373   -0.122  1.00 12.20  ? 46  LEU L CA  1 
ATOM 341  C C   . LEU A 1 46  ? -1.761  9.706   0.375   1.00 14.01  ? 46  LEU L C   1 
ATOM 342  O O   . LEU A 1 46  ? -2.015  10.616  -0.411  1.00 19.84  ? 46  LEU L O   1 
ATOM 343  C CB  . LEU A 1 46  ? 0.207   8.571   -0.673  1.00 14.08  ? 46  LEU L CB  1 
ATOM 344  C CG  . LEU A 1 46  ? 1.240   9.297   0.215   1.00 13.87  ? 46  LEU L CG  1 
ATOM 345  C CD1 . LEU A 1 46  ? 1.475   8.546   1.518   1.00 10.89  ? 46  LEU L CD1 1 
ATOM 346  C CD2 . LEU A 1 46  ? 2.553   9.424   -0.554  1.00 17.84  ? 46  LEU L CD2 1 
ATOM 347  N N   . LEU A 1 47  ? -1.950  9.810   1.686   1.00 11.11  ? 47  LEU L N   1 
ATOM 348  C CA  . LEU A 1 47  ? -2.481  11.035  2.265   1.00 13.66  ? 47  LEU L CA  1 
ATOM 349  C C   . LEU A 1 47  ? -1.448  11.766  3.102   1.00 13.86  ? 47  LEU L C   1 
ATOM 350  O O   . LEU A 1 47  ? -1.355  12.989  3.071   1.00 18.31  ? 47  LEU L O   1 
ATOM 351  C CB  . LEU A 1 47  ? -3.701  10.729  3.141   1.00 12.10  ? 47  LEU L CB  1 
ATOM 352  C CG  . LEU A 1 47  ? -5.002  10.284  2.459   1.00 15.01  ? 47  LEU L CG  1 
ATOM 353  C CD1 . LEU A 1 47  ? -6.111  10.259  3.481   1.00 15.96  ? 47  LEU L CD1 1 
ATOM 354  C CD2 . LEU A 1 47  ? -5.373  11.239  1.346   1.00 21.55  ? 47  LEU L CD2 1 
ATOM 355  N N   . ILE A 1 48  ? -0.663  11.012  3.853   1.00 10.68  ? 48  ILE L N   1 
ATOM 356  C CA  . ILE A 1 48  ? 0.329   11.622  4.714   1.00 15.99  ? 48  ILE L CA  1 
ATOM 357  C C   . ILE A 1 48  ? 1.696   10.945  4.575   1.00 16.76  ? 48  ILE L C   1 
ATOM 358  O O   . ILE A 1 48  ? 1.795   9.714   4.544   1.00 12.67  ? 48  ILE L O   1 
ATOM 359  C CB  . ILE A 1 48  ? -0.144  11.544  6.202   1.00 16.76  ? 48  ILE L CB  1 
ATOM 360  C CG1 . ILE A 1 48  ? -1.480  12.279  6.369   1.00 18.22  ? 48  ILE L CG1 1 
ATOM 361  C CG2 . ILE A 1 48  ? 0.906   12.139  7.133   1.00 23.89  ? 48  ILE L CG2 1 
ATOM 362  C CD1 . ILE A 1 48  ? -1.360  13.789  6.474   1.00 25.99  ? 48  ILE L CD1 1 
ATOM 363  N N   . TYR A 1 49  ? 2.745   11.756  4.473   1.00 22.23  ? 49  TYR L N   1 
ATOM 364  C CA  . TYR A 1 49  ? 4.093   11.214  4.378   1.00 23.97  ? 49  TYR L CA  1 
ATOM 365  C C   . TYR A 1 49  ? 4.939   11.821  5.487   1.00 30.15  ? 49  TYR L C   1 
ATOM 366  O O   . TYR A 1 49  ? 4.743   12.969  5.864   1.00 35.72  ? 49  TYR L O   1 
ATOM 367  C CB  . TYR A 1 49  ? 4.704   11.449  2.974   1.00 25.81  ? 49  TYR L CB  1 
ATOM 368  C CG  . TYR A 1 49  ? 5.197   12.843  2.639   1.00 33.85  ? 49  TYR L CG  1 
ATOM 369  C CD1 . TYR A 1 49  ? 6.448   13.292  3.081   1.00 40.91  ? 49  TYR L CD1 1 
ATOM 370  C CD2 . TYR A 1 49  ? 4.436   13.700  1.843   1.00 36.53  ? 49  TYR L CD2 1 
ATOM 371  C CE1 . TYR A 1 49  ? 6.925   14.569  2.734   1.00 50.32  ? 49  TYR L CE1 1 
ATOM 372  C CE2 . TYR A 1 49  ? 4.903   14.971  1.490   1.00 47.52  ? 49  TYR L CE2 1 
ATOM 373  C CZ  . TYR A 1 49  ? 6.146   15.395  1.939   1.00 54.03  ? 49  TYR L CZ  1 
ATOM 374  O OH  . TYR A 1 49  ? 6.613   16.646  1.586   1.00 65.87  ? 49  TYR L OH  1 
ATOM 375  N N   . SER A 1 50  ? 5.848   11.014  6.030   1.00 30.15  ? 50  SER L N   1 
ATOM 376  C CA  . SER A 1 50  ? 6.753   11.401  7.119   1.00 36.70  ? 50  SER L CA  1 
ATOM 377  C C   . SER A 1 50  ? 6.102   11.757  8.449   1.00 40.60  ? 50  SER L C   1 
ATOM 378  O O   . SER A 1 50  ? 6.572   12.649  9.161   1.00 48.93  ? 50  SER L O   1 
ATOM 379  C CB  . SER A 1 50  ? 7.673   12.539  6.684   1.00 44.59  ? 50  SER L CB  1 
ATOM 380  O OG  . SER A 1 50  ? 8.758   12.016  5.948   1.00 43.13  ? 50  SER L OG  1 
ATOM 381  N N   . GLY A 1 51  ? 5.029   11.048  8.782   1.00 35.60  ? 51  GLY L N   1 
ATOM 382  C CA  . GLY A 1 51  ? 4.353   11.274  10.044  1.00 39.24  ? 51  GLY L CA  1 
ATOM 383  C C   . GLY A 1 51  ? 3.371   12.424  10.111  1.00 42.65  ? 51  GLY L C   1 
ATOM 384  O O   . GLY A 1 51  ? 2.266   12.256  10.626  1.00 40.77  ? 51  GLY L O   1 
ATOM 385  N N   . SER A 1 52  ? 3.764   13.586  9.592   1.00 49.52  ? 52  SER L N   1 
ATOM 386  C CA  . SER A 1 52  ? 2.892   14.757  9.632   1.00 55.35  ? 52  SER L CA  1 
ATOM 387  C C   . SER A 1 52  ? 2.800   15.580  8.362   1.00 55.91  ? 52  SER L C   1 
ATOM 388  O O   . SER A 1 52  ? 2.216   16.656  8.378   1.00 62.84  ? 52  SER L O   1 
ATOM 389  C CB  . SER A 1 52  ? 3.307   15.684  10.779  1.00 67.23  ? 52  SER L CB  1 
ATOM 390  O OG  . SER A 1 52  ? 4.685   15.990  10.725  1.00 72.70  ? 52  SER L OG  1 
ATOM 391  N N   . ASN A 1 53  ? 3.351   15.091  7.260   1.00 50.01  ? 53  ASN L N   1 
ATOM 392  C CA  . ASN A 1 53  ? 3.305   15.851  6.016   1.00 50.89  ? 53  ASN L CA  1 
ATOM 393  C C   . ASN A 1 53  ? 2.274   15.395  5.017   1.00 42.18  ? 53  ASN L C   1 
ATOM 394  O O   . ASN A 1 53  ? 2.126   14.203  4.726   1.00 33.41  ? 53  ASN L O   1 
ATOM 395  C CB  . ASN A 1 53  ? 4.673   15.857  5.348   1.00 53.92  ? 53  ASN L CB  1 
ATOM 396  C CG  . ASN A 1 53  ? 5.729   16.456  6.231   1.00 63.88  ? 53  ASN L CG  1 
ATOM 397  O OD1 . ASN A 1 53  ? 5.702   17.657  6.525   1.00 74.21  ? 53  ASN L OD1 1 
ATOM 398  N ND2 . ASN A 1 53  ? 6.658   15.623  6.683   1.00 62.05  ? 53  ASN L ND2 1 
ATOM 399  N N   . ARG A 1 54  ? 1.562   16.377  4.487   1.00 45.44  ? 54  ARG L N   1 
ATOM 400  C CA  . ARG A 1 54  ? 0.537   16.126  3.501   1.00 38.87  ? 54  ARG L CA  1 
ATOM 401  C C   . ARG A 1 54  ? 1.200   15.797  2.185   1.00 39.46  ? 54  ARG L C   1 
ATOM 402  O O   . ARG A 1 54  ? 2.322   16.230  1.915   1.00 46.68  ? 54  ARG L O   1 
ATOM 403  C CB  . ARG A 1 54  ? -0.323  17.367  3.290   1.00 46.15  ? 54  ARG L CB  1 
ATOM 404  C CG  . ARG A 1 54  ? -1.237  17.753  4.428   1.00 46.62  ? 54  ARG L CG  1 
ATOM 405  C CD  . ARG A 1 54  ? -2.370  18.598  3.846   1.00 49.67  ? 54  ARG L CD  1 
ATOM 406  N NE  . ARG A 1 54  ? -3.230  19.210  4.853   1.00 53.56  ? 54  ARG L NE  1 
ATOM 407  C CZ  . ARG A 1 54  ? -2.847  20.162  5.697   1.00 63.68  ? 54  ARG L CZ  1 
ATOM 408  N NH1 . ARG A 1 54  ? -1.605  20.622  5.666   1.00 71.51  ? 54  ARG L NH1 1 
ATOM 409  N NH2 . ARG A 1 54  ? -3.709  20.662  6.572   1.00 68.60  ? 54  ARG L NH2 1 
ATOM 410  N N   . TYR A 1 55  ? 0.516   15.021  1.360   1.00 33.73  ? 55  TYR L N   1 
ATOM 411  C CA  . TYR A 1 55  ? 1.071   14.729  0.060   1.00 37.34  ? 55  TYR L CA  1 
ATOM 412  C C   . TYR A 1 55  ? 0.456   15.802  -0.812  1.00 45.88  ? 55  TYR L C   1 
ATOM 413  O O   . TYR A 1 55  ? -0.343  16.606  -0.332  1.00 47.09  ? 55  TYR L O   1 
ATOM 414  C CB  . TYR A 1 55  ? 0.670   13.342  -0.432  1.00 30.51  ? 55  TYR L CB  1 
ATOM 415  C CG  . TYR A 1 55  ? 1.312   13.007  -1.752  1.00 35.66  ? 55  TYR L CG  1 
ATOM 416  C CD1 . TYR A 1 55  ? 2.695   13.023  -1.894  1.00 38.63  ? 55  TYR L CD1 1 
ATOM 417  C CD2 . TYR A 1 55  ? 0.540   12.719  -2.873  1.00 37.98  ? 55  TYR L CD2 1 
ATOM 418  C CE1 . TYR A 1 55  ? 3.297   12.765  -3.119  1.00 42.13  ? 55  TYR L CE1 1 
ATOM 419  C CE2 . TYR A 1 55  ? 1.129   12.458  -4.106  1.00 42.87  ? 55  TYR L CE2 1 
ATOM 420  C CZ  . TYR A 1 55  ? 2.508   12.486  -4.222  1.00 44.09  ? 55  TYR L CZ  1 
ATOM 421  O OH  . TYR A 1 55  ? 3.097   12.245  -5.449  1.00 47.53  ? 55  TYR L OH  1 
ATOM 422  N N   . SER A 1 56  ? 0.817   15.817  -2.082  1.00 52.19  ? 56  SER L N   1 
ATOM 423  C CA  . SER A 1 56  ? 0.308   16.815  -3.002  1.00 62.04  ? 56  SER L CA  1 
ATOM 424  C C   . SER A 1 56  ? -1.158  16.606  -3.351  1.00 60.29  ? 56  SER L C   1 
ATOM 425  O O   . SER A 1 56  ? -1.606  15.474  -3.539  1.00 55.58  ? 56  SER L O   1 
ATOM 426  C CB  . SER A 1 56  ? 1.146   16.798  -4.282  1.00 69.52  ? 56  SER L CB  1 
ATOM 427  O OG  . SER A 1 56  ? 2.525   16.621  -3.976  1.00 69.32  ? 56  SER L OG  1 
ATOM 428  N N   . GLY A 1 57  ? -1.893  17.716  -3.432  1.00 67.14  ? 57  GLY L N   1 
ATOM 429  C CA  . GLY A 1 57  ? -3.304  17.682  -3.788  1.00 69.00  ? 57  GLY L CA  1 
ATOM 430  C C   . GLY A 1 57  ? -4.227  17.224  -2.679  1.00 60.40  ? 57  GLY L C   1 
ATOM 431  O O   . GLY A 1 57  ? -5.449  17.208  -2.820  1.00 63.26  ? 57  GLY L O   1 
ATOM 432  N N   . VAL A 1 58  ? -3.622  16.841  -1.567  1.00 51.62  ? 58  VAL L N   1 
ATOM 433  C CA  . VAL A 1 58  ? -4.347  16.373  -0.404  1.00 44.03  ? 58  VAL L CA  1 
ATOM 434  C C   . VAL A 1 58  ? -4.896  17.560  0.376   1.00 47.02  ? 58  VAL L C   1 
ATOM 435  O O   . VAL A 1 58  ? -4.137  18.398  0.855   1.00 49.75  ? 58  VAL L O   1 
ATOM 436  C CB  . VAL A 1 58  ? -3.418  15.551  0.476   1.00 35.76  ? 58  VAL L CB  1 
ATOM 437  C CG1 . VAL A 1 58  ? -4.083  15.250  1.788   1.00 29.99  ? 58  VAL L CG1 1 
ATOM 438  C CG2 . VAL A 1 58  ? -3.035  14.277  -0.252  1.00 33.08  ? 58  VAL L CG2 1 
ATOM 439  N N   . PRO A 1 59  ? -6.228  17.638  0.517   1.00 47.37  ? 59  PRO L N   1 
ATOM 440  C CA  . PRO A 1 59  ? -6.964  18.696  1.220   1.00 51.57  ? 59  PRO L CA  1 
ATOM 441  C C   . PRO A 1 59  ? -6.581  19.012  2.661   1.00 48.57  ? 59  PRO L C   1 
ATOM 442  O O   . PRO A 1 59  ? -6.092  18.164  3.406   1.00 41.60  ? 59  PRO L O   1 
ATOM 443  C CB  . PRO A 1 59  ? -8.422  18.260  1.079   1.00 51.71  ? 59  PRO L CB  1 
ATOM 444  C CG  . PRO A 1 59  ? -8.336  16.776  0.889   1.00 45.61  ? 59  PRO L CG  1 
ATOM 445  C CD  . PRO A 1 59  ? -7.158  16.636  -0.028  1.00 47.30  ? 59  PRO L CD  1 
ATOM 446  N N   . GLY A 1 60  ? -6.839  20.260  3.036   1.00 55.45  ? 60  GLY L N   1 
ATOM 447  C CA  . GLY A 1 60  ? -6.500  20.752  4.360   1.00 59.20  ? 60  GLY L CA  1 
ATOM 448  C C   . GLY A 1 60  ? -7.133  20.134  5.590   1.00 55.94  ? 60  GLY L C   1 
ATOM 449  O O   . GLY A 1 60  ? -6.627  20.339  6.700   1.00 59.64  ? 60  GLY L O   1 
ATOM 450  N N   . ARG A 1 61  ? -8.231  19.396  5.419   1.00 49.68  ? 61  ARG L N   1 
ATOM 451  C CA  . ARG A 1 61  ? -8.900  18.770  6.554   1.00 46.31  ? 61  ARG L CA  1 
ATOM 452  C C   . ARG A 1 61  ? -8.153  17.535  6.982   1.00 39.45  ? 61  ARG L C   1 
ATOM 453  O O   . ARG A 1 61  ? -8.454  16.918  8.005   1.00 38.47  ? 61  ARG L O   1 
ATOM 454  C CB  . ARG A 1 61  ? -10.346 18.403  6.213   1.00 44.85  ? 61  ARG L CB  1 
ATOM 455  C CG  . ARG A 1 61  ? -10.579 17.746  4.863   1.00 42.22  ? 61  ARG L CG  1 
ATOM 456  C CD  . ARG A 1 61  ? -11.981 17.163  4.847   1.00 41.40  ? 61  ARG L CD  1 
ATOM 457  N NE  . ARG A 1 61  ? -12.630 17.121  3.540   1.00 45.85  ? 61  ARG L NE  1 
ATOM 458  C CZ  . ARG A 1 61  ? -12.115 16.561  2.455   1.00 45.82  ? 61  ARG L CZ  1 
ATOM 459  N NH1 . ARG A 1 61  ? -10.911 16.018  2.495   1.00 41.76  ? 61  ARG L NH1 1 
ATOM 460  N NH2 . ARG A 1 61  ? -12.793 16.560  1.320   1.00 51.20  ? 61  ARG L NH2 1 
ATOM 461  N N   . PHE A 1 62  ? -7.165  17.173  6.183   1.00 36.60  ? 62  PHE L N   1 
ATOM 462  C CA  . PHE A 1 62  ? -6.373  16.012  6.500   1.00 31.08  ? 62  PHE L CA  1 
ATOM 463  C C   . PHE A 1 62  ? -5.092  16.449  7.159   1.00 36.20  ? 62  PHE L C   1 
ATOM 464  O O   . PHE A 1 62  ? -4.321  17.219  6.607   1.00 40.66  ? 62  PHE L O   1 
ATOM 465  C CB  . PHE A 1 62  ? -6.099  15.199  5.237   1.00 27.10  ? 62  PHE L CB  1 
ATOM 466  C CG  . PHE A 1 62  ? -7.307  14.484  4.727   1.00 26.28  ? 62  PHE L CG  1 
ATOM 467  C CD1 . PHE A 1 62  ? -8.092  13.727  5.591   1.00 24.46  ? 62  PHE L CD1 1 
ATOM 468  C CD2 . PHE A 1 62  ? -7.680  14.579  3.395   1.00 28.76  ? 62  PHE L CD2 1 
ATOM 469  C CE1 . PHE A 1 62  ? -9.244  13.075  5.134   1.00 26.14  ? 62  PHE L CE1 1 
ATOM 470  C CE2 . PHE A 1 62  ? -8.831  13.931  2.926   1.00 31.49  ? 62  PHE L CE2 1 
ATOM 471  C CZ  . PHE A 1 62  ? -9.612  13.179  3.801   1.00 29.17  ? 62  PHE L CZ  1 
ATOM 472  N N   . THR A 1 63  ? -4.891  15.954  8.366   1.00 36.89  ? 63  THR L N   1 
ATOM 473  C CA  . THR A 1 63  ? -3.715  16.267  9.145   1.00 44.06  ? 63  THR L CA  1 
ATOM 474  C C   . THR A 1 63  ? -3.252  14.948  9.708   1.00 38.60  ? 63  THR L C   1 
ATOM 475  O O   . THR A 1 63  ? -3.938  13.944  9.570   1.00 30.72  ? 63  THR L O   1 
ATOM 476  C CB  . THR A 1 63  ? -4.071  17.232  10.302  1.00 54.96  ? 63  THR L CB  1 
ATOM 477  O OG1 . THR A 1 63  ? -4.235  18.555  9.778   1.00 62.75  ? 63  THR L OG1 1 
ATOM 478  C CG2 . THR A 1 63  ? -2.988  17.233  11.371  1.00 62.56  ? 63  THR L CG2 1 
ATOM 479  N N   . ALA A 1 64  ? -2.081  14.947  10.322  1.00 44.48  ? 64  ALA L N   1 
ATOM 480  C CA  . ALA A 1 64  ? -1.543  13.752  10.931  1.00 40.07  ? 64  ALA L CA  1 
ATOM 481  C C   . ALA A 1 64  ? -0.421  14.200  11.831  1.00 49.50  ? 64  ALA L C   1 
ATOM 482  O O   . ALA A 1 64  ? 0.239   15.200  11.562  1.00 57.87  ? 64  ALA L O   1 
ATOM 483  C CB  . ALA A 1 64  ? -1.025  12.800  9.871   1.00 32.76  ? 64  ALA L CB  1 
ATOM 484  N N   . SER A 1 65  ? -0.219  13.471  12.916  1.00 49.57  ? 65  SER L N   1 
ATOM 485  C CA  . SER A 1 65  ? 0.845   13.812  13.840  1.00 58.13  ? 65  SER L CA  1 
ATOM 486  C C   . SER A 1 65  ? 1.409   12.547  14.407  1.00 54.15  ? 65  SER L C   1 
ATOM 487  O O   . SER A 1 65  ? 0.890   11.456  14.178  1.00 45.75  ? 65  SER L O   1 
ATOM 488  C CB  . SER A 1 65  ? 0.339   14.664  15.007  1.00 67.03  ? 65  SER L CB  1 
ATOM 489  O OG  . SER A 1 65  ? 0.252   13.882  16.189  1.00 66.98  ? 65  SER L OG  1 
ATOM 490  N N   . GLY A 1 66  ? 2.467   12.725  15.180  1.00 60.62  ? 66  GLY L N   1 
ATOM 491  C CA  . GLY A 1 66  ? 3.138   11.605  15.789  1.00 58.79  ? 66  GLY L CA  1 
ATOM 492  C C   . GLY A 1 66  ? 4.587   11.671  15.373  1.00 61.50  ? 66  GLY L C   1 
ATOM 493  O O   . GLY A 1 66  ? 4.960   12.339  14.399  1.00 62.04  ? 66  GLY L O   1 
ATOM 494  N N   . GLY A 1 67  ? 5.410   10.963  16.122  1.00 63.97  ? 67  GLY L N   1 
ATOM 495  C CA  . GLY A 1 67  ? 6.815   10.953  15.823  1.00 66.29  ? 67  GLY L CA  1 
ATOM 496  C C   . GLY A 1 67  ? 7.466   10.178  16.923  1.00 69.10  ? 67  GLY L C   1 
ATOM 497  O O   . GLY A 1 67  ? 8.019   10.744  17.854  1.00 78.60  ? 67  GLY L O   1 
ATOM 498  N N   . GLY A 1 68  ? 7.373   8.864   16.823  1.00 61.69  ? 68  GLY L N   1 
ATOM 499  C CA  . GLY A 1 68  ? 7.972   8.019   17.823  1.00 66.41  ? 68  GLY L CA  1 
ATOM 500  C C   . GLY A 1 68  ? 7.392   6.640   17.710  1.00 60.49  ? 68  GLY L C   1 
ATOM 501  O O   . GLY A 1 68  ? 7.810   5.844   16.867  1.00 55.02  ? 68  GLY L O   1 
ATOM 502  N N   . THR A 1 69  ? 6.400   6.361   18.548  1.00 62.64  ? 69  THR L N   1 
ATOM 503  C CA  . THR A 1 69  ? 5.776   5.053   18.539  1.00 58.98  ? 69  THR L CA  1 
ATOM 504  C C   . THR A 1 69  ? 4.259   5.151   18.445  1.00 54.45  ? 69  THR L C   1 
ATOM 505  O O   . THR A 1 69  ? 3.584   4.153   18.222  1.00 52.07  ? 69  THR L O   1 
ATOM 506  C CB  . THR A 1 69  ? 6.185   4.264   19.801  1.00 68.57  ? 69  THR L CB  1 
ATOM 507  O OG1 . THR A 1 69  ? 5.644   2.942   19.741  1.00 67.62  ? 69  THR L OG1 1 
ATOM 508  C CG2 . THR A 1 69  ? 5.682   4.971   21.054  1.00 76.09  ? 69  THR L CG2 1 
ATOM 509  N N   . ASP A 1 70  ? 3.731   6.363   18.601  1.00 56.87  ? 70  ASP L N   1 
ATOM 510  C CA  . ASP A 1 70  ? 2.294   6.581   18.528  1.00 53.73  ? 70  ASP L CA  1 
ATOM 511  C C   . ASP A 1 70  ? 1.992   7.660   17.515  1.00 48.53  ? 70  ASP L C   1 
ATOM 512  O O   . ASP A 1 70  ? 2.554   8.752   17.583  1.00 54.07  ? 70  ASP L O   1 
ATOM 513  C CB  . ASP A 1 70  ? 1.743   7.007   19.881  1.00 64.07  ? 70  ASP L CB  1 
ATOM 514  C CG  . ASP A 1 70  ? 2.248   6.152   20.996  1.00 72.59  ? 70  ASP L CG  1 
ATOM 515  O OD1 . ASP A 1 70  ? 1.624   5.104   21.266  1.00 73.70  ? 70  ASP L OD1 1 
ATOM 516  O OD2 . ASP A 1 70  ? 3.286   6.517   21.593  1.00 79.66  ? 70  ASP L OD2 1 
ATOM 517  N N   . PHE A 1 71  ? 1.085   7.360   16.589  1.00 41.40  ? 71  PHE L N   1 
ATOM 518  C CA  . PHE A 1 71  ? 0.723   8.320   15.549  1.00 37.70  ? 71  PHE L CA  1 
ATOM 519  C C   . PHE A 1 71  ? -0.788  8.490   15.423  1.00 36.56  ? 71  PHE L C   1 
ATOM 520  O O   . PHE A 1 71  ? -1.544  7.539   15.604  1.00 34.22  ? 71  PHE L O   1 
ATOM 521  C CB  . PHE A 1 71  ? 1.311   7.866   14.216  1.00 33.05  ? 71  PHE L CB  1 
ATOM 522  C CG  . PHE A 1 71  ? 2.761   7.493   14.293  1.00 35.35  ? 71  PHE L CG  1 
ATOM 523  C CD1 . PHE A 1 71  ? 3.157   6.268   14.835  1.00 35.88  ? 71  PHE L CD1 1 
ATOM 524  C CD2 . PHE A 1 71  ? 3.747   8.389   13.865  1.00 37.88  ? 71  PHE L CD2 1 
ATOM 525  C CE1 . PHE A 1 71  ? 4.514   5.943   14.950  1.00 38.33  ? 71  PHE L CE1 1 
ATOM 526  C CE2 . PHE A 1 71  ? 5.100   8.069   13.976  1.00 40.43  ? 71  PHE L CE2 1 
ATOM 527  C CZ  . PHE A 1 71  ? 5.480   6.847   14.520  1.00 40.48  ? 71  PHE L CZ  1 
ATOM 528  N N   . SER A 1 72  ? -1.219  9.704   15.095  1.00 38.31  ? 72  SER L N   1 
ATOM 529  C CA  . SER A 1 72  ? -2.636  10.024  14.945  1.00 36.71  ? 72  SER L CA  1 
ATOM 530  C C   . SER A 1 72  ? -2.984  10.724  13.629  1.00 32.77  ? 72  SER L C   1 
ATOM 531  O O   . SER A 1 72  ? -2.341  11.698  13.226  1.00 36.42  ? 72  SER L O   1 
ATOM 532  C CB  . SER A 1 72  ? -3.109  10.902  16.113  1.00 46.61  ? 72  SER L CB  1 
ATOM 533  O OG  . SER A 1 72  ? -3.045  10.196  17.338  1.00 51.71  ? 72  SER L OG  1 
ATOM 534  N N   . PHE A 1 73  ? -4.021  10.215  12.973  1.00 26.81  ? 73  PHE L N   1 
ATOM 535  C CA  . PHE A 1 73  ? -4.496  10.764  11.712  1.00 23.50  ? 73  PHE L CA  1 
ATOM 536  C C   . PHE A 1 73  ? -5.690  11.597  12.111  1.00 28.29  ? 73  PHE L C   1 
ATOM 537  O O   . PHE A 1 73  ? -6.457  11.191  12.985  1.00 31.65  ? 73  PHE L O   1 
ATOM 538  C CB  . PHE A 1 73  ? -4.927  9.635   10.771  1.00 17.85  ? 73  PHE L CB  1 
ATOM 539  C CG  . PHE A 1 73  ? -5.327  10.107  9.398   1.00 15.16  ? 73  PHE L CG  1 
ATOM 540  C CD1 . PHE A 1 73  ? -4.375  10.581  8.510   1.00 14.05  ? 73  PHE L CD1 1 
ATOM 541  C CD2 . PHE A 1 73  ? -6.663  10.102  9.009   1.00 15.96  ? 73  PHE L CD2 1 
ATOM 542  C CE1 . PHE A 1 73  ? -4.742  11.050  7.254   1.00 13.72  ? 73  PHE L CE1 1 
ATOM 543  C CE2 . PHE A 1 73  ? -7.042  10.569  7.752   1.00 16.41  ? 73  PHE L CE2 1 
ATOM 544  C CZ  . PHE A 1 73  ? -6.076  11.046  6.874   1.00 14.52  ? 73  PHE L CZ  1 
ATOM 545  N N   . THR A 1 74  ? -5.872  12.748  11.484  1.00 29.12  ? 74  THR L N   1 
ATOM 546  C CA  . THR A 1 74  ? -6.978  13.598  11.884  1.00 34.77  ? 74  THR L CA  1 
ATOM 547  C C   . THR A 1 74  ? -7.705  14.311  10.759  1.00 33.70  ? 74  THR L C   1 
ATOM 548  O O   . THR A 1 74  ? -7.099  14.698  9.759   1.00 31.67  ? 74  THR L O   1 
ATOM 549  C CB  . THR A 1 74  ? -6.492  14.662  12.917  1.00 44.84  ? 74  THR L CB  1 
ATOM 550  O OG1 . THR A 1 74  ? -6.219  14.027  14.180  1.00 48.87  ? 74  THR L OG1 1 
ATOM 551  C CG2 . THR A 1 74  ? -7.535  15.751  13.104  1.00 50.65  ? 74  THR L CG2 1 
ATOM 552  N N   . ILE A 1 75  ? -9.017  14.475  10.936  1.00 34.45  ? 75  ILE L N   1 
ATOM 553  C CA  . ILE A 1 75  ? -9.852  15.173  9.953   1.00 33.33  ? 75  ILE L CA  1 
ATOM 554  C C   . ILE A 1 75  ? -10.618 16.291  10.678  1.00 41.63  ? 75  ILE L C   1 
ATOM 555  O O   . ILE A 1 75  ? -11.484 16.027  11.525  1.00 44.57  ? 75  ILE L O   1 
ATOM 556  C CB  . ILE A 1 75  ? -10.862 14.212  9.251   1.00 31.14  ? 75  ILE L CB  1 
ATOM 557  C CG1 . ILE A 1 75  ? -10.139 12.968  8.730   1.00 26.86  ? 75  ILE L CG1 1 
ATOM 558  C CG2 . ILE A 1 75  ? -11.488 14.901  8.063   1.00 31.39  ? 75  ILE L CG2 1 
ATOM 559  C CD1 . ILE A 1 75  ? -11.021 12.057  7.911   1.00 26.01  ? 75  ILE L CD1 1 
ATOM 560  N N   . SER A 1 76  ? -10.291 17.535  10.334  1.00 46.25  ? 76  SER L N   1 
ATOM 561  C CA  . SER A 1 76  ? -10.887 18.711  10.956  1.00 55.68  ? 76  SER L CA  1 
ATOM 562  C C   . SER A 1 76  ? -12.408 18.743  10.884  1.00 56.09  ? 76  SER L C   1 
ATOM 563  O O   . SER A 1 76  ? -13.080 18.914  11.907  1.00 60.63  ? 76  SER L O   1 
ATOM 564  C CB  . SER A 1 76  ? -10.316 19.979  10.318  1.00 62.73  ? 76  SER L CB  1 
ATOM 565  O OG  . SER A 1 76  ? -10.739 20.123  8.973   1.00 60.23  ? 76  SER L OG  1 
ATOM 566  N N   . SER A 1 77  ? -12.930 18.606  9.669   1.00 52.84  ? 77  SER L N   1 
ATOM 567  C CA  . SER A 1 77  ? -14.361 18.583  9.411   1.00 54.10  ? 77  SER L CA  1 
ATOM 568  C C   . SER A 1 77  ? -14.640 17.541  8.330   1.00 46.91  ? 77  SER L C   1 
ATOM 569  O O   . SER A 1 77  ? -14.442 17.788  7.132   1.00 47.19  ? 77  SER L O   1 
ATOM 570  C CB  . SER A 1 77  ? -14.863 19.952  8.951   1.00 62.13  ? 77  SER L CB  1 
ATOM 571  O OG  . SER A 1 77  ? -16.278 19.956  8.853   1.00 66.24  ? 77  SER L OG  1 
ATOM 572  N N   . VAL A 1 78  ? -15.099 16.376  8.785   1.00 43.34  ? 78  VAL L N   1 
ATOM 573  C CA  . VAL A 1 78  ? -15.420 15.228  7.938   1.00 39.57  ? 78  VAL L CA  1 
ATOM 574  C C   . VAL A 1 78  ? -16.508 15.449  6.891   1.00 42.85  ? 78  VAL L C   1 
ATOM 575  O O   . VAL A 1 78  ? -17.568 16.008  7.186   1.00 48.28  ? 78  VAL L O   1 
ATOM 576  C CB  . VAL A 1 78  ? -15.831 14.019  8.807   1.00 35.76  ? 78  VAL L CB  1 
ATOM 577  C CG1 . VAL A 1 78  ? -16.348 12.896  7.935   1.00 35.28  ? 78  VAL L CG1 1 
ATOM 578  C CG2 . VAL A 1 78  ? -14.649 13.544  9.602   1.00 35.28  ? 78  VAL L CG2 1 
ATOM 579  N N   . GLN A 1 79  ? -16.221 14.991  5.668   1.00 40.92  ? 79  GLN L N   1 
ATOM 580  C CA  . GLN A 1 79  ? -17.139 15.093  4.531   1.00 45.67  ? 79  GLN L CA  1 
ATOM 581  C C   . GLN A 1 79  ? -17.577 13.696  4.139   1.00 43.86  ? 79  GLN L C   1 
ATOM 582  O O   . GLN A 1 79  ? -16.884 12.718  4.422   1.00 40.24  ? 79  GLN L O   1 
ATOM 583  C CB  . GLN A 1 79  ? -16.467 15.767  3.325   1.00 48.92  ? 79  GLN L CB  1 
ATOM 584  C CG  . GLN A 1 79  ? -15.789 17.096  3.639   1.00 51.53  ? 79  GLN L CG  1 
ATOM 585  C CD  . GLN A 1 79  ? -15.719 18.042  2.440   1.00 57.72  ? 79  GLN L CD  1 
ATOM 586  O OE1 . GLN A 1 79  ? -15.332 17.653  1.331   1.00 59.70  ? 79  GLN L OE1 1 
ATOM 587  N NE2 . GLN A 1 79  ? -16.088 19.303  2.668   1.00 65.24  ? 79  GLN L NE2 1 
ATOM 588  N N   . GLY A 1 80  ? -18.724 13.611  3.480   1.00 48.27  ? 80  GLY L N   1 
ATOM 589  C CA  . GLY A 1 80  ? -19.266 12.330  3.067   1.00 52.27  ? 80  GLY L CA  1 
ATOM 590  C C   . GLY A 1 80  ? -18.342 11.375  2.331   1.00 53.75  ? 80  GLY L C   1 
ATOM 591  O O   . GLY A 1 80  ? -18.544 10.161  2.392   1.00 64.81  ? 80  GLY L O   1 
ATOM 592  N N   . GLU A 1 81  ? -17.331 11.908  1.644   1.00 49.77  ? 81  GLU L N   1 
ATOM 593  C CA  . GLU A 1 81  ? -16.387 11.097  0.878   1.00 50.10  ? 81  GLU L CA  1 
ATOM 594  C C   . GLU A 1 81  ? -15.146 10.713  1.669   1.00 44.11  ? 81  GLU L C   1 
ATOM 595  O O   . GLU A 1 81  ? -14.151 10.259  1.097   1.00 43.92  ? 81  GLU L O   1 
ATOM 596  C CB  . GLU A 1 81  ? -15.946 11.841  -0.383  1.00 54.67  ? 81  GLU L CB  1 
ATOM 597  C CG  . GLU A 1 81  ? -15.296 13.189  -0.097  1.00 53.62  ? 81  GLU L CG  1 
ATOM 598  C CD  . GLU A 1 81  ? -16.304 14.316  0.046   1.00 56.78  ? 81  GLU L CD  1 
ATOM 599  O OE1 . GLU A 1 81  ? -17.400 14.088  0.597   1.00 56.47  ? 81  GLU L OE1 1 
ATOM 600  O OE2 . GLU A 1 81  ? -16.001 15.443  -0.392  1.00 59.91  ? 81  GLU L OE2 1 
ATOM 601  N N   . ASP A 1 82  ? -15.197 10.901  2.983   1.00 39.85  ? 82  ASP L N   1 
ATOM 602  C CA  . ASP A 1 82  ? -14.061 10.557  3.828   1.00 35.51  ? 82  ASP L CA  1 
ATOM 603  C C   . ASP A 1 82  ? -14.394 9.320   4.638   1.00 33.12  ? 82  ASP L C   1 
ATOM 604  O O   . ASP A 1 82  ? -13.595 8.845   5.441   1.00 30.28  ? 82  ASP L O   1 
ATOM 605  C CB  . ASP A 1 82  ? -13.733 11.714  4.777   1.00 32.95  ? 82  ASP L CB  1 
ATOM 606  C CG  . ASP A 1 82  ? -13.433 13.005  4.042   1.00 35.92  ? 82  ASP L CG  1 
ATOM 607  O OD1 . ASP A 1 82  ? -12.961 12.945  2.883   1.00 38.32  ? 82  ASP L OD1 1 
ATOM 608  O OD2 . ASP A 1 82  ? -13.657 14.077  4.624   1.00 36.12  ? 82  ASP L OD2 1 
ATOM 609  N N   . LEU A 1 83  ? -15.594 8.805   4.421   1.00 35.74  ? 83  LEU L N   1 
ATOM 610  C CA  . LEU A 1 83  ? -16.056 7.637   5.136   1.00 34.14  ? 83  LEU L CA  1 
ATOM 611  C C   . LEU A 1 83  ? -15.504 6.392   4.493   1.00 34.98  ? 83  LEU L C   1 
ATOM 612  O O   . LEU A 1 83  ? -16.240 5.504   4.071   1.00 37.14  ? 83  LEU L O   1 
ATOM 613  C CB  . LEU A 1 83  ? -17.573 7.638   5.152   1.00 42.98  ? 83  LEU L CB  1 
ATOM 614  C CG  . LEU A 1 83  ? -17.978 8.835   6.006   1.00 34.22  ? 83  LEU L CG  1 
ATOM 615  C CD1 . LEU A 1 83  ? -19.225 9.474   5.457   1.00 50.59  ? 83  LEU L CD1 1 
ATOM 616  C CD2 . LEU A 1 83  ? -18.154 8.388   7.431   1.00 36.21  ? 83  LEU L CD2 1 
ATOM 617  N N   . ALA A 1 84  ? -14.179 6.338   4.460   1.00 31.73  ? 84  ALA L N   1 
ATOM 618  C CA  . ALA A 1 84  ? -13.455 5.237   3.862   1.00 31.05  ? 84  ALA L CA  1 
ATOM 619  C C   . ALA A 1 84  ? -12.509 4.589   4.848   1.00 26.86  ? 84  ALA L C   1 
ATOM 620  O O   . ALA A 1 84  ? -12.623 4.777   6.061   1.00 25.72  ? 84  ALA L O   1 
ATOM 621  C CB  . ALA A 1 84  ? -12.679 5.738   2.653   1.00 31.23  ? 84  ALA L CB  1 
ATOM 622  N N   . LEU A 1 85  ? -11.577 3.819   4.299   1.00 24.31  ? 85  LEU L N   1 
ATOM 623  C CA  . LEU A 1 85  ? -10.569 3.114   5.075   1.00 21.24  ? 85  LEU L CA  1 
ATOM 624  C C   . LEU A 1 85  ? -9.275  3.915   5.112   1.00 16.16  ? 85  LEU L C   1 
ATOM 625  O O   . LEU A 1 85  ? -8.875  4.509   4.112   1.00 15.70  ? 85  LEU L O   1 
ATOM 626  C CB  . LEU A 1 85  ? -10.264 1.765   4.442   1.00 23.11  ? 85  LEU L CB  1 
ATOM 627  C CG  . LEU A 1 85  ? -11.197 0.588   4.671   1.00 28.94  ? 85  LEU L CG  1 
ATOM 628  C CD1 . LEU A 1 85  ? -11.037 -0.420  3.541   1.00 32.60  ? 85  LEU L CD1 1 
ATOM 629  C CD2 . LEU A 1 85  ? -10.895 -0.039  6.029   1.00 29.78  ? 85  LEU L CD2 1 
ATOM 630  N N   . TYR A 1 86  ? -8.624  3.910   6.272   1.00 14.04  ? 86  TYR L N   1 
ATOM 631  C CA  . TYR A 1 86  ? -7.365  4.598   6.448   1.00 10.96  ? 86  TYR L CA  1 
ATOM 632  C C   . TYR A 1 86  ? -6.343  3.626   6.965   1.00 10.82  ? 86  TYR L C   1 
ATOM 633  O O   . TYR A 1 86  ? -6.544  2.986   7.989   1.00 12.80  ? 86  TYR L O   1 
ATOM 634  C CB  . TYR A 1 86  ? -7.515  5.768   7.403   1.00 12.32  ? 86  TYR L CB  1 
ATOM 635  C CG  . TYR A 1 86  ? -8.441  6.794   6.839   1.00 14.67  ? 86  TYR L CG  1 
ATOM 636  C CD1 . TYR A 1 86  ? -9.821  6.670   6.986   1.00 18.35  ? 86  TYR L CD1 1 
ATOM 637  C CD2 . TYR A 1 86  ? -7.949  7.849   6.072   1.00 14.07  ? 86  TYR L CD2 1 
ATOM 638  C CE1 . TYR A 1 86  ? -10.687 7.572   6.381   1.00 21.58  ? 86  TYR L CE1 1 
ATOM 639  C CE2 . TYR A 1 86  ? -8.809  8.756   5.461   1.00 18.57  ? 86  TYR L CE2 1 
ATOM 640  C CZ  . TYR A 1 86  ? -10.174 8.606   5.625   1.00 22.21  ? 86  TYR L CZ  1 
ATOM 641  O OH  . TYR A 1 86  ? -11.025 9.508   5.051   1.00 26.51  ? 86  TYR L OH  1 
ATOM 642  N N   . TYR A 1 87  ? -5.247  3.512   6.222   1.00 9.31   ? 87  TYR L N   1 
ATOM 643  C CA  . TYR A 1 87  ? -4.169  2.614   6.577   1.00 10.01  ? 87  TYR L CA  1 
ATOM 644  C C   . TYR A 1 87  ? -2.896  3.320   7.059   1.00 8.60   ? 87  TYR L C   1 
ATOM 645  O O   . TYR A 1 87  ? -2.475  4.362   6.548   1.00 6.72   ? 87  TYR L O   1 
ATOM 646  C CB  . TYR A 1 87  ? -3.798  1.714   5.394   1.00 11.29  ? 87  TYR L CB  1 
ATOM 647  C CG  . TYR A 1 87  ? -4.833  0.700   5.009   1.00 15.15  ? 87  TYR L CG  1 
ATOM 648  C CD1 . TYR A 1 87  ? -4.945  -0.502  5.698   1.00 19.76  ? 87  TYR L CD1 1 
ATOM 649  C CD2 . TYR A 1 87  ? -5.717  0.949   3.964   1.00 15.31  ? 87  TYR L CD2 1 
ATOM 650  C CE1 . TYR A 1 87  ? -5.923  -1.442  5.359   1.00 23.30  ? 87  TYR L CE1 1 
ATOM 651  C CE2 . TYR A 1 87  ? -6.701  0.021   3.609   1.00 19.22  ? 87  TYR L CE2 1 
ATOM 652  C CZ  . TYR A 1 87  ? -6.801  -1.170  4.308   1.00 22.82  ? 87  TYR L CZ  1 
ATOM 653  O OH  . TYR A 1 87  ? -7.777  -2.081  3.962   1.00 28.33  ? 87  TYR L OH  1 
ATOM 654  N N   . CYS A 1 88  ? -2.289  2.673   8.040   1.00 12.56  ? 88  CYS L N   1 
ATOM 655  C CA  . CYS A 1 88  ? -1.055  3.077   8.684   1.00 14.21  ? 88  CYS L CA  1 
ATOM 656  C C   . CYS A 1 88  ? 0.046   2.217   8.041   1.00 14.03  ? 88  CYS L C   1 
ATOM 657  O O   . CYS A 1 88  ? -0.192  1.046   7.736   1.00 15.40  ? 88  CYS L O   1 
ATOM 658  C CB  . CYS A 1 88  ? -1.184  2.746   10.174  1.00 18.95  ? 88  CYS L CB  1 
ATOM 659  S SG  . CYS A 1 88  ? 0.201   3.318   11.157  1.00 22.14  ? 88  CYS L SG  1 
ATOM 660  N N   . GLN A 1 89  ? 1.228   2.789   7.816   1.00 13.31  ? 89  GLN L N   1 
ATOM 661  C CA  . GLN A 1 89  ? 2.356   2.043   7.242   1.00 12.79  ? 89  GLN L CA  1 
ATOM 662  C C   . GLN A 1 89  ? 3.669   2.604   7.732   1.00 14.45  ? 89  GLN L C   1 
ATOM 663  O O   . GLN A 1 89  ? 3.878   3.827   7.742   1.00 14.90  ? 89  GLN L O   1 
ATOM 664  C CB  . GLN A 1 89  ? 2.386   2.111   5.712   1.00 9.40   ? 89  GLN L CB  1 
ATOM 665  C CG  . GLN A 1 89  ? 3.522   1.284   5.104   1.00 10.26  ? 89  GLN L CG  1 
ATOM 666  C CD  . GLN A 1 89  ? 4.155   1.933   3.890   1.00 10.68  ? 89  GLN L CD  1 
ATOM 667  O OE1 . GLN A 1 89  ? 5.206   1.501   3.425   1.00 11.76  ? 89  GLN L OE1 1 
ATOM 668  N NE2 . GLN A 1 89  ? 3.522   2.976   3.371   1.00 9.97   ? 89  GLN L NE2 1 
ATOM 669  N N   . GLN A 1 90  ? 4.558   1.700   8.125   1.00 16.56  ? 90  GLN L N   1 
ATOM 670  C CA  . GLN A 1 90  ? 5.878   2.068   8.593   1.00 19.74  ? 90  GLN L CA  1 
ATOM 671  C C   . GLN A 1 90  ? 6.919   1.801   7.513   1.00 18.47  ? 90  GLN L C   1 
ATOM 672  O O   . GLN A 1 90  ? 6.994   0.690   6.996   1.00 17.73  ? 90  GLN L O   1 
ATOM 673  C CB  . GLN A 1 90  ? 6.227   1.268   9.843   1.00 24.69  ? 90  GLN L CB  1 
ATOM 674  C CG  . GLN A 1 90  ? 7.703   1.048   10.006  1.00 28.19  ? 90  GLN L CG  1 
ATOM 675  C CD  . GLN A 1 90  ? 8.143   -0.265  9.422   1.00 29.53  ? 90  GLN L CD  1 
ATOM 676  O OE1 . GLN A 1 90  ? 9.298   -0.429  9.047   1.00 32.17  ? 90  GLN L OE1 1 
ATOM 677  N NE2 . GLN A 1 90  ? 7.223   -1.222  9.354   1.00 28.37  ? 90  GLN L NE2 1 
ATOM 678  N N   . HIS A 1 91  ? 7.698   2.824   7.159   1.00 19.74  ? 91  HIS L N   1 
ATOM 679  C CA  . HIS A 1 91  ? 8.776   2.670   6.171   1.00 21.03  ? 91  HIS L CA  1 
ATOM 680  C C   . HIS A 1 91  ? 10.079  3.167   6.778   1.00 24.64  ? 91  HIS L C   1 
ATOM 681  O O   . HIS A 1 91  ? 10.733  4.063   6.244   1.00 25.24  ? 91  HIS L O   1 
ATOM 682  C CB  . HIS A 1 91  ? 8.483   3.418   4.856   1.00 20.28  ? 91  HIS L CB  1 
ATOM 683  C CG  . HIS A 1 91  ? 8.075   4.847   5.033   1.00 19.43  ? 91  HIS L CG  1 
ATOM 684  N ND1 . HIS A 1 91  ? 8.933   5.824   5.492   1.00 22.27  ? 91  HIS L ND1 1 
ATOM 685  C CD2 . HIS A 1 91  ? 6.901   5.472   4.771   1.00 17.53  ? 91  HIS L CD2 1 
ATOM 686  C CE1 . HIS A 1 91  ? 8.307   6.989   5.503   1.00 23.07  ? 91  HIS L CE1 1 
ATOM 687  N NE2 . HIS A 1 91  ? 7.073   6.802   5.070   1.00 19.89  ? 91  HIS L NE2 1 
ATOM 688  N N   . TYR A 1 92  ? 10.425  2.558   7.910   1.00 27.13  ? 92  TYR L N   1 
ATOM 689  C CA  . TYR A 1 92  ? 11.630  2.867   8.671   1.00 29.72  ? 92  TYR L CA  1 
ATOM 690  C C   . TYR A 1 92  ? 12.601  1.703   8.474   1.00 33.87  ? 92  TYR L C   1 
ATOM 691  O O   . TYR A 1 92  ? 13.765  1.908   8.147   1.00 58.64  ? 92  TYR L O   1 
ATOM 692  C CB  . TYR A 1 92  ? 11.263  3.037   10.149  1.00 38.23  ? 92  TYR L CB  1 
ATOM 693  C CG  . TYR A 1 92  ? 12.427  3.267   11.080  1.00 53.53  ? 92  TYR L CG  1 
ATOM 694  C CD1 . TYR A 1 92  ? 13.185  4.434   11.020  1.00 78.91  ? 92  TYR L CD1 1 
ATOM 695  C CD2 . TYR A 1 92  ? 12.771  2.306   12.029  1.00 53.61  ? 92  TYR L CD2 1 
ATOM 696  C CE1 . TYR A 1 92  ? 14.263  4.637   11.891  1.00 93.07  ? 92  TYR L CE1 1 
ATOM 697  C CE2 . TYR A 1 92  ? 13.846  2.495   12.896  1.00 79.18  ? 92  TYR L CE2 1 
ATOM 698  C CZ  . TYR A 1 92  ? 14.582  3.658   12.823  1.00 91.76  ? 92  TYR L CZ  1 
ATOM 699  O OH  . TYR A 1 92  ? 15.621  3.838   13.698  1.00 99.94  ? 92  TYR L OH  1 
ATOM 700  N N   . THR A 1 93  ? 12.112  0.482   8.663   1.00 36.81  ? 93  THR L N   1 
ATOM 701  C CA  . THR A 1 93  ? 12.942  -0.702  8.463   1.00 42.45  ? 93  THR L CA  1 
ATOM 702  C C   . THR A 1 93  ? 12.142  -1.812  7.828   1.00 43.27  ? 93  THR L C   1 
ATOM 703  O O   . THR A 1 93  ? 10.975  -2.013  8.159   1.00 40.81  ? 93  THR L O   1 
ATOM 704  C CB  . THR A 1 93  ? 13.542  -1.274  9.788   1.00 49.95  ? 93  THR L CB  1 
ATOM 705  O OG1 . THR A 1 93  ? 12.519  -1.935  10.551  1.00 53.71  ? 93  THR L OG1 1 
ATOM 706  C CG2 . THR A 1 93  ? 14.174  -0.166  10.613  1.00 48.21  ? 93  THR L CG2 1 
ATOM 707  N N   . THR A 1 94  ? 12.771  -2.543  6.916   1.00 46.76  ? 94  THR L N   1 
ATOM 708  C CA  . THR A 1 94  ? 12.090  -3.654  6.267   1.00 46.92  ? 94  THR L CA  1 
ATOM 709  C C   . THR A 1 94  ? 12.053  -4.819  7.228   1.00 55.28  ? 94  THR L C   1 
ATOM 710  O O   . THR A 1 94  ? 12.901  -4.943  8.112   1.00 62.37  ? 94  THR L O   1 
ATOM 711  C CB  . THR A 1 94  ? 12.803  -4.121  4.991   1.00 48.92  ? 94  THR L CB  1 
ATOM 712  O OG1 . THR A 1 94  ? 14.115  -4.591  5.317   1.00 56.15  ? 94  THR L OG1 1 
ATOM 713  C CG2 . THR A 1 94  ? 12.894  -2.986  3.988   1.00 44.26  ? 94  THR L CG2 1 
ATOM 714  N N   . PRO A 1 95  ? 11.049  -5.685  7.084   1.00 54.83  ? 95  PRO L N   1 
ATOM 715  C CA  . PRO A 1 95  ? 9.978   -5.602  6.075   1.00 44.00  ? 95  PRO L CA  1 
ATOM 716  C C   . PRO A 1 95  ? 8.975   -4.455  6.340   1.00 34.55  ? 95  PRO L C   1 
ATOM 717  O O   . PRO A 1 95  ? 8.565   -4.249  7.483   1.00 35.87  ? 95  PRO L O   1 
ATOM 718  C CB  . PRO A 1 95  ? 9.319   -6.972  6.183   1.00 46.86  ? 95  PRO L CB  1 
ATOM 719  C CG  . PRO A 1 95  ? 9.486   -7.291  7.670   1.00 58.00  ? 95  PRO L CG  1 
ATOM 720  C CD  . PRO A 1 95  ? 10.921  -6.902  7.905   1.00 65.00  ? 95  PRO L CD  1 
ATOM 721  N N   . TRP A 1 96  ? 8.596   -3.704  5.304   1.00 27.46  ? 96  TRP L N   1 
ATOM 722  C CA  . TRP A 1 96  ? 7.606   -2.627  5.471   1.00 21.54  ? 96  TRP L CA  1 
ATOM 723  C C   . TRP A 1 96  ? 6.316   -3.315  5.920   1.00 19.91  ? 96  TRP L C   1 
ATOM 724  O O   . TRP A 1 96  ? 6.007   -4.409  5.442   1.00 20.79  ? 96  TRP L O   1 
ATOM 725  C CB  . TRP A 1 96  ? 7.260   -1.933  4.149   1.00 18.03  ? 96  TRP L CB  1 
ATOM 726  C CG  . TRP A 1 96  ? 8.345   -1.257  3.363   1.00 21.20  ? 96  TRP L CG  1 
ATOM 727  C CD1 . TRP A 1 96  ? 8.320   -1.011  2.023   1.00 20.73  ? 96  TRP L CD1 1 
ATOM 728  C CD2 . TRP A 1 96  ? 9.549   -0.657  3.856   1.00 25.74  ? 96  TRP L CD2 1 
ATOM 729  N NE1 . TRP A 1 96  ? 9.424   -0.294  1.646   1.00 24.60  ? 96  TRP L NE1 1 
ATOM 730  C CE2 . TRP A 1 96  ? 10.198  -0.060  2.750   1.00 27.76  ? 96  TRP L CE2 1 
ATOM 731  C CE3 . TRP A 1 96  ? 10.144  -0.563  5.121   1.00 28.15  ? 96  TRP L CE3 1 
ATOM 732  C CZ2 . TRP A 1 96  ? 11.416  0.628   2.869   1.00 31.88  ? 96  TRP L CZ2 1 
ATOM 733  C CZ3 . TRP A 1 96  ? 11.365  0.127   5.240   1.00 31.79  ? 96  TRP L CZ3 1 
ATOM 734  C CH2 . TRP A 1 96  ? 11.980  0.711   4.117   1.00 33.18  ? 96  TRP L CH2 1 
ATOM 735  N N   . THR A 1 97  ? 5.553   -2.685  6.811   1.00 18.73  ? 97  THR L N   1 
ATOM 736  C CA  . THR A 1 97  ? 4.306   -3.281  7.275   1.00 19.30  ? 97  THR L CA  1 
ATOM 737  C C   . THR A 1 97  ? 3.189   -2.251  7.431   1.00 18.11  ? 97  THR L C   1 
ATOM 738  O O   . THR A 1 97  ? 3.440   -1.058  7.648   1.00 16.20  ? 97  THR L O   1 
ATOM 739  C CB  . THR A 1 97  ? 4.491   -4.040  8.607   1.00 29.16  ? 97  THR L CB  1 
ATOM 740  O OG1 . THR A 1 97  ? 5.185   -3.213  9.544   1.00 30.58  ? 97  THR L OG1 1 
ATOM 741  C CG2 . THR A 1 97  ? 5.268   -5.324  8.386   1.00 33.51  ? 97  THR L CG2 1 
ATOM 742  N N   . PHE A 1 98  ? 1.951   -2.726  7.308   1.00 20.74  ? 98  PHE L N   1 
ATOM 743  C CA  . PHE A 1 98  ? 0.775   -1.871  7.406   1.00 20.47  ? 98  PHE L CA  1 
ATOM 744  C C   . PHE A 1 98  ? -0.120  -2.228  8.581   1.00 26.50  ? 98  PHE L C   1 
ATOM 745  O O   . PHE A 1 98  ? -0.180  -3.385  9.005   1.00 32.69  ? 98  PHE L O   1 
ATOM 746  C CB  . PHE A 1 98  ? -0.093  -1.987  6.140   1.00 19.10  ? 98  PHE L CB  1 
ATOM 747  C CG  . PHE A 1 98  ? 0.613   -1.643  4.854   1.00 15.76  ? 98  PHE L CG  1 
ATOM 748  C CD1 . PHE A 1 98  ? 1.423   -2.577  4.203   1.00 16.12  ? 98  PHE L CD1 1 
ATOM 749  C CD2 . PHE A 1 98  ? 0.412   -0.399  4.256   1.00 13.79  ? 98  PHE L CD2 1 
ATOM 750  C CE1 . PHE A 1 98  ? 2.019   -2.274  2.966   1.00 14.35  ? 98  PHE L CE1 1 
ATOM 751  C CE2 . PHE A 1 98  ? 1.007   -0.082  3.016   1.00 12.84  ? 98  PHE L CE2 1 
ATOM 752  C CZ  . PHE A 1 98  ? 1.809   -1.020  2.371   1.00 13.09  ? 98  PHE L CZ  1 
ATOM 753  N N   . GLY A 1 99  ? -0.835  -1.234  9.094   1.00 25.45  ? 99  GLY L N   1 
ATOM 754  C CA  . GLY A 1 99  ? -1.774  -1.491  10.169  1.00 31.09  ? 99  GLY L CA  1 
ATOM 755  C C   . GLY A 1 99  ? -2.976  -2.205  9.554   1.00 33.64  ? 99  GLY L C   1 
ATOM 756  O O   . GLY A 1 99  ? -3.117  -2.257  8.337   1.00 30.36  ? 99  GLY L O   1 
ATOM 757  N N   . GLY A 1 100 ? -3.848  -2.754  10.385  1.00 40.39  ? 100 GLY L N   1 
ATOM 758  C CA  . GLY A 1 100 ? -5.009  -3.465  9.874   1.00 44.35  ? 100 GLY L CA  1 
ATOM 759  C C   . GLY A 1 100 ? -6.089  -2.576  9.287   1.00 38.57  ? 100 GLY L C   1 
ATOM 760  O O   . GLY A 1 100 ? -7.058  -3.049  8.720   1.00 40.72  ? 100 GLY L O   1 
ATOM 761  N N   . GLY A 1 101 ? -5.927  -1.277  9.437   1.00 31.85  ? 101 GLY L N   1 
ATOM 762  C CA  . GLY A 1 101 ? -6.905  -0.367  8.890   1.00 26.98  ? 101 GLY L CA  1 
ATOM 763  C C   . GLY A 1 101 ? -8.022  0.026   9.835   1.00 28.77  ? 101 GLY L C   1 
ATOM 764  O O   . GLY A 1 101 ? -8.379  -0.711  10.743  1.00 35.64  ? 101 GLY L O   1 
ATOM 765  N N   . THR A 1 102 ? -8.564  1.213   9.590   1.00 24.37  ? 102 THR L N   1 
ATOM 766  C CA  . THR A 1 102 ? -9.652  1.781   10.360  1.00 26.49  ? 102 THR L CA  1 
ATOM 767  C C   . THR A 1 102 ? -10.637 2.338   9.359   1.00 23.86  ? 102 THR L C   1 
ATOM 768  O O   . THR A 1 102 ? -10.283 3.196   8.545   1.00 20.28  ? 102 THR L O   1 
ATOM 769  C CB  . THR A 1 102 ? -9.174  2.950   11.260  1.00 24.24  ? 102 THR L CB  1 
ATOM 770  O OG1 . THR A 1 102 ? -8.319  2.435   12.293  1.00 27.90  ? 102 THR L OG1 1 
ATOM 771  C CG2 . THR A 1 102 ? -10.379 3.685   11.885  1.00 28.00  ? 102 THR L CG2 1 
ATOM 772  N N   . LYS A 1 103 ? -11.870 1.839   9.425   1.00 28.04  ? 103 LYS L N   1 
ATOM 773  C CA  . LYS A 1 103 ? -12.952 2.269   8.537   1.00 28.59  ? 103 LYS L CA  1 
ATOM 774  C C   . LYS A 1 103 ? -13.848 3.272   9.263   1.00 29.20  ? 103 LYS L C   1 
ATOM 775  O O   . LYS A 1 103 ? -14.426 2.957   10.301  1.00 31.55  ? 103 LYS L O   1 
ATOM 776  C CB  . LYS A 1 103 ? -13.788 1.046   8.095   1.00 34.35  ? 103 LYS L CB  1 
ATOM 777  C CG  . LYS A 1 103 ? -15.129 1.357   7.415   1.00 35.38  ? 103 LYS L CG  1 
ATOM 778  C CD  . LYS A 1 103 ? -14.943 2.156   6.122   1.00 34.08  ? 103 LYS L CD  1 
ATOM 779  C CE  . LYS A 1 103 ? -16.218 2.226   5.270   1.00 37.52  ? 103 LYS L CE  1 
ATOM 780  N NZ  . LYS A 1 103 ? -17.344 3.003   5.881   1.00 50.38  ? 103 LYS L NZ  1 
ATOM 781  N N   . LEU A 1 104 ? -13.941 4.483   8.728   1.00 27.74  ? 104 LEU L N   1 
ATOM 782  C CA  . LEU A 1 104 ? -14.799 5.499   9.323   1.00 28.85  ? 104 LEU L CA  1 
ATOM 783  C C   . LEU A 1 104 ? -16.227 5.258   8.832   1.00 29.84  ? 104 LEU L C   1 
ATOM 784  O O   . LEU A 1 104 ? -16.470 5.007   7.651   1.00 30.11  ? 104 LEU L O   1 
ATOM 785  C CB  . LEU A 1 104 ? -14.374 6.915   8.909   1.00 28.16  ? 104 LEU L CB  1 
ATOM 786  C CG  . LEU A 1 104 ? -13.362 7.690   9.762   1.00 28.03  ? 104 LEU L CG  1 
ATOM 787  C CD1 . LEU A 1 104 ? -12.014 7.017   9.718   1.00 25.13  ? 104 LEU L CD1 1 
ATOM 788  C CD2 . LEU A 1 104 ? -13.242 9.111   9.235   1.00 28.19  ? 104 LEU L CD2 1 
ATOM 789  N N   . GLU A 1 105 ? -17.171 5.335   9.750   1.00 40.84  ? 105 GLU L N   1 
ATOM 790  C CA  . GLU A 1 105 ? -18.549 5.141   9.383   1.00 60.27  ? 105 GLU L CA  1 
ATOM 791  C C   . GLU A 1 105 ? -19.437 6.164   10.101  1.00 46.50  ? 105 GLU L C   1 
ATOM 792  O O   . GLU A 1 105 ? -19.137 6.603   11.220  1.00 40.53  ? 105 GLU L O   1 
ATOM 793  C CB  . GLU A 1 105 ? -18.976 3.706   9.716   1.00 85.51  ? 105 GLU L CB  1 
ATOM 794  C CG  . GLU A 1 105 ? -18.948 3.369   11.199  1.00 66.90  ? 105 GLU L CG  1 
ATOM 795  C CD  . GLU A 1 105 ? -20.344 3.156   11.775  1.00 85.50  ? 105 GLU L CD  1 
ATOM 796  O OE1 . GLU A 1 105 ? -21.067 2.278   11.274  1.00 98.77  ? 105 GLU L OE1 1 
ATOM 797  O OE2 . GLU A 1 105 ? -20.723 3.858   12.736  1.00 78.56  ? 105 GLU L OE2 1 
ATOM 798  N N   . ILE A 1 106 ? -20.530 6.520   9.427   1.00 54.67  ? 106 ILE L N   1 
ATOM 799  C CA  . ILE A 1 106 ? -21.516 7.472   9.907   1.00 68.74  ? 106 ILE L CA  1 
ATOM 800  C C   . ILE A 1 106 ? -22.370 6.938   11.058  1.00 83.30  ? 106 ILE L C   1 
ATOM 801  O O   . ILE A 1 106 ? -22.980 5.865   10.974  1.00 91.43  ? 106 ILE L O   1 
ATOM 802  C CB  . ILE A 1 106 ? -22.461 7.893   8.752   1.00 84.24  ? 106 ILE L CB  1 
ATOM 803  C CG1 . ILE A 1 106 ? -21.681 8.684   7.693   1.00 66.86  ? 106 ILE L CG1 1 
ATOM 804  C CG2 . ILE A 1 106 ? -23.631 8.710   9.284   1.00 100.00 ? 106 ILE L CG2 1 
ATOM 805  C CD1 . ILE A 1 106 ? -21.154 10.043  8.153   1.00 40.91  ? 106 ILE L CD1 1 
ATOM 806  N N   . LYS A 1 107 ? -22.406 7.714   12.135  1.00 71.67  ? 107 LYS L N   1 
ATOM 807  C CA  . LYS A 1 107 ? -23.189 7.406   13.326  1.00 72.98  ? 107 LYS L CA  1 
ATOM 808  C C   . LYS A 1 107 ? -24.643 7.764   13.023  1.00 92.69  ? 107 LYS L C   1 
ATOM 809  O O   . LYS A 1 107 ? -24.904 8.794   12.431  1.00 91.47  ? 107 LYS L O   1 
ATOM 810  C CB  . LYS A 1 107 ? -22.706 8.288   14.473  1.00 69.48  ? 107 LYS L CB  1 
ATOM 811  C CG  . LYS A 1 107 ? -22.470 7.588   15.776  1.00 75.57  ? 107 LYS L CG  1 
ATOM 812  C CD  . LYS A 1 107 ? -23.744 7.310   16.512  1.00 82.25  ? 107 LYS L CD  1 
ATOM 813  C CE  . LYS A 1 107 ? -23.397 6.745   17.874  1.00 88.22  ? 107 LYS L CE  1 
ATOM 814  N NZ  . LYS A 1 107 ? -24.598 6.472   18.705  1.00 93.05  ? 107 LYS L NZ  1 
ATOM 815  N N   . ARG A 1 108 ? -25.583 6.917   13.412  1.00 100.00 ? 108 ARG L N   1 
ATOM 816  C CA  . ARG A 1 108 ? -26.993 7.215   13.197  1.00 100.00 ? 108 ARG L CA  1 
ATOM 817  C C   . ARG A 1 108 ? -27.841 6.567   14.282  1.00 100.00 ? 108 ARG L C   1 
ATOM 818  O O   . ARG A 1 108 ? -27.322 5.900   15.179  1.00 99.93  ? 108 ARG L O   1 
ATOM 819  C CB  . ARG A 1 108 ? -27.470 6.743   11.821  1.00 100.00 ? 108 ARG L CB  1 
ATOM 820  C CG  . ARG A 1 108 ? -27.363 5.240   11.568  1.00 100.00 ? 108 ARG L CG  1 
ATOM 821  C CD  . ARG A 1 108 ? -28.502 4.781   10.658  1.00 99.96  ? 108 ARG L CD  1 
ATOM 822  N NE  . ARG A 1 108 ? -29.753 4.762   11.394  1.00 98.76  ? 108 ARG L NE  1 
ATOM 823  C CZ  . ARG A 1 108 ? -30.954 4.805   10.832  1.00 94.03  ? 108 ARG L CZ  1 
ATOM 824  N NH1 . ARG A 1 108 ? -31.074 4.871   9.513   1.00 92.08  ? 108 ARG L NH1 1 
ATOM 825  N NH2 . ARG A 1 108 ? -32.036 4.774   11.597  1.00 92.82  ? 108 ARG L NH2 1 
ATOM 826  N N   . ALA B 2 1   ? 1.955   13.452  -15.751 1.00 94.33  ? 1   ALA H N   1 
ATOM 827  C CA  . ALA B 2 1   ? 0.966   12.348  -15.593 1.00 88.18  ? 1   ALA H CA  1 
ATOM 828  C C   . ALA B 2 1   ? 1.624   10.977  -15.294 1.00 77.45  ? 1   ALA H C   1 
ATOM 829  O O   . ALA B 2 1   ? 1.704   10.114  -16.169 1.00 74.05  ? 1   ALA H O   1 
ATOM 830  C CB  . ALA B 2 1   ? 0.088   12.266  -16.862 1.00 91.48  ? 1   ALA H CB  1 
ATOM 831  N N   . VAL B 2 2   ? 2.107   10.786  -14.068 1.00 71.34  ? 2   VAL H N   1 
ATOM 832  C CA  . VAL B 2 2   ? 2.716   9.510   -13.687 1.00 60.04  ? 2   VAL H CA  1 
ATOM 833  C C   . VAL B 2 2   ? 1.598   8.481   -13.634 1.00 54.15  ? 2   VAL H C   1 
ATOM 834  O O   . VAL B 2 2   ? 0.489   8.783   -13.199 1.00 58.51  ? 2   VAL H O   1 
ATOM 835  C CB  . VAL B 2 2   ? 3.389   9.564   -12.299 1.00 54.62  ? 2   VAL H CB  1 
ATOM 836  C CG1 . VAL B 2 2   ? 3.793   8.166   -11.862 1.00 42.88  ? 2   VAL H CG1 1 
ATOM 837  C CG2 . VAL B 2 2   ? 4.617   10.444  -12.359 1.00 59.86  ? 2   VAL H CG2 1 
ATOM 838  N N   . HIS B 2 3   ? 1.894   7.258   -14.052 1.00 46.35  ? 3   HIS H N   1 
ATOM 839  C CA  . HIS B 2 3   ? 0.858   6.254   -14.084 1.00 43.44  ? 3   HIS H CA  1 
ATOM 840  C C   . HIS B 2 3   ? 1.362   4.822   -14.176 1.00 35.15  ? 3   HIS H C   1 
ATOM 841  O O   . HIS B 2 3   ? 2.354   4.518   -14.850 1.00 33.12  ? 3   HIS H O   1 
ATOM 842  C CB  . HIS B 2 3   ? -0.074  6.570   -15.253 1.00 52.82  ? 3   HIS H CB  1 
ATOM 843  C CG  . HIS B 2 3   ? -1.265  5.674   -15.342 1.00 52.88  ? 3   HIS H CG  1 
ATOM 844  N ND1 . HIS B 2 3   ? -1.252  4.486   -16.041 1.00 49.54  ? 3   HIS H ND1 1 
ATOM 845  C CD2 . HIS B 2 3   ? -2.509  5.794   -14.822 1.00 59.03  ? 3   HIS H CD2 1 
ATOM 846  C CE1 . HIS B 2 3   ? -2.439  3.914   -15.950 1.00 53.74  ? 3   HIS H CE1 1 
ATOM 847  N NE2 . HIS B 2 3   ? -3.220  4.688   -15.216 1.00 59.26  ? 3   HIS H NE2 1 
ATOM 848  N N   . LEU B 2 4   ? 0.649   3.950   -13.467 1.00 30.24  ? 4   LEU H N   1 
ATOM 849  C CA  . LEU B 2 4   ? 0.942   2.537   -13.415 1.00 24.15  ? 4   LEU H CA  1 
ATOM 850  C C   . LEU B 2 4   ? -0.328  1.789   -13.819 1.00 27.05  ? 4   LEU H C   1 
ATOM 851  O O   . LEU B 2 4   ? -1.357  1.856   -13.137 1.00 28.84  ? 4   LEU H O   1 
ATOM 852  C CB  . LEU B 2 4   ? 1.348   2.132   -12.007 1.00 17.57  ? 4   LEU H CB  1 
ATOM 853  C CG  . LEU B 2 4   ? 2.488   2.878   -11.319 1.00 16.24  ? 4   LEU H CG  1 
ATOM 854  C CD1 . LEU B 2 4   ? 2.670   2.277   -9.929  1.00 10.69  ? 4   LEU H CD1 1 
ATOM 855  C CD2 . LEU B 2 4   ? 3.789   2.773   -12.112 1.00 19.11  ? 4   LEU H CD2 1 
ATOM 856  N N   . GLN B 2 5   ? -0.248  1.078   -14.935 1.00 28.96  ? 5   GLN H N   1 
ATOM 857  C CA  . GLN B 2 5   ? -1.376  0.314   -15.449 1.00 34.06  ? 5   GLN H CA  1 
ATOM 858  C C   . GLN B 2 5   ? -1.075  -1.175  -15.294 1.00 30.19  ? 5   GLN H C   1 
ATOM 859  O O   . GLN B 2 5   ? -0.089  -1.680  -15.836 1.00 28.96  ? 5   GLN H O   1 
ATOM 860  C CB  . GLN B 2 5   ? -1.603  0.665   -16.920 1.00 43.08  ? 5   GLN H CB  1 
ATOM 861  C CG  . GLN B 2 5   ? -2.772  -0.035  -17.583 1.00 50.93  ? 5   GLN H CG  1 
ATOM 862  C CD  . GLN B 2 5   ? -4.102  0.320   -16.955 1.00 57.19  ? 5   GLN H CD  1 
ATOM 863  O OE1 . GLN B 2 5   ? -4.313  1.451   -16.505 1.00 59.31  ? 5   GLN H OE1 1 
ATOM 864  N NE2 . GLN B 2 5   ? -5.022  -0.641  -16.939 1.00 61.28  ? 5   GLN H NE2 1 
ATOM 865  N N   . GLN B 2 6   ? -1.925  -1.870  -14.542 1.00 29.10  ? 6   GLN H N   1 
ATOM 866  C CA  . GLN B 2 6   ? -1.741  -3.294  -14.298 1.00 25.59  ? 6   GLN H CA  1 
ATOM 867  C C   . GLN B 2 6   ? -2.614  -4.141  -15.196 1.00 33.68  ? 6   GLN H C   1 
ATOM 868  O O   . GLN B 2 6   ? -3.628  -3.673  -15.715 1.00 41.82  ? 6   GLN H O   1 
ATOM 869  C CB  . GLN B 2 6   ? -2.055  -3.636  -12.838 1.00 20.62  ? 6   GLN H CB  1 
ATOM 870  C CG  . GLN B 2 6   ? -1.111  -3.010  -11.824 1.00 13.78  ? 6   GLN H CG  1 
ATOM 871  C CD  . GLN B 2 6   ? -1.421  -3.454  -10.401 1.00 10.29  ? 6   GLN H CD  1 
ATOM 872  O OE1 . GLN B 2 6   ? -1.562  -2.631  -9.498  1.00 8.42   ? 6   GLN H OE1 1 
ATOM 873  N NE2 . GLN B 2 6   ? -1.530  -4.758  -10.199 1.00 10.28  ? 6   GLN H NE2 1 
ATOM 874  N N   . SER B 2 7   ? -2.216  -5.402  -15.351 1.00 32.79  ? 7   SER H N   1 
ATOM 875  C CA  . SER B 2 7   ? -2.926  -6.366  -16.185 1.00 40.30  ? 7   SER H CA  1 
ATOM 876  C C   . SER B 2 7   ? -4.219  -6.925  -15.575 1.00 42.06  ? 7   SER H C   1 
ATOM 877  O O   . SER B 2 7   ? -4.483  -6.801  -14.373 1.00 37.01  ? 7   SER H O   1 
ATOM 878  C CB  . SER B 2 7   ? -1.981  -7.514  -16.572 1.00 40.59  ? 7   SER H CB  1 
ATOM 879  O OG  . SER B 2 7   ? -1.295  -8.042  -15.452 1.00 33.02  ? 7   SER H OG  1 
ATOM 880  N N   . GLY B 2 8   ? -5.009  -7.557  -16.433 1.00 50.63  ? 8   GLY H N   1 
ATOM 881  C CA  . GLY B 2 8   ? -6.297  -8.082  -16.039 1.00 53.53  ? 8   GLY H CA  1 
ATOM 882  C C   . GLY B 2 8   ? -6.413  -9.196  -15.035 1.00 47.60  ? 8   GLY H C   1 
ATOM 883  O O   . GLY B 2 8   ? -5.434  -9.827  -14.647 1.00 41.63  ? 8   GLY H O   1 
ATOM 884  N N   . THR B 2 9   ? -7.659  -9.437  -14.634 1.00 50.66  ? 9   THR H N   1 
ATOM 885  C CA  . THR B 2 9   ? -8.008  -10.463 -13.663 1.00 46.52  ? 9   THR H CA  1 
ATOM 886  C C   . THR B 2 9   ? -7.463  -11.826 -14.046 1.00 44.89  ? 9   THR H C   1 
ATOM 887  O O   . THR B 2 9   ? -7.416  -12.182 -15.211 1.00 49.78  ? 9   THR H O   1 
ATOM 888  C CB  . THR B 2 9   ? -9.535  -10.535 -13.500 1.00 54.35  ? 9   THR H CB  1 
ATOM 889  O OG1 . THR B 2 9   ? -10.011 -9.268  -13.026 1.00 63.57  ? 9   THR H OG1 1 
ATOM 890  C CG2 . THR B 2 9   ? -9.931  -11.615 -12.505 1.00 58.39  ? 9   THR H CG2 1 
ATOM 891  N N   . GLU B 2 10  ? -7.059  -12.583 -13.034 1.00 40.11  ? 10  GLU H N   1 
ATOM 892  C CA  . GLU B 2 10  ? -6.463  -13.901 -13.212 1.00 39.16  ? 10  GLU H CA  1 
ATOM 893  C C   . GLU B 2 10  ? -7.222  -15.019 -12.504 1.00 37.64  ? 10  GLU H C   1 
ATOM 894  O O   . GLU B 2 10  ? -7.440  -14.976 -11.283 1.00 43.44  ? 10  GLU H O   1 
ATOM 895  C CB  . GLU B 2 10  ? -5.025  -13.884 -12.669 1.00 34.99  ? 10  GLU H CB  1 
ATOM 896  C CG  . GLU B 2 10  ? -3.938  -14.261 -13.653 1.00 37.67  ? 10  GLU H CG  1 
ATOM 897  C CD  . GLU B 2 10  ? -3.695  -13.183 -14.679 1.00 40.69  ? 10  GLU H CD  1 
ATOM 898  O OE1 . GLU B 2 10  ? -3.446  -12.024 -14.270 1.00 37.54  ? 10  GLU H OE1 1 
ATOM 899  O OE2 . GLU B 2 10  ? -3.751  -13.497 -15.888 1.00 46.71  ? 10  GLU H OE2 1 
ATOM 900  N N   . LEU B 2 11  ? -7.623  -16.018 -13.283 1.00 45.63  ? 11  LEU H N   1 
ATOM 901  C CA  . LEU B 2 11  ? -8.304  -17.183 -12.735 1.00 58.56  ? 11  LEU H CA  1 
ATOM 902  C C   . LEU B 2 11  ? -7.250  -18.275 -12.885 1.00 44.97  ? 11  LEU H C   1 
ATOM 903  O O   . LEU B 2 11  ? -6.919  -18.691 -13.993 1.00 43.25  ? 11  LEU H O   1 
ATOM 904  C CB  . LEU B 2 11  ? -9.566  -17.506 -13.540 1.00 55.01  ? 11  LEU H CB  1 
ATOM 905  C CG  . LEU B 2 11  ? -10.638 -16.403 -13.540 1.00 74.27  ? 11  LEU H CG  1 
ATOM 906  C CD1 . LEU B 2 11  ? -11.835 -16.837 -14.381 1.00 86.46  ? 11  LEU H CD1 1 
ATOM 907  C CD2 . LEU B 2 11  ? -11.075 -16.105 -12.108 1.00 93.34  ? 11  LEU H CD2 1 
ATOM 908  N N   . VAL B 2 12  ? -6.695  -18.705 -11.757 1.00 39.92  ? 12  VAL H N   1 
ATOM 909  C CA  . VAL B 2 12  ? -5.638  -19.705 -11.767 1.00 33.43  ? 12  VAL H CA  1 
ATOM 910  C C   . VAL B 2 12  ? -5.961  -20.919 -10.905 1.00 36.43  ? 12  VAL H C   1 
ATOM 911  O O   . VAL B 2 12  ? -6.657  -20.821 -9.882  1.00 34.12  ? 12  VAL H O   1 
ATOM 912  C CB  . VAL B 2 12  ? -4.303  -19.090 -11.277 1.00 32.51  ? 12  VAL H CB  1 
ATOM 913  C CG1 . VAL B 2 12  ? -4.108  -17.723 -11.891 1.00 33.76  ? 12  VAL H CG1 1 
ATOM 914  C CG2 . VAL B 2 12  ? -4.295  -18.981 -9.769  1.00 28.82  ? 12  VAL H CG2 1 
ATOM 915  N N   . ALA B 2 13  ? -5.440  -22.064 -11.321 1.00 40.95  ? 13  ALA H N   1 
ATOM 916  C CA  . ALA B 2 13  ? -5.677  -23.301 -10.603 1.00 46.17  ? 13  ALA H CA  1 
ATOM 917  C C   . ALA B 2 13  ? -4.500  -23.591 -9.707  1.00 40.05  ? 13  ALA H C   1 
ATOM 918  O O   . ALA B 2 13  ? -3.400  -23.095 -9.943  1.00 38.94  ? 13  ALA H O   1 
ATOM 919  C CB  . ALA B 2 13  ? -5.869  -24.440 -11.583 1.00 56.26  ? 13  ALA H CB  1 
ATOM 920  N N   . PRO B 2 14  ? -4.724  -24.374 -8.642  1.00 45.35  ? 14  PRO H N   1 
ATOM 921  C CA  . PRO B 2 14  ? -3.676  -24.751 -7.693  1.00 47.99  ? 14  PRO H CA  1 
ATOM 922  C C   . PRO B 2 14  ? -2.419  -25.192 -8.441  1.00 51.30  ? 14  PRO H C   1 
ATOM 923  O O   . PRO B 2 14  ? -2.495  -25.708 -9.565  1.00 54.76  ? 14  PRO H O   1 
ATOM 924  C CB  . PRO B 2 14  ? -4.343  -25.864 -6.910  1.00 57.00  ? 14  PRO H CB  1 
ATOM 925  C CG  . PRO B 2 14  ? -5.719  -25.302 -6.736  1.00 53.86  ? 14  PRO H CG  1 
ATOM 926  C CD  . PRO B 2 14  ? -6.047  -24.789 -8.135  1.00 48.54  ? 14  PRO H CD  1 
ATOM 927  N N   . GLY B 2 15  ? -1.259  -24.999 -7.828  1.00 51.82  ? 15  GLY H N   1 
ATOM 928  C CA  . GLY B 2 15  ? -0.044  -25.322 -8.540  1.00 54.70  ? 15  GLY H CA  1 
ATOM 929  C C   . GLY B 2 15  ? -0.107  -24.345 -9.702  1.00 51.23  ? 15  GLY H C   1 
ATOM 930  O O   . GLY B 2 15  ? -1.087  -23.619 -9.853  1.00 45.67  ? 15  GLY H O   1 
ATOM 931  N N   . GLY B 2 16  ? 0.911   -24.305 -10.541 1.00 55.20  ? 16  GLY H N   1 
ATOM 932  C CA  . GLY B 2 16  ? 0.848   -23.363 -11.634 1.00 52.71  ? 16  GLY H CA  1 
ATOM 933  C C   . GLY B 2 16  ? 1.112   -21.986 -11.067 1.00 44.59  ? 16  GLY H C   1 
ATOM 934  O O   . GLY B 2 16  ? 0.505   -21.569 -10.075 1.00 39.04  ? 16  GLY H O   1 
ATOM 935  N N   . GLY B 2 17  ? 2.065   -21.301 -11.683 1.00 44.75  ? 17  GLY H N   1 
ATOM 936  C CA  . GLY B 2 17  ? 2.401   -19.963 -11.270 1.00 39.25  ? 17  GLY H CA  1 
ATOM 937  C C   . GLY B 2 17  ? 1.794   -18.989 -12.254 1.00 37.95  ? 17  GLY H C   1 
ATOM 938  O O   . GLY B 2 17  ? 1.335   -19.375 -13.336 1.00 43.43  ? 17  GLY H O   1 
ATOM 939  N N   . VAL B 2 18  ? 1.761   -17.721 -11.875 1.00 32.38  ? 18  VAL H N   1 
ATOM 940  C CA  . VAL B 2 18  ? 1.234   -16.696 -12.754 1.00 33.54  ? 18  VAL H CA  1 
ATOM 941  C C   . VAL B 2 18  ? 2.169   -15.498 -12.630 1.00 29.45  ? 18  VAL H C   1 
ATOM 942  O O   . VAL B 2 18  ? 2.673   -15.194 -11.543 1.00 25.51  ? 18  VAL H O   1 
ATOM 943  C CB  . VAL B 2 18  ? -0.231  -16.308 -12.383 1.00 33.50  ? 18  VAL H CB  1 
ATOM 944  C CG1 . VAL B 2 18  ? -0.315  -15.854 -10.930 1.00 29.94  ? 18  VAL H CG1 1 
ATOM 945  C CG2 . VAL B 2 18  ? -0.718  -15.213 -13.300 1.00 34.14  ? 18  VAL H CG2 1 
ATOM 946  N N   . LYS B 2 19  ? 2.431   -14.856 -13.760 1.00 30.72  ? 19  LYS H N   1 
ATOM 947  C CA  . LYS B 2 19  ? 3.304   -13.701 -13.792 1.00 27.72  ? 19  LYS H CA  1 
ATOM 948  C C   . LYS B 2 19  ? 2.443   -12.482 -14.135 1.00 27.39  ? 19  LYS H C   1 
ATOM 949  O O   . LYS B 2 19  ? 1.733   -12.467 -15.147 1.00 33.39  ? 19  LYS H O   1 
ATOM 950  C CB  . LYS B 2 19  ? 4.406   -13.928 -14.839 1.00 29.90  ? 19  LYS H CB  1 
ATOM 951  C CG  . LYS B 2 19  ? 5.545   -12.914 -14.804 1.00 30.67  ? 19  LYS H CG  1 
ATOM 952  C CD  . LYS B 2 19  ? 6.795   -13.424 -15.527 1.00 36.94  ? 19  LYS H CD  1 
ATOM 953  C CE  . LYS B 2 19  ? 7.898   -12.352 -15.543 1.00 39.02  ? 19  LYS H CE  1 
ATOM 954  N NZ  . LYS B 2 19  ? 9.192   -12.793 -16.147 1.00 49.32  ? 19  LYS H NZ  1 
ATOM 955  N N   . LEU B 2 20  ? 2.497   -11.469 -13.278 1.00 23.87  ? 20  LEU H N   1 
ATOM 956  C CA  . LEU B 2 20  ? 1.708   -10.255 -13.466 1.00 23.58  ? 20  LEU H CA  1 
ATOM 957  C C   . LEU B 2 20  ? 2.567   -9.109  -13.953 1.00 23.20  ? 20  LEU H C   1 
ATOM 958  O O   . LEU B 2 20  ? 3.766   -9.070  -13.686 1.00 22.40  ? 20  LEU H O   1 
ATOM 959  C CB  . LEU B 2 20  ? 1.040   -9.851  -12.145 1.00 20.28  ? 20  LEU H CB  1 
ATOM 960  C CG  . LEU B 2 20  ? -0.141  -10.667 -11.608 1.00 21.81  ? 20  LEU H CG  1 
ATOM 961  C CD1 . LEU B 2 20  ? 0.129   -12.149 -11.703 1.00 24.90  ? 20  LEU H CD1 1 
ATOM 962  C CD2 . LEU B 2 20  ? -0.382  -10.272 -10.171 1.00 17.72  ? 20  LEU H CD2 1 
ATOM 963  N N   . SER B 2 21  ? 1.952   -8.160  -14.651 1.00 25.92  ? 21  SER H N   1 
ATOM 964  C CA  . SER B 2 21  ? 2.704   -7.022  -15.163 1.00 27.02  ? 21  SER H CA  1 
ATOM 965  C C   . SER B 2 21  ? 2.218   -5.654  -14.698 1.00 24.46  ? 21  SER H C   1 
ATOM 966  O O   . SER B 2 21  ? 1.087   -5.497  -14.223 1.00 22.71  ? 21  SER H O   1 
ATOM 967  C CB  . SER B 2 21  ? 2.727   -7.043  -16.695 1.00 33.09  ? 21  SER H CB  1 
ATOM 968  O OG  . SER B 2 21  ? 1.433   -6.834  -17.235 1.00 36.52  ? 21  SER H OG  1 
ATOM 969  N N   . CYS B 2 22  ? 3.105   -4.672  -14.853 1.00 25.47  ? 22  CYS H N   1 
ATOM 970  C CA  . CYS B 2 22  ? 2.839   -3.285  -14.496 1.00 23.42  ? 22  CYS H CA  1 
ATOM 971  C C   . CYS B 2 22  ? 3.548   -2.344  -15.475 1.00 26.52  ? 22  CYS H C   1 
ATOM 972  O O   . CYS B 2 22  ? 4.761   -2.155  -15.400 1.00 27.20  ? 22  CYS H O   1 
ATOM 973  C CB  . CYS B 2 22  ? 3.335   -2.987  -13.082 1.00 19.48  ? 22  CYS H CB  1 
ATOM 974  S SG  . CYS B 2 22  ? 2.839   -1.336  -12.490 1.00 16.69  ? 22  CYS H SG  1 
ATOM 975  N N   . GLY B 2 23  ? 2.785   -1.765  -16.394 1.00 28.01  ? 23  GLY H N   1 
ATOM 976  C CA  . GLY B 2 23  ? 3.361   -0.847  -17.356 1.00 31.57  ? 23  GLY H CA  1 
ATOM 977  C C   . GLY B 2 23  ? 3.431   0.545   -16.756 1.00 29.14  ? 23  GLY H C   1 
ATOM 978  O O   . GLY B 2 23  ? 2.396   1.144   -16.458 1.00 28.84  ? 23  GLY H O   1 
ATOM 979  N N   . ALA B 2 24  ? 4.651   1.056   -16.588 1.00 28.78  ? 24  ALA H N   1 
ATOM 980  C CA  . ALA B 2 24  ? 4.888   2.374   -16.009 1.00 29.21  ? 24  ALA H CA  1 
ATOM 981  C C   . ALA B 2 24  ? 5.159   3.441   -17.054 1.00 34.39  ? 24  ALA H C   1 
ATOM 982  O O   . ALA B 2 24  ? 6.026   3.275   -17.902 1.00 38.26  ? 24  ALA H O   1 
ATOM 983  C CB  . ALA B 2 24  ? 6.061   2.304   -15.049 1.00 27.27  ? 24  ALA H CB  1 
ATOM 984  N N   . SER B 2 25  ? 4.427   4.546   -16.974 1.00 37.60  ? 25  SER H N   1 
ATOM 985  C CA  . SER B 2 25  ? 4.611   5.632   -17.925 1.00 47.70  ? 25  SER H CA  1 
ATOM 986  C C   . SER B 2 25  ? 4.584   7.005   -17.265 1.00 53.03  ? 25  SER H C   1 
ATOM 987  O O   . SER B 2 25  ? 4.051   7.176   -16.169 1.00 49.35  ? 25  SER H O   1 
ATOM 988  C CB  . SER B 2 25  ? 3.539   5.571   -19.017 1.00 53.13  ? 25  SER H CB  1 
ATOM 989  O OG  . SER B 2 25  ? 2.246   5.767   -18.478 1.00 54.26  ? 25  SER H OG  1 
ATOM 990  N N   . GLY B 2 26  ? 5.179   7.981   -17.940 1.00 62.32  ? 26  GLY H N   1 
ATOM 991  C CA  . GLY B 2 26  ? 5.192   9.334   -17.415 1.00 70.17  ? 26  GLY H CA  1 
ATOM 992  C C   . GLY B 2 26  ? 6.455   9.691   -16.662 1.00 69.87  ? 26  GLY H C   1 
ATOM 993  O O   . GLY B 2 26  ? 6.644   10.838  -16.247 1.00 77.65  ? 26  GLY H O   1 
ATOM 994  N N   . TYR B 2 27  ? 7.319   8.704   -16.468 1.00 62.44  ? 27  TYR H N   1 
ATOM 995  C CA  . TYR B 2 27  ? 8.579   8.933   -15.778 1.00 63.95  ? 27  TYR H CA  1 
ATOM 996  C C   . TYR B 2 27  ? 9.605   7.929   -16.282 1.00 60.81  ? 27  TYR H C   1 
ATOM 997  O O   . TYR B 2 27  ? 9.250   6.876   -16.810 1.00 54.99  ? 27  TYR H O   1 
ATOM 998  C CB  . TYR B 2 27  ? 8.398   8.799   -14.250 1.00 56.57  ? 27  TYR H CB  1 
ATOM 999  C CG  . TYR B 2 27  ? 8.118   7.395   -13.756 1.00 44.50  ? 27  TYR H CG  1 
ATOM 1000 C CD1 . TYR B 2 27  ? 6.821   6.871   -13.766 1.00 40.60  ? 27  TYR H CD1 1 
ATOM 1001 C CD2 . TYR B 2 27  ? 9.147   6.587   -13.288 1.00 40.23  ? 27  TYR H CD2 1 
ATOM 1002 C CE1 . TYR B 2 27  ? 6.558   5.572   -13.317 1.00 32.47  ? 27  TYR H CE1 1 
ATOM 1003 C CE2 . TYR B 2 27  ? 8.896   5.286   -12.834 1.00 31.06  ? 27  TYR H CE2 1 
ATOM 1004 C CZ  . TYR B 2 27  ? 7.602   4.789   -12.853 1.00 28.12  ? 27  TYR H CZ  1 
ATOM 1005 O OH  . TYR B 2 27  ? 7.367   3.507   -12.416 1.00 24.20  ? 27  TYR H OH  1 
ATOM 1006 N N   . THR B 2 28  ? 10.876  8.275   -16.131 1.00 65.34  ? 28  THR H N   1 
ATOM 1007 C CA  . THR B 2 28  ? 11.958  7.396   -16.537 1.00 63.29  ? 28  THR H CA  1 
ATOM 1008 C C   . THR B 2 28  ? 11.886  6.212   -15.593 1.00 50.18  ? 28  THR H C   1 
ATOM 1009 O O   . THR B 2 28  ? 12.098  6.349   -14.389 1.00 47.47  ? 28  THR H O   1 
ATOM 1010 C CB  . THR B 2 28  ? 13.320  8.083   -16.381 1.00 70.60  ? 28  THR H CB  1 
ATOM 1011 O OG1 . THR B 2 28  ? 13.320  9.319   -17.107 1.00 81.77  ? 28  THR H OG1 1 
ATOM 1012 C CG2 . THR B 2 28  ? 14.409  7.198   -16.917 1.00 66.84  ? 28  THR H CG2 1 
ATOM 1013 N N   . PHE B 2 29  ? 11.579  5.054   -16.162 1.00 46.09  ? 29  PHE H N   1 
ATOM 1014 C CA  . PHE B 2 29  ? 11.420  3.814   -15.421 1.00 36.67  ? 29  PHE H CA  1 
ATOM 1015 C C   . PHE B 2 29  ? 12.541  3.449   -14.475 1.00 33.52  ? 29  PHE H C   1 
ATOM 1016 O O   . PHE B 2 29  ? 12.292  3.123   -13.319 1.00 27.83  ? 29  PHE H O   1 
ATOM 1017 C CB  . PHE B 2 29  ? 11.231  2.673   -16.407 1.00 36.43  ? 29  PHE H CB  1 
ATOM 1018 C CG  . PHE B 2 29  ? 10.821  1.383   -15.771 1.00 30.92  ? 29  PHE H CG  1 
ATOM 1019 C CD1 . PHE B 2 29  ? 9.578   1.267   -15.150 1.00 27.55  ? 29  PHE H CD1 1 
ATOM 1020 C CD2 . PHE B 2 29  ? 11.655  0.264   -15.830 1.00 29.61  ? 29  PHE H CD2 1 
ATOM 1021 C CE1 . PHE B 2 29  ? 9.166   0.050   -14.595 1.00 25.23  ? 29  PHE H CE1 1 
ATOM 1022 C CE2 . PHE B 2 29  ? 11.255  -0.958  -15.280 1.00 26.89  ? 29  PHE H CE2 1 
ATOM 1023 C CZ  . PHE B 2 29  ? 10.009  -1.067  -14.661 1.00 24.39  ? 29  PHE H CZ  1 
ATOM 1024 N N   . THR B 2 30  ? 13.770  3.493   -14.980 1.00 37.98  ? 30  THR H N   1 
ATOM 1025 C CA  . THR B 2 30  ? 14.954  3.114   -14.213 1.00 35.90  ? 30  THR H CA  1 
ATOM 1026 C C   . THR B 2 30  ? 15.244  3.998   -12.999 1.00 36.55  ? 30  THR H C   1 
ATOM 1027 O O   . THR B 2 30  ? 15.920  3.562   -12.063 1.00 33.66  ? 30  THR H O   1 
ATOM 1028 C CB  . THR B 2 30  ? 16.198  3.075   -15.127 1.00 41.06  ? 30  THR H CB  1 
ATOM 1029 O OG1 . THR B 2 30  ? 16.933  4.299   -14.998 1.00 44.67  ? 30  THR H OG1 1 
ATOM 1030 C CG2 . THR B 2 30  ? 15.774  2.927   -16.579 1.00 46.68  ? 30  THR H CG2 1 
ATOM 1031 N N   . ASN B 2 31  ? 14.726  5.223   -13.011 1.00 41.96  ? 31  ASN H N   1 
ATOM 1032 C CA  . ASN B 2 31  ? 14.925  6.165   -11.909 1.00 44.30  ? 31  ASN H CA  1 
ATOM 1033 C C   . ASN B 2 31  ? 14.228  5.794   -10.598 1.00 37.24  ? 31  ASN H C   1 
ATOM 1034 O O   . ASN B 2 31  ? 14.576  6.316   -9.543  1.00 38.46  ? 31  ASN H O   1 
ATOM 1035 C CB  . ASN B 2 31  ? 14.474  7.574   -12.307 1.00 54.01  ? 31  ASN H CB  1 
ATOM 1036 C CG  . ASN B 2 31  ? 15.420  8.237   -13.290 1.00 61.38  ? 31  ASN H CG  1 
ATOM 1037 O OD1 . ASN B 2 31  ? 16.594  7.867   -13.392 1.00 59.18  ? 31  ASN H OD1 1 
ATOM 1038 N ND2 . ASN B 2 31  ? 14.921  9.235   -14.006 1.00 70.45  ? 31  ASN H ND2 1 
ATOM 1039 N N   . TYR B 2 32  ? 13.234  4.918   -10.651 1.00 31.19  ? 32  TYR H N   1 
ATOM 1040 C CA  . TYR B 2 32  ? 12.551  4.531   -9.426  1.00 26.20  ? 32  TYR H CA  1 
ATOM 1041 C C   . TYR B 2 32  ? 12.412  3.031   -9.308  1.00 21.09  ? 32  TYR H C   1 
ATOM 1042 O O   . TYR B 2 32  ? 12.340  2.318   -10.310 1.00 19.56  ? 32  TYR H O   1 
ATOM 1043 C CB  . TYR B 2 32  ? 11.162  5.165   -9.333  1.00 26.02  ? 32  TYR H CB  1 
ATOM 1044 C CG  . TYR B 2 32  ? 11.167  6.647   -9.071  1.00 32.73  ? 32  TYR H CG  1 
ATOM 1045 C CD1 . TYR B 2 32  ? 11.190  7.557   -10.118 1.00 40.40  ? 32  TYR H CD1 1 
ATOM 1046 C CD2 . TYR B 2 32  ? 11.142  7.143   -7.781  1.00 32.55  ? 32  TYR H CD2 1 
ATOM 1047 C CE1 . TYR B 2 32  ? 11.179  8.928   -9.889  1.00 48.57  ? 32  TYR H CE1 1 
ATOM 1048 C CE2 . TYR B 2 32  ? 11.134  8.511   -7.536  1.00 39.35  ? 32  TYR H CE2 1 
ATOM 1049 C CZ  . TYR B 2 32  ? 11.153  9.401   -8.599  1.00 47.98  ? 32  TYR H CZ  1 
ATOM 1050 O OH  . TYR B 2 32  ? 11.141  10.764  -8.379  1.00 56.83  ? 32  TYR H OH  1 
ATOM 1051 N N   . ASP B 2 33  ? 12.389  2.560   -8.066  1.00 19.53  ? 33  ASP H N   1 
ATOM 1052 C CA  . ASP B 2 33  ? 12.243  1.147   -7.800  1.00 16.34  ? 33  ASP H CA  1 
ATOM 1053 C C   . ASP B 2 33  ? 10.753  0.814   -7.773  1.00 14.20  ? 33  ASP H C   1 
ATOM 1054 O O   . ASP B 2 33  ? 9.931   1.624   -7.343  1.00 15.00  ? 33  ASP H O   1 
ATOM 1055 C CB  . ASP B 2 33  ? 12.907  0.796   -6.469  1.00 18.35  ? 33  ASP H CB  1 
ATOM 1056 C CG  . ASP B 2 33  ? 12.363  1.609   -5.306  1.00 20.43  ? 33  ASP H CG  1 
ATOM 1057 O OD1 . ASP B 2 33  ? 12.269  2.847   -5.420  1.00 21.32  ? 33  ASP H OD1 1 
ATOM 1058 O OD2 . ASP B 2 33  ? 12.042  1.010   -4.264  1.00 21.32  ? 33  ASP H OD2 1 
ATOM 1059 N N   . MET B 2 34  ? 10.394  -0.364  -8.258  1.00 12.30  ? 34  MET H N   1 
ATOM 1060 C CA  . MET B 2 34  ? 8.996   -0.745  -8.255  1.00 11.68  ? 34  MET H CA  1 
ATOM 1061 C C   . MET B 2 34  ? 8.747   -1.645  -7.060  1.00 9.47   ? 34  MET H C   1 
ATOM 1062 O O   . MET B 2 34  ? 9.560   -2.513  -6.741  1.00 8.44   ? 34  MET H O   1 
ATOM 1063 C CB  . MET B 2 34  ? 8.625   -1.474  -9.552  1.00 12.76  ? 34  MET H CB  1 
ATOM 1064 C CG  . MET B 2 34  ? 7.123   -1.573  -9.794  1.00 13.39  ? 34  MET H CG  1 
ATOM 1065 S SD  . MET B 2 34  ? 6.333   0.059   -9.964  1.00 14.03  ? 34  MET H SD  1 
ATOM 1066 C CE  . MET B 2 34  ? 6.435   0.341   -11.728 1.00 18.87  ? 34  MET H CE  1 
ATOM 1067 N N   . ASN B 2 35  ? 7.630   -1.423  -6.389  1.00 8.49   ? 35  ASN H N   1 
ATOM 1068 C CA  . ASN B 2 35  ? 7.284   -2.227  -5.233  1.00 7.44   ? 35  ASN H CA  1 
ATOM 1069 C C   . ASN B 2 35  ? 6.017   -2.980  -5.517  1.00 5.11   ? 35  ASN H C   1 
ATOM 1070 O O   . ASN B 2 35  ? 5.242   -2.603  -6.395  1.00 5.41   ? 35  ASN H O   1 
ATOM 1071 C CB  . ASN B 2 35  ? 7.047   -1.344  -4.013  1.00 9.82   ? 35  ASN H CB  1 
ATOM 1072 C CG  . ASN B 2 35  ? 8.328   -0.858  -3.388  1.00 13.76  ? 35  ASN H CG  1 
ATOM 1073 O OD1 . ASN B 2 35  ? 8.828   -1.451  -2.433  1.00 15.92  ? 35  ASN H OD1 1 
ATOM 1074 N ND2 . ASN B 2 35  ? 8.876   0.219   -3.925  1.00 15.48  ? 35  ASN H ND2 1 
ATOM 1075 N N   . TRP B 2 36  ? 5.811   -4.048  -4.760  1.00 5.14   ? 36  TRP H N   1 
ATOM 1076 C CA  . TRP B 2 36  ? 4.612   -4.854  -4.891  1.00 3.74   ? 36  TRP H CA  1 
ATOM 1077 C C   . TRP B 2 36  ? 3.972   -5.090  -3.530  1.00 5.95   ? 36  TRP H C   1 
ATOM 1078 O O   . TRP B 2 36  ? 4.645   -5.378  -2.543  1.00 7.18   ? 36  TRP H O   1 
ATOM 1079 C CB  . TRP B 2 36  ? 4.920   -6.188  -5.572  1.00 3.84   ? 36  TRP H CB  1 
ATOM 1080 C CG  . TRP B 2 36  ? 5.345   -6.014  -6.987  1.00 5.65   ? 36  TRP H CG  1 
ATOM 1081 C CD1 . TRP B 2 36  ? 6.584   -5.671  -7.433  1.00 6.67   ? 36  TRP H CD1 1 
ATOM 1082 C CD2 . TRP B 2 36  ? 4.520   -6.131  -8.146  1.00 6.78   ? 36  TRP H CD2 1 
ATOM 1083 N NE1 . TRP B 2 36  ? 6.587   -5.566  -8.801  1.00 9.17   ? 36  TRP H NE1 1 
ATOM 1084 C CE2 . TRP B 2 36  ? 5.329   -5.842  -9.266  1.00 10.17  ? 36  TRP H CE2 1 
ATOM 1085 C CE3 . TRP B 2 36  ? 3.174   -6.451  -8.349  1.00 6.98   ? 36  TRP H CE3 1 
ATOM 1086 C CZ2 . TRP B 2 36  ? 4.832   -5.862  -10.579 1.00 13.92  ? 36  TRP H CZ2 1 
ATOM 1087 C CZ3 . TRP B 2 36  ? 2.678   -6.470  -9.641  1.00 9.80   ? 36  TRP H CZ3 1 
ATOM 1088 C CH2 . TRP B 2 36  ? 3.506   -6.177  -10.745 1.00 12.95  ? 36  TRP H CH2 1 
ATOM 1089 N N   . VAL B 2 37  ? 2.655   -4.957  -3.496  1.00 6.37   ? 37  VAL H N   1 
ATOM 1090 C CA  . VAL B 2 37  ? 1.892   -5.125  -2.276  1.00 9.32   ? 37  VAL H CA  1 
ATOM 1091 C C   . VAL B 2 37  ? 0.749   -6.103  -2.511  1.00 10.50  ? 37  VAL H C   1 
ATOM 1092 O O   . VAL B 2 37  ? 0.208   -6.181  -3.618  1.00 8.19   ? 37  VAL H O   1 
ATOM 1093 C CB  . VAL B 2 37  ? 1.325   -3.751  -1.812  1.00 10.89  ? 37  VAL H CB  1 
ATOM 1094 C CG1 . VAL B 2 37  ? 0.404   -3.924  -0.641  1.00 15.23  ? 37  VAL H CG1 1 
ATOM 1095 C CG2 . VAL B 2 37  ? 2.468   -2.824  -1.439  1.00 10.91  ? 37  VAL H CG2 1 
ATOM 1096 N N   . ARG B 2 38  ? 0.401   -6.863  -1.477  1.00 13.95  ? 38  ARG H N   1 
ATOM 1097 C CA  . ARG B 2 38  ? -0.702  -7.810  -1.561  1.00 14.79  ? 38  ARG H CA  1 
ATOM 1098 C C   . ARG B 2 38  ? -1.808  -7.339  -0.630  1.00 17.81  ? 38  ARG H C   1 
ATOM 1099 O O   . ARG B 2 38  ? -1.518  -6.743  0.407   1.00 20.46  ? 38  ARG H O   1 
ATOM 1100 C CB  . ARG B 2 38  ? -0.267  -9.213  -1.131  1.00 18.88  ? 38  ARG H CB  1 
ATOM 1101 C CG  . ARG B 2 38  ? -1.421  -10.208 -1.165  1.00 21.20  ? 38  ARG H CG  1 
ATOM 1102 C CD  . ARG B 2 38  ? -1.039  -11.603 -0.697  1.00 26.93  ? 38  ARG H CD  1 
ATOM 1103 N NE  . ARG B 2 38  ? -0.948  -11.721 0.757   1.00 33.96  ? 38  ARG H NE  1 
ATOM 1104 C CZ  . ARG B 2 38  ? -0.738  -12.871 1.394   1.00 41.68  ? 38  ARG H CZ  1 
ATOM 1105 N NH1 . ARG B 2 38  ? -0.600  -13.997 0.706   1.00 42.92  ? 38  ARG H NH1 1 
ATOM 1106 N NH2 . ARG B 2 38  ? -0.664  -12.899 2.719   1.00 49.49  ? 38  ARG H NH2 1 
ATOM 1107 N N   . GLN B 2 39  ? -3.064  -7.581  -1.011  1.00 17.34  ? 39  GLN H N   1 
ATOM 1108 C CA  . GLN B 2 39  ? -4.216  -7.214  -0.185  1.00 20.97  ? 39  GLN H CA  1 
ATOM 1109 C C   . GLN B 2 39  ? -5.254  -8.315  -0.261  1.00 22.20  ? 39  GLN H C   1 
ATOM 1110 O O   . GLN B 2 39  ? -5.743  -8.651  -1.340  1.00 19.88  ? 39  GLN H O   1 
ATOM 1111 C CB  . GLN B 2 39  ? -4.858  -5.882  -0.623  1.00 20.94  ? 39  GLN H CB  1 
ATOM 1112 C CG  . GLN B 2 39  ? -6.192  -5.563  0.117   1.00 24.79  ? 39  GLN H CG  1 
ATOM 1113 C CD  . GLN B 2 39  ? -6.648  -4.106  -0.022  1.00 26.48  ? 39  GLN H CD  1 
ATOM 1114 O OE1 . GLN B 2 39  ? -6.646  -3.543  -1.118  1.00 26.06  ? 39  GLN H OE1 1 
ATOM 1115 N NE2 . GLN B 2 39  ? -7.049  -3.494  1.097   1.00 27.91  ? 39  GLN H NE2 1 
ATOM 1116 N N   . ARG B 2 40  ? -5.562  -8.876  0.903   1.00 27.14  ? 40  ARG H N   1 
ATOM 1117 C CA  . ARG B 2 40  ? -6.539  -9.948  1.054   1.00 32.81  ? 40  ARG H CA  1 
ATOM 1118 C C   . ARG B 2 40  ? -7.540  -9.511  2.114   1.00 40.60  ? 40  ARG H C   1 
ATOM 1119 O O   . ARG B 2 40  ? -7.194  -8.739  3.021   1.00 42.04  ? 40  ARG H O   1 
ATOM 1120 C CB  . ARG B 2 40  ? -5.856  -11.239 1.526   1.00 38.58  ? 40  ARG H CB  1 
ATOM 1121 C CG  . ARG B 2 40  ? -5.242  -12.094 0.430   1.00 33.76  ? 40  ARG H CG  1 
ATOM 1122 C CD  . ARG B 2 40  ? -4.426  -13.253 1.019   1.00 41.24  ? 40  ARG H CD  1 
ATOM 1123 N NE  . ARG B 2 40  ? -5.172  -14.105 1.953   1.00 51.68  ? 40  ARG H NE  1 
ATOM 1124 C CZ  . ARG B 2 40  ? -6.068  -15.032 1.604   1.00 54.48  ? 40  ARG H CZ  1 
ATOM 1125 N NH1 . ARG B 2 40  ? -6.355  -15.246 0.324   1.00 48.10  ? 40  ARG H NH1 1 
ATOM 1126 N NH2 . ARG B 2 40  ? -6.661  -15.770 2.537   1.00 64.58  ? 40  ARG H NH2 1 
ATOM 1127 N N   . PRO B 2 41  ? -8.788  -10.004 2.020   1.00 47.32  ? 41  PRO H N   1 
ATOM 1128 C CA  . PRO B 2 41  ? -9.893  -9.704  2.947   1.00 56.84  ? 41  PRO H CA  1 
ATOM 1129 C C   . PRO B 2 41  ? -9.435  -9.643  4.409   1.00 60.12  ? 41  PRO H C   1 
ATOM 1130 O O   . PRO B 2 41  ? -9.396  -8.573  5.012   1.00 58.64  ? 41  PRO H O   1 
ATOM 1131 C CB  . PRO B 2 41  ? -10.861 -10.844 2.686   1.00 64.11  ? 41  PRO H CB  1 
ATOM 1132 C CG  . PRO B 2 41  ? -10.730 -11.013 1.188   1.00 59.21  ? 41  PRO H CG  1 
ATOM 1133 C CD  . PRO B 2 41  ? -9.229  -10.924 0.955   1.00 48.41  ? 41  PRO H CD  1 
ATOM 1134 N N   . GLY B 2 42  ? -9.120  -10.805 4.972   1.00 65.57  ? 42  GLY H N   1 
ATOM 1135 C CA  . GLY B 2 42  ? -8.611  -10.884 6.331   1.00 72.18  ? 42  GLY H CA  1 
ATOM 1136 C C   . GLY B 2 42  ? -7.129  -11.057 6.053   1.00 68.17  ? 42  GLY H C   1 
ATOM 1137 O O   . GLY B 2 42  ? -6.795  -11.654 5.026   1.00 63.24  ? 42  GLY H O   1 
ATOM 1138 N N   . ALA B 2 43  ? -6.259  -10.548 6.927   1.00 70.42  ? 43  ALA H N   1 
ATOM 1139 C CA  . ALA B 2 43  ? -4.794  -10.611 6.760   1.00 68.51  ? 43  ALA H CA  1 
ATOM 1140 C C   . ALA B 2 43  ? -4.257  -9.244  6.290   1.00 58.00  ? 43  ALA H C   1 
ATOM 1141 O O   . ALA B 2 43  ? -3.095  -8.941  6.498   1.00 56.56  ? 43  ALA H O   1 
ATOM 1142 C CB  . ALA B 2 43  ? -4.379  -11.732 5.770   1.00 66.96  ? 43  ALA H CB  1 
ATOM 1143 N N   . GLY B 2 44  ? -5.126  -8.443  5.660   1.00 51.31  ? 44  GLY H N   1 
ATOM 1144 C CA  . GLY B 2 44  ? -4.817  -7.088  5.199   1.00 42.37  ? 44  GLY H CA  1 
ATOM 1145 C C   . GLY B 2 44  ? -3.859  -6.783  4.055   1.00 34.81  ? 44  GLY H C   1 
ATOM 1146 O O   . GLY B 2 44  ? -3.651  -7.601  3.147   1.00 32.93  ? 44  GLY H O   1 
ATOM 1147 N N   . LEU B 2 45  ? -3.308  -5.567  4.096   1.00 31.14  ? 45  LEU H N   1 
ATOM 1148 C CA  . LEU B 2 45  ? -2.321  -5.106  3.121   1.00 26.09  ? 45  LEU H CA  1 
ATOM 1149 C C   . LEU B 2 45  ? -0.943  -5.566  3.580   1.00 26.23  ? 45  LEU H C   1 
ATOM 1150 O O   . LEU B 2 45  ? -0.518  -5.270  4.700   1.00 27.42  ? 45  LEU H O   1 
ATOM 1151 C CB  . LEU B 2 45  ? -2.307  -3.580  3.025   1.00 23.58  ? 45  LEU H CB  1 
ATOM 1152 C CG  . LEU B 2 45  ? -3.306  -2.854  2.119   1.00 23.14  ? 45  LEU H CG  1 
ATOM 1153 C CD1 . LEU B 2 45  ? -3.112  -1.352  2.308   1.00 20.06  ? 45  LEU H CD1 1 
ATOM 1154 C CD2 . LEU B 2 45  ? -3.099  -3.252  0.658   1.00 22.33  ? 45  LEU H CD2 1 
ATOM 1155 N N   . GLU B 2 46  ? -0.247  -6.287  2.713   1.00 24.53  ? 46  GLU H N   1 
ATOM 1156 C CA  . GLU B 2 46  ? 1.077   -6.784  3.033   1.00 24.53  ? 46  GLU H CA  1 
ATOM 1157 C C   . GLU B 2 46  ? 2.085   -6.498  1.930   1.00 19.27  ? 46  GLU H C   1 
ATOM 1158 O O   . GLU B 2 46  ? 1.870   -6.847  0.766   1.00 17.47  ? 46  GLU H O   1 
ATOM 1159 C CB  . GLU B 2 46  ? 1.027   -8.284  3.291   1.00 30.33  ? 46  GLU H CB  1 
ATOM 1160 C CG  . GLU B 2 46  ? 0.621   -8.661  4.694   1.00 38.92  ? 46  GLU H CG  1 
ATOM 1161 C CD  . GLU B 2 46  ? 0.543   -10.162 4.887   1.00 47.87  ? 46  GLU H CD  1 
ATOM 1162 O OE1 . GLU B 2 46  ? -0.309  -10.798 4.236   1.00 49.00  ? 46  GLU H OE1 1 
ATOM 1163 O OE2 . GLU B 2 46  ? 1.335   -10.710 5.685   1.00 54.55  ? 46  GLU H OE2 1 
ATOM 1164 N N   . TRP B 2 47  ? 3.193   -5.872  2.315   1.00 16.82  ? 47  TRP H N   1 
ATOM 1165 C CA  . TRP B 2 47  ? 4.252   -5.532  1.382   1.00 14.07  ? 47  TRP H CA  1 
ATOM 1166 C C   . TRP B 2 47  ? 4.970   -6.797  0.920   1.00 14.38  ? 47  TRP H C   1 
ATOM 1167 O O   . TRP B 2 47  ? 5.329   -7.653  1.732   1.00 18.39  ? 47  TRP H O   1 
ATOM 1168 C CB  . TRP B 2 47  ? 5.236   -4.585  2.056   1.00 14.15  ? 47  TRP H CB  1 
ATOM 1169 C CG  . TRP B 2 47  ? 6.297   -4.084  1.140   1.00 13.37  ? 47  TRP H CG  1 
ATOM 1170 C CD1 . TRP B 2 47  ? 6.152   -3.189  0.122   1.00 12.53  ? 47  TRP H CD1 1 
ATOM 1171 C CD2 . TRP B 2 47  ? 7.672   -4.463  1.147   1.00 17.43  ? 47  TRP H CD2 1 
ATOM 1172 N NE1 . TRP B 2 47  ? 7.355   -2.985  -0.510  1.00 14.46  ? 47  TRP H NE1 1 
ATOM 1173 C CE2 . TRP B 2 47  ? 8.306   -3.756  0.105   1.00 17.36  ? 47  TRP H CE2 1 
ATOM 1174 C CE3 . TRP B 2 47  ? 8.434   -5.333  1.936   1.00 22.05  ? 47  TRP H CE3 1 
ATOM 1175 C CZ2 . TRP B 2 47  ? 9.670   -3.894  -0.167  1.00 21.43  ? 47  TRP H CZ2 1 
ATOM 1176 C CZ3 . TRP B 2 47  ? 9.789   -5.470  1.667   1.00 26.75  ? 47  TRP H CZ3 1 
ATOM 1177 C CH2 . TRP B 2 47  ? 10.394  -4.753  0.626   1.00 26.36  ? 47  TRP H CH2 1 
ATOM 1178 N N   . ILE B 2 48  ? 5.172   -6.915  -0.385  1.00 11.59  ? 48  ILE H N   1 
ATOM 1179 C CA  . ILE B 2 48  ? 5.816   -8.088  -0.943  1.00 12.41  ? 48  ILE H CA  1 
ATOM 1180 C C   . ILE B 2 48  ? 7.321   -7.935  -1.142  1.00 12.98  ? 48  ILE H C   1 
ATOM 1181 O O   . ILE B 2 48  ? 8.099   -8.759  -0.655  1.00 16.31  ? 48  ILE H O   1 
ATOM 1182 C CB  . ILE B 2 48  ? 5.141   -8.476  -2.275  1.00 10.81  ? 48  ILE H CB  1 
ATOM 1183 C CG1 . ILE B 2 48  ? 3.963   -9.405  -1.986  1.00 14.20  ? 48  ILE H CG1 1 
ATOM 1184 C CG2 . ILE B 2 48  ? 6.133   -9.131  -3.215  1.00 9.67   ? 48  ILE H CG2 1 
ATOM 1185 C CD1 . ILE B 2 48  ? 3.048   -9.613  -3.169  1.00 13.98  ? 48  ILE H CD1 1 
ATOM 1186 N N   . GLY B 2 49  ? 7.727   -6.890  -1.861  1.00 11.26  ? 49  GLY H N   1 
ATOM 1187 C CA  . GLY B 2 49  ? 9.142   -6.666  -2.092  1.00 13.51  ? 49  GLY H CA  1 
ATOM 1188 C C   . GLY B 2 49  ? 9.385   -5.639  -3.177  1.00 10.90  ? 49  GLY H C   1 
ATOM 1189 O O   . GLY B 2 49  ? 8.434   -5.103  -3.743  1.00 7.90   ? 49  GLY H O   1 
ATOM 1190 N N   . TRP B 2 50  ? 10.651  -5.351  -3.466  1.00 14.12  ? 50  TRP H N   1 
ATOM 1191 C CA  . TRP B 2 50  ? 10.957  -4.390  -4.521  1.00 12.56  ? 50  TRP H CA  1 
ATOM 1192 C C   . TRP B 2 50  ? 11.999  -4.848  -5.530  1.00 14.03  ? 50  TRP H C   1 
ATOM 1193 O O   . TRP B 2 50  ? 12.656  -5.874  -5.342  1.00 18.55  ? 50  TRP H O   1 
ATOM 1194 C CB  . TRP B 2 50  ? 11.387  -3.031  -3.933  1.00 16.59  ? 50  TRP H CB  1 
ATOM 1195 C CG  . TRP B 2 50  ? 12.768  -2.963  -3.306  1.00 23.58  ? 50  TRP H CG  1 
ATOM 1196 C CD1 . TRP B 2 50  ? 13.959  -3.341  -3.867  1.00 25.69  ? 50  TRP H CD1 1 
ATOM 1197 C CD2 . TRP B 2 50  ? 13.092  -2.402  -2.030  1.00 29.52  ? 50  TRP H CD2 1 
ATOM 1198 N NE1 . TRP B 2 50  ? 15.000  -3.044  -3.021  1.00 32.54  ? 50  TRP H NE1 1 
ATOM 1199 C CE2 . TRP B 2 50  ? 14.496  -2.467  -1.886  1.00 34.94  ? 50  TRP H CE2 1 
ATOM 1200 C CE3 . TRP B 2 50  ? 12.328  -1.843  -0.991  1.00 30.39  ? 50  TRP H CE3 1 
ATOM 1201 C CZ2 . TRP B 2 50  ? 15.154  -1.992  -0.740  1.00 39.50  ? 50  TRP H CZ2 1 
ATOM 1202 C CZ3 . TRP B 2 50  ? 12.984  -1.370  0.147   1.00 34.98  ? 50  TRP H CZ3 1 
ATOM 1203 C CH2 . TRP B 2 50  ? 14.381  -1.449  0.261   1.00 39.95  ? 50  TRP H CH2 1 
ATOM 1204 N N   . ILE B 2 51  ? 12.112  -4.077  -6.612  1.00 11.33  ? 51  ILE H N   1 
ATOM 1205 C CA  . ILE B 2 51  ? 13.088  -4.308  -7.674  1.00 12.13  ? 51  ILE H CA  1 
ATOM 1206 C C   . ILE B 2 51  ? 13.499  -2.987  -8.306  1.00 13.38  ? 51  ILE H C   1 
ATOM 1207 O O   . ILE B 2 51  ? 12.671  -2.099  -8.527  1.00 12.13  ? 51  ILE H O   1 
ATOM 1208 C CB  . ILE B 2 51  ? 12.562  -5.231  -8.812  1.00 13.81  ? 51  ILE H CB  1 
ATOM 1209 C CG1 . ILE B 2 51  ? 11.046  -5.100  -8.947  1.00 11.21  ? 51  ILE H CG1 1 
ATOM 1210 C CG2 . ILE B 2 51  ? 13.011  -6.660  -8.571  1.00 17.97  ? 51  ILE H CG2 1 
ATOM 1211 C CD1 . ILE B 2 51  ? 10.442  -5.988  -10.028 1.00 13.23  ? 51  ILE H CD1 1 
ATOM 1212 N N   . PHE B 2 52  ? 14.796  -2.870  -8.579  1.00 17.24  ? 52  PHE H N   1 
ATOM 1213 C CA  . PHE B 2 52  ? 15.366  -1.689  -9.218  1.00 19.52  ? 52  PHE H CA  1 
ATOM 1214 C C   . PHE B 2 52  ? 15.621  -1.985  -10.690 1.00 19.83  ? 52  PHE H C   1 
ATOM 1215 O O   . PHE B 2 52  ? 16.322  -2.934  -11.023 1.00 23.14  ? 52  PHE H O   1 
ATOM 1216 C CB  . PHE B 2 52  ? 16.684  -1.300  -8.563  1.00 25.59  ? 52  PHE H CB  1 
ATOM 1217 C CG  . PHE B 2 52  ? 16.533  -0.321  -7.450  1.00 26.82  ? 52  PHE H CG  1 
ATOM 1218 C CD1 . PHE B 2 52  ? 16.451  1.039   -7.725  1.00 27.31  ? 52  PHE H CD1 1 
ATOM 1219 C CD2 . PHE B 2 52  ? 16.470  -0.746  -6.122  1.00 28.91  ? 52  PHE H CD2 1 
ATOM 1220 C CE1 . PHE B 2 52  ? 16.306  1.973   -6.704  1.00 28.64  ? 52  PHE H CE1 1 
ATOM 1221 C CE2 . PHE B 2 52  ? 16.326  0.181   -5.085  1.00 30.48  ? 52  PHE H CE2 1 
ATOM 1222 C CZ  . PHE B 2 52  ? 16.245  1.545   -5.382  1.00 29.58  ? 52  PHE H CZ  1 
ATOM 1223 N N   . PRO B 2 53  ? 15.052  -1.171  -11.589 1.00 19.31  ? 53  PRO H N   1 
ATOM 1224 C CA  . PRO B 2 53  ? 15.208  -1.337  -13.040 1.00 23.46  ? 53  PRO H CA  1 
ATOM 1225 C C   . PRO B 2 53  ? 16.595  -0.926  -13.533 1.00 29.33  ? 53  PRO H C   1 
ATOM 1226 O O   . PRO B 2 53  ? 16.951  -1.152  -14.694 1.00 32.88  ? 53  PRO H O   1 
ATOM 1227 C CB  . PRO B 2 53  ? 14.113  -0.435  -13.616 1.00 22.47  ? 53  PRO H CB  1 
ATOM 1228 C CG  . PRO B 2 53  ? 13.119  -0.307  -12.489 1.00 18.29  ? 53  PRO H CG  1 
ATOM 1229 C CD  . PRO B 2 53  ? 14.014  -0.173  -11.292 1.00 16.42  ? 53  PRO H CD  1 
ATOM 1230 N N   . GLY B 2 54  ? 17.366  -0.313  -12.640 1.00 29.58  ? 54  GLY H N   1 
ATOM 1231 C CA  . GLY B 2 54  ? 18.704  0.126   -12.987 1.00 33.72  ? 54  GLY H CA  1 
ATOM 1232 C C   . GLY B 2 54  ? 19.687  -1.025  -13.046 1.00 35.82  ? 54  GLY H C   1 
ATOM 1233 O O   . GLY B 2 54  ? 20.545  -1.068  -13.929 1.00 37.78  ? 54  GLY H O   1 
ATOM 1234 N N   . ASP B 2 55  ? 19.563  -1.970  -12.116 1.00 34.77  ? 55  ASP H N   1 
ATOM 1235 C CA  . ASP B 2 55  ? 20.469  -3.111  -12.102 1.00 39.77  ? 55  ASP H CA  1 
ATOM 1236 C C   . ASP B 2 55  ? 19.826  -4.473  -11.816 1.00 40.34  ? 55  ASP H C   1 
ATOM 1237 O O   . ASP B 2 55  ? 20.501  -5.501  -11.851 1.00 45.67  ? 55  ASP H O   1 
ATOM 1238 C CB  . ASP B 2 55  ? 21.613  -2.866  -11.115 1.00 47.42  ? 55  ASP H CB  1 
ATOM 1239 C CG  . ASP B 2 55  ? 21.136  -2.702  -9.684  1.00 42.20  ? 55  ASP H CG  1 
ATOM 1240 O OD1 . ASP B 2 55  ? 20.001  -3.133  -9.365  1.00 39.36  ? 55  ASP H OD1 1 
ATOM 1241 O OD2 . ASP B 2 55  ? 21.915  -2.156  -8.873  1.00 49.73  ? 55  ASP H OD2 1 
ATOM 1242 N N   . GLY B 2 56  ? 18.531  -4.489  -11.525 1.00 36.70  ? 56  GLY H N   1 
ATOM 1243 C CA  . GLY B 2 56  ? 17.862  -5.753  -11.271 1.00 37.97  ? 56  GLY H CA  1 
ATOM 1244 C C   . GLY B 2 56  ? 17.890  -6.258  -9.839  1.00 38.91  ? 56  GLY H C   1 
ATOM 1245 O O   . GLY B 2 56  ? 17.726  -7.450  -9.582  1.00 43.71  ? 56  GLY H O   1 
ATOM 1246 N N   . SER B 2 57  ? 18.093  -5.352  -8.898  1.00 35.98  ? 57  SER H N   1 
ATOM 1247 C CA  . SER B 2 57  ? 18.122  -5.743  -7.504  1.00 37.98  ? 57  SER H CA  1 
ATOM 1248 C C   . SER B 2 57  ? 16.771  -6.304  -7.062  1.00 35.29  ? 57  SER H C   1 
ATOM 1249 O O   . SER B 2 57  ? 15.721  -5.949  -7.602  1.00 28.44  ? 57  SER H O   1 
ATOM 1250 C CB  . SER B 2 57  ? 18.492  -4.540  -6.658  1.00 38.33  ? 57  SER H CB  1 
ATOM 1251 O OG  . SER B 2 57  ? 19.701  -3.991  -7.140  1.00 43.13  ? 57  SER H OG  1 
ATOM 1252 N N   . ALA B 2 58  ? 16.796  -7.187  -6.077  1.00 40.18  ? 58  ALA H N   1 
ATOM 1253 C CA  . ALA B 2 58  ? 15.565  -7.770  -5.596  1.00 37.72  ? 58  ALA H CA  1 
ATOM 1254 C C   . ALA B 2 58  ? 15.570  -7.924  -4.087  1.00 41.08  ? 58  ALA H C   1 
ATOM 1255 O O   . ALA B 2 58  ? 16.221  -8.825  -3.553  1.00 48.45  ? 58  ALA H O   1 
ATOM 1256 C CB  . ALA B 2 58  ? 15.342  -9.122  -6.251  1.00 43.37  ? 58  ALA H CB  1 
ATOM 1257 N N   . ARG B 2 59  ? 14.870  -7.041  -3.382  1.00 35.67  ? 59  ARG H N   1 
ATOM 1258 C CA  . ARG B 2 59  ? 14.796  -7.187  -1.938  1.00 39.73  ? 59  ARG H CA  1 
ATOM 1259 C C   . ARG B 2 59  ? 13.394  -7.659  -1.633  1.00 34.39  ? 59  ARG H C   1 
ATOM 1260 O O   . ARG B 2 59  ? 12.416  -7.011  -2.006  1.00 27.77  ? 59  ARG H O   1 
ATOM 1261 C CB  . ARG B 2 59  ? 15.087  -5.880  -1.212  1.00 41.79  ? 59  ARG H CB  1 
ATOM 1262 C CG  . ARG B 2 59  ? 15.290  -6.112  0.278   1.00 47.96  ? 59  ARG H CG  1 
ATOM 1263 C CD  . ARG B 2 59  ? 16.132  -5.029  0.910   1.00 50.92  ? 59  ARG H CD  1 
ATOM 1264 N NE  . ARG B 2 59  ? 16.392  -5.304  2.320   1.00 57.17  ? 59  ARG H NE  1 
ATOM 1265 C CZ  . ARG B 2 59  ? 17.071  -4.495  3.130   1.00 67.90  ? 59  ARG H CZ  1 
ATOM 1266 N NH1 . ARG B 2 59  ? 17.564  -3.350  2.673   1.00 66.24  ? 59  ARG H NH1 1 
ATOM 1267 N NH2 . ARG B 2 59  ? 17.255  -4.824  4.401   1.00 64.97  ? 59  ARG H NH2 1 
ATOM 1268 N N   . GLY B 2 60  ? 13.288  -8.792  -0.959  1.00 39.98  ? 60  GLY H N   1 
ATOM 1269 C CA  . GLY B 2 60  ? 11.973  -9.322  -0.694  1.00 34.71  ? 60  GLY H CA  1 
ATOM 1270 C C   . GLY B 2 60  ? 11.604  -9.645  0.729   1.00 38.74  ? 60  GLY H C   1 
ATOM 1271 O O   . GLY B 2 60  ? 12.441  -9.998  1.559   1.00 48.54  ? 60  GLY H O   1 
ATOM 1272 N N   . ASN B 2 61  ? 10.311  -9.514  0.996   1.00 32.42  ? 61  ASN H N   1 
ATOM 1273 C CA  . ASN B 2 61  ? 9.760   -9.798  2.299   1.00 36.81  ? 61  ASN H CA  1 
ATOM 1274 C C   . ASN B 2 61  ? 9.950   -11.288 2.551   1.00 43.57  ? 61  ASN H C   1 
ATOM 1275 O O   . ASN B 2 61  ? 9.568   -12.136 1.742   1.00 38.37  ? 61  ASN H O   1 
ATOM 1276 C CB  . ASN B 2 61  ? 8.272   -9.450  2.316   1.00 29.05  ? 61  ASN H CB  1 
ATOM 1277 C CG  . ASN B 2 61  ? 7.670   -9.488  3.706   1.00 35.82  ? 61  ASN H CG  1 
ATOM 1278 O OD1 . ASN B 2 61  ? 7.868   -10.435 4.468   1.00 45.29  ? 61  ASN H OD1 1 
ATOM 1279 N ND2 . ASN B 2 61  ? 6.910   -8.456  4.037   1.00 31.95  ? 61  ASN H ND2 1 
ATOM 1280 N N   . GLU B 2 62  ? 10.577  -11.586 3.675   1.00 55.94  ? 62  GLU H N   1 
ATOM 1281 C CA  . GLU B 2 62  ? 10.827  -12.944 4.106   1.00 64.68  ? 62  GLU H CA  1 
ATOM 1282 C C   . GLU B 2 62  ? 9.563   -13.789 3.914   1.00 58.04  ? 62  GLU H C   1 
ATOM 1283 O O   . GLU B 2 62  ? 9.629   -14.931 3.463   1.00 58.71  ? 62  GLU H O   1 
ATOM 1284 C CB  . GLU B 2 62  ? 11.196  -12.900 5.579   1.00 78.38  ? 62  GLU H CB  1 
ATOM 1285 C CG  . GLU B 2 62  ? 10.161  -12.110 6.362   1.00 75.91  ? 62  GLU H CG  1 
ATOM 1286 C CD  . GLU B 2 62  ? 10.694  -10.842 7.000   1.00 79.17  ? 62  GLU H CD  1 
ATOM 1287 O OE1 . GLU B 2 62  ? 11.577  -10.184 6.406   1.00 76.91  ? 62  GLU H OE1 1 
ATOM 1288 O OE2 . GLU B 2 62  ? 10.205  -10.498 8.098   1.00 83.46  ? 62  GLU H OE2 1 
ATOM 1289 N N   . LYS B 2 63  ? 8.412   -13.214 4.262   1.00 55.41  ? 63  LYS H N   1 
ATOM 1290 C CA  . LYS B 2 63  ? 7.132   -13.901 4.141   1.00 53.43  ? 63  LYS H CA  1 
ATOM 1291 C C   . LYS B 2 63  ? 6.817   -14.363 2.724   1.00 43.92  ? 63  LYS H C   1 
ATOM 1292 O O   . LYS B 2 63  ? 6.004   -15.262 2.542   1.00 45.76  ? 63  LYS H O   1 
ATOM 1293 C CB  . LYS B 2 63  ? 5.988   -13.002 4.610   1.00 52.11  ? 63  LYS H CB  1 
ATOM 1294 C CG  . LYS B 2 63  ? 6.129   -12.464 6.011   1.00 60.08  ? 63  LYS H CG  1 
ATOM 1295 C CD  . LYS B 2 63  ? 4.801   -12.574 6.741   1.00 66.62  ? 63  LYS H CD  1 
ATOM 1296 C CE  . LYS B 2 63  ? 4.836   -11.830 8.062   1.00 73.35  ? 63  LYS H CE  1 
ATOM 1297 N NZ  . LYS B 2 63  ? 3.646   -12.085 8.908   1.00 81.07  ? 63  LYS H NZ  1 
ATOM 1298 N N   . PHE B 2 64  ? 7.439   -13.736 1.728   1.00 37.81  ? 64  PHE H N   1 
ATOM 1299 C CA  . PHE B 2 64  ? 7.206   -14.101 0.329   1.00 32.77  ? 64  PHE H CA  1 
ATOM 1300 C C   . PHE B 2 64  ? 8.480   -14.618 -0.316  1.00 33.37  ? 64  PHE H C   1 
ATOM 1301 O O   . PHE B 2 64  ? 8.654   -14.540 -1.540  1.00 31.32  ? 64  PHE H O   1 
ATOM 1302 C CB  . PHE B 2 64  ? 6.671   -12.904 -0.469  1.00 25.07  ? 64  PHE H CB  1 
ATOM 1303 C CG  . PHE B 2 64  ? 5.291   -12.473 -0.058  1.00 25.25  ? 64  PHE H CG  1 
ATOM 1304 C CD1 . PHE B 2 64  ? 5.093   -11.713 1.090   1.00 27.25  ? 64  PHE H CD1 1 
ATOM 1305 C CD2 . PHE B 2 64  ? 4.180   -12.880 -0.791  1.00 26.95  ? 64  PHE H CD2 1 
ATOM 1306 C CE1 . PHE B 2 64  ? 3.804   -11.368 1.497   1.00 30.06  ? 64  PHE H CE1 1 
ATOM 1307 C CE2 . PHE B 2 64  ? 2.890   -12.539 -0.391  1.00 29.29  ? 64  PHE H CE2 1 
ATOM 1308 C CZ  . PHE B 2 64  ? 2.704   -11.785 0.751   1.00 30.22  ? 64  PHE H CZ  1 
ATOM 1309 N N   . GLY B 2 65  ? 9.366   -15.143 0.526   1.00 41.81  ? 65  GLY H N   1 
ATOM 1310 C CA  . GLY B 2 65  ? 10.628  -15.680 0.054   1.00 51.53  ? 65  GLY H CA  1 
ATOM 1311 C C   . GLY B 2 65  ? 10.532  -16.455 -1.253  1.00 52.18  ? 65  GLY H C   1 
ATOM 1312 O O   . GLY B 2 65  ? 11.137  -16.063 -2.252  1.00 53.25  ? 65  GLY H O   1 
ATOM 1313 N N   . GLY B 2 66  ? 9.767   -17.542 -1.264  1.00 52.07  ? 66  GLY H N   1 
ATOM 1314 C CA  . GLY B 2 66  ? 9.672   -18.327 -2.480  1.00 55.75  ? 66  GLY H CA  1 
ATOM 1315 C C   . GLY B 2 66  ? 8.539   -17.978 -3.422  1.00 45.91  ? 66  GLY H C   1 
ATOM 1316 O O   . GLY B 2 66  ? 8.695   -18.053 -4.640  1.00 47.86  ? 66  GLY H O   1 
ATOM 1317 N N   . ALA B 2 67  ? 7.406   -17.576 -2.861  1.00 40.65  ? 67  ALA H N   1 
ATOM 1318 C CA  . ALA B 2 67  ? 6.218   -17.246 -3.633  1.00 35.21  ? 67  ALA H CA  1 
ATOM 1319 C C   . ALA B 2 67  ? 6.319   -16.162 -4.699  1.00 31.65  ? 67  ALA H C   1 
ATOM 1320 O O   . ALA B 2 67  ? 5.562   -16.197 -5.666  1.00 30.33  ? 67  ALA H O   1 
ATOM 1321 C CB  . ALA B 2 67  ? 5.073   -16.910 -2.684  1.00 34.04  ? 67  ALA H CB  1 
ATOM 1322 N N   . ALA B 2 68  ? 7.236   -15.213 -4.574  1.00 29.32  ? 68  ALA H N   1 
ATOM 1323 C CA  . ALA B 2 68  ? 7.276   -14.156 -5.574  1.00 26.34  ? 68  ALA H CA  1 
ATOM 1324 C C   . ALA B 2 68  ? 8.602   -13.874 -6.262  1.00 31.72  ? 68  ALA H C   1 
ATOM 1325 O O   . ALA B 2 68  ? 9.645   -13.796 -5.618  1.00 35.48  ? 68  ALA H O   1 
ATOM 1326 C CB  . ALA B 2 68  ? 6.747   -12.879 -4.957  1.00 20.80  ? 68  ALA H CB  1 
ATOM 1327 N N   . ALA B 2 69  ? 8.555   -13.696 -7.579  1.00 31.96  ? 69  ALA H N   1 
ATOM 1328 C CA  . ALA B 2 69  ? 9.758   -13.394 -8.352  1.00 38.14  ? 69  ALA H CA  1 
ATOM 1329 C C   . ALA B 2 69  ? 9.603   -12.053 -9.045  1.00 32.08  ? 69  ALA H C   1 
ATOM 1330 O O   . ALA B 2 69  ? 8.863   -11.927 -10.027 1.00 28.62  ? 69  ALA H O   1 
ATOM 1331 C CB  . ALA B 2 69  ? 10.016  -14.482 -9.390  1.00 47.01  ? 69  ALA H CB  1 
ATOM 1332 N N   . LEU B 2 70  ? 10.307  -11.048 -8.539  1.00 30.09  ? 70  LEU H N   1 
ATOM 1333 C CA  . LEU B 2 70  ? 10.207  -9.728  -9.133  1.00 24.13  ? 70  LEU H CA  1 
ATOM 1334 C C   . LEU B 2 70  ? 11.223  -9.468  -10.226 1.00 28.48  ? 70  LEU H C   1 
ATOM 1335 O O   . LEU B 2 70  ? 12.408  -9.279  -9.960  1.00 32.32  ? 70  LEU H O   1 
ATOM 1336 C CB  . LEU B 2 70  ? 10.348  -8.651  -8.065  1.00 18.27  ? 70  LEU H CB  1 
ATOM 1337 C CG  . LEU B 2 70  ? 9.297   -8.658  -6.961  1.00 13.27  ? 70  LEU H CG  1 
ATOM 1338 C CD1 . LEU B 2 70  ? 9.514   -7.440  -6.091  1.00 10.24  ? 70  LEU H CD1 1 
ATOM 1339 C CD2 . LEU B 2 70  ? 7.895   -8.653  -7.565  1.00 11.38  ? 70  LEU H CD2 1 
ATOM 1340 N N   . ALA B 2 71  ? 10.757  -9.444  -11.464 1.00 29.15  ? 71  ALA H N   1 
ATOM 1341 C CA  . ALA B 2 71  ? 11.649  -9.173  -12.576 1.00 33.91  ? 71  ALA H CA  1 
ATOM 1342 C C   . ALA B 2 71  ? 11.164  -7.891  -13.239 1.00 29.01  ? 71  ALA H C   1 
ATOM 1343 O O   . ALA B 2 71  ? 9.983   -7.554  -13.146 1.00 25.30  ? 71  ALA H O   1 
ATOM 1344 C CB  . ALA B 2 71  ? 11.617  -10.327 -13.567 1.00 42.55  ? 71  ALA H CB  1 
ATOM 1345 N N   . ALA B 2 72  ? 12.065  -7.167  -13.893 1.00 30.02  ? 72  ALA H N   1 
ATOM 1346 C CA  . ALA B 2 72  ? 11.671  -5.933  -14.567 1.00 27.49  ? 72  ALA H CA  1 
ATOM 1347 C C   . ALA B 2 72  ? 12.262  -5.864  -15.967 1.00 34.86  ? 72  ALA H C   1 
ATOM 1348 O O   . ALA B 2 72  ? 13.413  -6.237  -16.175 1.00 40.70  ? 72  ALA H O   1 
ATOM 1349 C CB  . ALA B 2 72  ? 12.127  -4.731  -13.762 1.00 23.07  ? 72  ALA H CB  1 
ATOM 1350 N N   . ALA B 2 73  ? 11.482  -5.379  -16.927 1.00 37.11  ? 73  ALA H N   1 
ATOM 1351 C CA  . ALA B 2 73  ? 11.965  -5.269  -18.297 1.00 45.24  ? 73  ALA H CA  1 
ATOM 1352 C C   . ALA B 2 73  ? 12.000  -3.840  -18.794 1.00 46.26  ? 73  ALA H C   1 
ATOM 1353 O O   . ALA B 2 73  ? 10.955  -3.217  -18.999 1.00 44.38  ? 73  ALA H O   1 
ATOM 1354 C CB  . ALA B 2 73  ? 11.112  -6.106  -19.239 1.00 50.04  ? 73  ALA H CB  1 
ATOM 1355 N N   . ALA B 2 74  ? 13.210  -3.331  -18.997 1.00 50.09  ? 74  ALA H N   1 
ATOM 1356 C CA  . ALA B 2 74  ? 13.384  -1.984  -19.516 1.00 53.05  ? 74  ALA H CA  1 
ATOM 1357 C C   . ALA B 2 74  ? 12.966  -2.075  -20.980 1.00 62.15  ? 74  ALA H C   1 
ATOM 1358 O O   . ALA B 2 74  ? 12.800  -3.182  -21.502 1.00 65.82  ? 74  ALA H O   1 
ATOM 1359 C CB  . ALA B 2 74  ? 14.829  -1.563  -19.392 1.00 57.14  ? 74  ALA H CB  1 
ATOM 1360 N N   . ALA B 2 75  ? 12.811  -0.935  -21.650 1.00 66.95  ? 75  ALA H N   1 
ATOM 1361 C CA  . ALA B 2 75  ? 12.347  -0.926  -23.042 1.00 75.50  ? 75  ALA H CA  1 
ATOM 1362 C C   . ALA B 2 75  ? 10.882  -1.305  -22.988 1.00 70.70  ? 75  ALA H C   1 
ATOM 1363 O O   . ALA B 2 75  ? 10.168  -1.243  -23.992 1.00 77.47  ? 75  ALA H O   1 
ATOM 1364 C CB  . ALA B 2 75  ? 13.102  -1.945  -23.897 1.00 83.37  ? 75  ALA H CB  1 
ATOM 1365 N N   . GLY B 2 76  ? 10.454  -1.751  -21.815 1.00 60.71  ? 76  GLY H N   1 
ATOM 1366 C CA  . GLY B 2 76  ? 9.069   -2.084  -21.625 1.00 56.24  ? 76  GLY H CA  1 
ATOM 1367 C C   . GLY B 2 76  ? 8.532   -0.984  -20.727 1.00 49.18  ? 76  GLY H C   1 
ATOM 1368 O O   . GLY B 2 76  ? 7.378   -0.572  -20.877 1.00 48.59  ? 76  GLY H O   1 
ATOM 1369 N N   . GLY B 2 77  ? 9.391   -0.470  -19.833 1.00 45.80  ? 77  GLY H N   1 
ATOM 1370 C CA  . GLY B 2 77  ? 8.967   0.536   -18.862 1.00 39.90  ? 77  GLY H CA  1 
ATOM 1371 C C   . GLY B 2 77  ? 8.019   -0.288  -18.002 1.00 34.16  ? 77  GLY H C   1 
ATOM 1372 O O   . GLY B 2 77  ? 7.213   0.223   -17.230 1.00 31.91  ? 77  GLY H O   1 
ATOM 1373 N N   . THR B 2 78  ? 8.166   -1.603  -18.143 1.00 35.65  ? 78  THR H N   1 
ATOM 1374 C CA  . THR B 2 78  ? 7.331   -2.598  -17.495 1.00 34.06  ? 78  THR H CA  1 
ATOM 1375 C C   . THR B 2 78  ? 7.988   -3.439  -16.407 1.00 31.85  ? 78  THR H C   1 
ATOM 1376 O O   . THR B 2 78  ? 9.147   -3.840  -16.528 1.00 32.31  ? 78  THR H O   1 
ATOM 1377 C CB  . THR B 2 78  ? 6.794   -3.553  -18.559 1.00 38.72  ? 78  THR H CB  1 
ATOM 1378 O OG1 . THR B 2 78  ? 6.092   -2.802  -19.562 1.00 42.61  ? 78  THR H OG1 1 
ATOM 1379 C CG2 . THR B 2 78  ? 5.865   -4.574  -17.941 1.00 36.68  ? 78  THR H CG2 1 
ATOM 1380 N N   . ALA B 2 79  ? 7.213   -3.713  -15.350 1.00 29.38  ? 79  ALA H N   1 
ATOM 1381 C CA  . ALA B 2 79  ? 7.649   -4.523  -14.211 1.00 26.17  ? 79  ALA H CA  1 
ATOM 1382 C C   . ALA B 2 79  ? 6.746   -5.749  -14.103 1.00 25.64  ? 79  ALA H C   1 
ATOM 1383 O O   . ALA B 2 79  ? 5.569   -5.683  -14.454 1.00 26.42  ? 79  ALA H O   1 
ATOM 1384 C CB  . ALA B 2 79  ? 7.571   -3.705  -12.933 1.00 22.28  ? 79  ALA H CB  1 
ATOM 1385 N N   . TYR B 2 80  ? 7.295   -6.863  -13.613 1.00 24.09  ? 80  TYR H N   1 
ATOM 1386 C CA  . TYR B 2 80  ? 6.523   -8.101  -13.469 1.00 23.43  ? 80  TYR H CA  1 
ATOM 1387 C C   . TYR B 2 80  ? 6.758   -8.792  -12.128 1.00 19.92  ? 80  TYR H C   1 
ATOM 1388 O O   . TYR B 2 80  ? 7.855   -8.733  -11.566 1.00 20.15  ? 80  TYR H O   1 
ATOM 1389 C CB  . TYR B 2 80  ? 6.876   -9.123  -14.570 1.00 27.50  ? 80  TYR H CB  1 
ATOM 1390 C CG  . TYR B 2 80  ? 6.751   -8.659  -16.009 1.00 32.70  ? 80  TYR H CG  1 
ATOM 1391 C CD1 . TYR B 2 80  ? 7.779   -7.952  -16.628 1.00 36.02  ? 80  TYR H CD1 1 
ATOM 1392 C CD2 . TYR B 2 80  ? 5.619   -8.952  -16.759 1.00 35.28  ? 80  TYR H CD2 1 
ATOM 1393 C CE1 . TYR B 2 80  ? 7.677   -7.550  -17.973 1.00 41.18  ? 80  TYR H CE1 1 
ATOM 1394 C CE2 . TYR B 2 80  ? 5.507   -8.557  -18.094 1.00 41.40  ? 80  TYR H CE2 1 
ATOM 1395 C CZ  . TYR B 2 80  ? 6.540   -7.856  -18.693 1.00 44.68  ? 80  TYR H CZ  1 
ATOM 1396 O OH  . TYR B 2 80  ? 6.432   -7.447  -20.006 1.00 52.32  ? 80  TYR H OH  1 
ATOM 1397 N N   . MET B 2 81  ? 5.718   -9.443  -11.618 1.00 18.33  ? 81  MET H N   1 
ATOM 1398 C CA  . MET B 2 81  ? 5.825   -10.208 -10.388 1.00 17.18  ? 81  MET H CA  1 
ATOM 1399 C C   . MET B 2 81  ? 5.274   -11.591 -10.653 1.00 18.55  ? 81  MET H C   1 
ATOM 1400 O O   . MET B 2 81  ? 4.059   -11.771 -10.811 1.00 18.86  ? 81  MET H O   1 
ATOM 1401 C CB  . MET B 2 81  ? 5.032   -9.599  -9.235  1.00 13.75  ? 81  MET H CB  1 
ATOM 1402 C CG  . MET B 2 81  ? 4.969   -10.545 -8.035  1.00 14.51  ? 81  MET H CG  1 
ATOM 1403 S SD  . MET B 2 81  ? 4.159   -9.864  -6.602  1.00 12.57  ? 81  MET H SD  1 
ATOM 1404 C CE  . MET B 2 81  ? 2.450   -10.131 -7.019  1.00 14.05  ? 81  MET H CE  1 
ATOM 1405 N N   . GLY B 2 82  ? 6.179   -12.560 -10.717 1.00 22.34  ? 82  GLY H N   1 
ATOM 1406 C CA  . GLY B 2 82  ? 5.782   -13.931 -10.944 1.00 23.67  ? 82  GLY H CA  1 
ATOM 1407 C C   . GLY B 2 82  ? 5.492   -14.558 -9.603  1.00 24.06  ? 82  GLY H C   1 
ATOM 1408 O O   . GLY B 2 82  ? 6.317   -14.495 -8.689  1.00 25.09  ? 82  GLY H O   1 
ATOM 1409 N N   . LEU B 2 83  ? 4.304   -15.142 -9.486  1.00 25.24  ? 83  LEU H N   1 
ATOM 1410 C CA  . LEU B 2 83  ? 3.862   -15.795 -8.260  1.00 26.55  ? 83  LEU H CA  1 
ATOM 1411 C C   . LEU B 2 83  ? 4.056   -17.312 -8.408  1.00 29.32  ? 83  LEU H C   1 
ATOM 1412 O O   . LEU B 2 83  ? 3.893   -17.860 -9.493  1.00 30.11  ? 83  LEU H O   1 
ATOM 1413 C CB  . LEU B 2 83  ? 2.400   -15.431 -7.996  1.00 26.61  ? 83  LEU H CB  1 
ATOM 1414 C CG  . LEU B 2 83  ? 2.206   -13.949 -7.649  1.00 24.25  ? 83  LEU H CG  1 
ATOM 1415 C CD1 . LEU B 2 83  ? 0.733   -13.544 -7.718  1.00 24.58  ? 83  LEU H CD1 1 
ATOM 1416 C CD2 . LEU B 2 83  ? 2.759   -13.704 -6.261  1.00 24.23  ? 83  LEU H CD2 1 
ATOM 1417 N N   . GLY B 2 84  ? 4.388   -17.977 -7.305  1.00 31.13  ? 84  GLY H N   1 
ATOM 1418 C CA  . GLY B 2 84  ? 4.687   -19.404 -7.319  1.00 37.05  ? 84  GLY H CA  1 
ATOM 1419 C C   . GLY B 2 84  ? 3.681   -20.524 -7.531  1.00 39.36  ? 84  GLY H C   1 
ATOM 1420 O O   . GLY B 2 84  ? 3.112   -20.683 -8.613  1.00 38.57  ? 84  GLY H O   1 
ATOM 1421 N N   . GLY B 2 85  ? 3.495   -21.335 -6.491  1.00 41.70  ? 85  GLY H N   1 
ATOM 1422 C CA  . GLY B 2 85  ? 2.594   -22.476 -6.576  1.00 45.34  ? 85  GLY H CA  1 
ATOM 1423 C C   . GLY B 2 85  ? 1.275   -22.246 -5.879  1.00 42.21  ? 85  GLY H C   1 
ATOM 1424 O O   . GLY B 2 85  ? 0.902   -22.940 -4.935  1.00 48.29  ? 85  GLY H O   1 
ATOM 1425 N N   . LEU B 2 86  ? 0.565   -21.264 -6.403  1.00 37.91  ? 86  LEU H N   1 
ATOM 1426 C CA  . LEU B 2 86  ? -0.719  -20.811 -5.901  1.00 36.22  ? 86  LEU H CA  1 
ATOM 1427 C C   . LEU B 2 86  ? -1.656  -21.780 -5.214  1.00 40.41  ? 86  LEU H C   1 
ATOM 1428 O O   . LEU B 2 86  ? -2.124  -22.750 -5.805  1.00 41.87  ? 86  LEU H O   1 
ATOM 1429 C CB  . LEU B 2 86  ? -1.461  -20.130 -7.042  1.00 32.01  ? 86  LEU H CB  1 
ATOM 1430 C CG  . LEU B 2 86  ? -0.498  -19.183 -7.762  1.00 30.05  ? 86  LEU H CG  1 
ATOM 1431 C CD1 . LEU B 2 86  ? -1.071  -18.785 -9.107  1.00 30.27  ? 86  LEU H CD1 1 
ATOM 1432 C CD2 . LEU B 2 86  ? -0.208  -17.971 -6.882  1.00 30.63  ? 86  LEU H CD2 1 
ATOM 1433 N N   . SER B 2 87  ? -1.915  -21.498 -3.945  1.00 44.01  ? 87  SER H N   1 
ATOM 1434 C CA  . SER B 2 87  ? -2.871  -22.266 -3.175  1.00 50.68  ? 87  SER H CA  1 
ATOM 1435 C C   . SER B 2 87  ? -3.970  -21.221 -3.036  1.00 47.85  ? 87  SER H C   1 
ATOM 1436 O O   . SER B 2 87  ? -3.875  -20.131 -3.611  1.00 40.72  ? 87  SER H O   1 
ATOM 1437 C CB  . SER B 2 87  ? -2.319  -22.640 -1.799  1.00 59.56  ? 87  SER H CB  1 
ATOM 1438 O OG  . SER B 2 87  ? -2.215  -21.506 -0.963  1.00 59.11  ? 87  SER H OG  1 
ATOM 1439 N N   . SER B 2 88  ? -5.014  -21.516 -2.284  1.00 54.37  ? 88  SER H N   1 
ATOM 1440 C CA  . SER B 2 88  ? -6.051  -20.519 -2.157  1.00 53.18  ? 88  SER H CA  1 
ATOM 1441 C C   . SER B 2 88  ? -5.542  -19.397 -1.263  1.00 53.61  ? 88  SER H C   1 
ATOM 1442 O O   . SER B 2 88  ? -6.027  -18.274 -1.334  1.00 50.42  ? 88  SER H O   1 
ATOM 1443 C CB  . SER B 2 88  ? -7.324  -21.131 -1.571  1.00 62.96  ? 88  SER H CB  1 
ATOM 1444 O OG  . SER B 2 88  ? -7.200  -21.317 -0.176  1.00 71.16  ? 88  SER H OG  1 
ATOM 1445 N N   . GLU B 2 89  ? -4.551  -19.692 -0.432  1.00 57.60  ? 89  GLU H N   1 
ATOM 1446 C CA  . GLU B 2 89  ? -4.013  -18.686 0.482   1.00 59.09  ? 89  GLU H CA  1 
ATOM 1447 C C   . GLU B 2 89  ? -3.434  -17.504 -0.275  1.00 49.51  ? 89  GLU H C   1 
ATOM 1448 O O   . GLU B 2 89  ? -3.110  -16.467 0.315   1.00 49.28  ? 89  GLU H O   1 
ATOM 1449 C CB  . GLU B 2 89  ? -2.934  -19.304 1.376   1.00 65.79  ? 89  GLU H CB  1 
ATOM 1450 C CG  . GLU B 2 89  ? -3.200  -19.186 2.874   1.00 75.12  ? 89  GLU H CG  1 
ATOM 1451 C CD  . GLU B 2 89  ? -4.466  -19.918 3.329   1.00 81.01  ? 89  GLU H CD  1 
ATOM 1452 O OE1 . GLU B 2 89  ? -5.358  -20.176 2.483   1.00 77.75  ? 89  GLU H OE1 1 
ATOM 1453 O OE2 . GLU B 2 89  ? -4.569  -20.225 4.542   1.00 89.44  ? 89  GLU H OE2 1 
ATOM 1454 N N   . ASP B 2 90  ? -3.322  -17.673 -1.587  1.00 43.26  ? 90  ASP H N   1 
ATOM 1455 C CA  . ASP B 2 90  ? -2.781  -16.650 -2.463  1.00 37.17  ? 90  ASP H CA  1 
ATOM 1456 C C   . ASP B 2 90  ? -3.831  -15.813 -3.196  1.00 31.53  ? 90  ASP H C   1 
ATOM 1457 O O   . ASP B 2 90  ? -3.494  -14.845 -3.877  1.00 27.98  ? 90  ASP H O   1 
ATOM 1458 C CB  . ASP B 2 90  ? -1.848  -17.302 -3.482  1.00 35.74  ? 90  ASP H CB  1 
ATOM 1459 C CG  . ASP B 2 90  ? -0.462  -17.553 -2.923  1.00 38.27  ? 90  ASP H CG  1 
ATOM 1460 O OD1 . ASP B 2 90  ? -0.335  -17.768 -1.694  1.00 42.79  ? 90  ASP H OD1 1 
ATOM 1461 O OD2 . ASP B 2 90  ? 0.501   -17.542 -3.717  1.00 35.89  ? 90  ASP H OD2 1 
ATOM 1462 N N   . SER B 2 91  ? -5.098  -16.175 -3.064  1.00 33.87  ? 91  SER H N   1 
ATOM 1463 C CA  . SER B 2 91  ? -6.165  -15.425 -3.721  1.00 32.72  ? 91  SER H CA  1 
ATOM 1464 C C   . SER B 2 91  ? -6.298  -14.020 -3.140  1.00 30.17  ? 91  SER H C   1 
ATOM 1465 O O   . SER B 2 91  ? -6.528  -13.857 -1.941  1.00 33.97  ? 91  SER H O   1 
ATOM 1466 C CB  . SER B 2 91  ? -7.493  -16.161 -3.579  1.00 38.27  ? 91  SER H CB  1 
ATOM 1467 O OG  . SER B 2 91  ? -7.561  -17.256 -4.465  1.00 38.20  ? 91  SER H OG  1 
ATOM 1468 N N   . GLY B 2 92  ? -6.151  -13.012 -3.996  1.00 24.98  ? 92  GLY H N   1 
ATOM 1469 C CA  . GLY B 2 92  ? -6.251  -11.637 -3.540  1.00 22.26  ? 92  GLY H CA  1 
ATOM 1470 C C   . GLY B 2 92  ? -5.995  -10.618 -4.632  1.00 18.42  ? 92  GLY H C   1 
ATOM 1471 O O   . GLY B 2 92  ? -6.008  -10.943 -5.829  1.00 18.87  ? 92  GLY H O   1 
ATOM 1472 N N   . VAL B 2 93  ? -5.786  -9.373  -4.221  1.00 16.51  ? 93  VAL H N   1 
ATOM 1473 C CA  . VAL B 2 93  ? -5.504  -8.310  -5.167  1.00 14.41  ? 93  VAL H CA  1 
ATOM 1474 C C   . VAL B 2 93  ? -4.063  -7.888  -4.981  1.00 10.04  ? 93  VAL H C   1 
ATOM 1475 O O   . VAL B 2 93  ? -3.599  -7.662  -3.861  1.00 10.83  ? 93  VAL H O   1 
ATOM 1476 C CB  . VAL B 2 93  ? -6.415  -7.078  -4.959  1.00 19.19  ? 93  VAL H CB  1 
ATOM 1477 C CG1 . VAL B 2 93  ? -6.083  -6.011  -5.993  1.00 19.86  ? 93  VAL H CG1 1 
ATOM 1478 C CG2 . VAL B 2 93  ? -7.864  -7.473  -5.075  1.00 27.81  ? 93  VAL H CG2 1 
ATOM 1479 N N   . TYR B 2 94  ? -3.350  -7.789  -6.087  1.00 8.08   ? 94  TYR H N   1 
ATOM 1480 C CA  . TYR B 2 94  ? -1.963  -7.411  -6.034  1.00 6.66   ? 94  TYR H CA  1 
ATOM 1481 C C   . TYR B 2 94  ? -1.745  -6.039  -6.614  1.00 5.38   ? 94  TYR H C   1 
ATOM 1482 O O   . TYR B 2 94  ? -2.222  -5.723  -7.706  1.00 7.08   ? 94  TYR H O   1 
ATOM 1483 C CB  . TYR B 2 94  ? -1.126  -8.447  -6.763  1.00 8.55   ? 94  TYR H CB  1 
ATOM 1484 C CG  . TYR B 2 94  ? -1.148  -9.772  -6.055  1.00 12.77  ? 94  TYR H CG  1 
ATOM 1485 C CD1 . TYR B 2 94  ? -0.317  -9.997  -4.960  1.00 14.31  ? 94  TYR H CD1 1 
ATOM 1486 C CD2 . TYR B 2 94  ? -2.017  -10.789 -6.441  1.00 14.83  ? 94  TYR H CD2 1 
ATOM 1487 C CE1 . TYR B 2 94  ? -0.343  -11.194 -4.265  1.00 18.16  ? 94  TYR H CE1 1 
ATOM 1488 C CE2 . TYR B 2 94  ? -2.051  -12.003 -5.749  1.00 18.96  ? 94  TYR H CE2 1 
ATOM 1489 C CZ  . TYR B 2 94  ? -1.204  -12.190 -4.655  1.00 20.72  ? 94  TYR H CZ  1 
ATOM 1490 O OH  . TYR B 2 94  ? -1.231  -13.354 -3.923  1.00 25.27  ? 94  TYR H OH  1 
ATOM 1491 N N   . PHE B 2 95  ? -1.023  -5.216  -5.860  1.00 4.93   ? 95  PHE H N   1 
ATOM 1492 C CA  . PHE B 2 95  ? -0.747  -3.861  -6.288  1.00 3.48   ? 95  PHE H CA  1 
ATOM 1493 C C   . PHE B 2 95  ? 0.688   -3.616  -6.685  1.00 1.35   ? 95  PHE H C   1 
ATOM 1494 O O   . PHE B 2 95  ? 1.634   -4.223  -6.173  1.00 2.79   ? 95  PHE H O   1 
ATOM 1495 C CB  . PHE B 2 95  ? -1.140  -2.857  -5.203  1.00 6.91   ? 95  PHE H CB  1 
ATOM 1496 C CG  . PHE B 2 95  ? -2.628  -2.673  -5.057  1.00 10.56  ? 95  PHE H CG  1 
ATOM 1497 C CD1 . PHE B 2 95  ? -3.353  -1.970  -6.023  1.00 12.39  ? 95  PHE H CD1 1 
ATOM 1498 C CD2 . PHE B 2 95  ? -3.303  -3.199  -3.966  1.00 14.17  ? 95  PHE H CD2 1 
ATOM 1499 C CE1 . PHE B 2 95  ? -4.731  -1.794  -5.895  1.00 18.56  ? 95  PHE H CE1 1 
ATOM 1500 C CE2 . PHE B 2 95  ? -4.680  -3.026  -3.831  1.00 18.42  ? 95  PHE H CE2 1 
ATOM 1501 C CZ  . PHE B 2 95  ? -5.396  -2.320  -4.799  1.00 20.08  ? 95  PHE H CZ  1 
ATOM 1502 N N   . CYS B 2 96  ? 0.807   -2.690  -7.618  1.00 2.54   ? 96  CYS H N   1 
ATOM 1503 C CA  . CYS B 2 96  ? 2.052   -2.225  -8.175  1.00 3.67   ? 96  CYS H CA  1 
ATOM 1504 C C   . CYS B 2 96  ? 2.187   -0.854  -7.526  1.00 2.29   ? 96  CYS H C   1 
ATOM 1505 O O   . CYS B 2 96  ? 1.286   -0.025  -7.635  1.00 3.31   ? 96  CYS H O   1 
ATOM 1506 C CB  . CYS B 2 96  ? 1.879   -2.081  -9.683  1.00 6.52   ? 96  CYS H CB  1 
ATOM 1507 S SG  . CYS B 2 96  ? 3.319   -1.382  -10.517 1.00 10.96  ? 96  CYS H SG  1 
ATOM 1508 N N   . ALA B 2 97  ? 3.293   -0.599  -6.843  1.00 3.09   ? 97  ALA H N   1 
ATOM 1509 C CA  . ALA B 2 97  ? 3.433   0.696   -6.196  1.00 4.34   ? 97  ALA H CA  1 
ATOM 1510 C C   . ALA B 2 97  ? 4.816   1.304   -6.341  1.00 7.21   ? 97  ALA H C   1 
ATOM 1511 O O   . ALA B 2 97  ? 5.822   0.598   -6.399  1.00 8.39   ? 97  ALA H O   1 
ATOM 1512 C CB  . ALA B 2 97  ? 3.054   0.580   -4.725  1.00 4.23   ? 97  ALA H CB  1 
ATOM 1513 N N   . ARG B 2 98  ? 4.846   2.631   -6.393  1.00 8.16   ? 98  ARG H N   1 
ATOM 1514 C CA  . ARG B 2 98  ? 6.083   3.381   -6.556  1.00 11.45  ? 98  ARG H CA  1 
ATOM 1515 C C   . ARG B 2 98  ? 6.093   4.545   -5.577  1.00 13.80  ? 98  ARG H C   1 
ATOM 1516 O O   . ARG B 2 98  ? 5.047   4.901   -5.021  1.00 12.30  ? 98  ARG H O   1 
ATOM 1517 C CB  . ARG B 2 98  ? 6.149   3.938   -7.976  1.00 13.45  ? 98  ARG H CB  1 
ATOM 1518 C CG  . ARG B 2 98  ? 7.543   4.201   -8.474  1.00 17.10  ? 98  ARG H CG  1 
ATOM 1519 C CD  . ARG B 2 98  ? 7.570   5.327   -9.478  1.00 23.08  ? 98  ARG H CD  1 
ATOM 1520 N NE  . ARG B 2 98  ? 7.444   6.616   -8.812  1.00 26.15  ? 98  ARG H NE  1 
ATOM 1521 C CZ  . ARG B 2 98  ? 7.644   7.783   -9.409  1.00 33.84  ? 98  ARG H CZ  1 
ATOM 1522 N NH1 . ARG B 2 98  ? 7.975   7.813   -10.690 1.00 37.50  ? 98  ARG H NH1 1 
ATOM 1523 N NH2 . ARG B 2 98  ? 7.533   8.917   -8.727  1.00 38.97  ? 98  ARG H NH2 1 
ATOM 1524 N N   . ARG B 2 99  ? 7.266   5.147   -5.375  1.00 17.04  ? 99  ARG H N   1 
ATOM 1525 C CA  . ARG B 2 99  ? 7.385   6.292   -4.477  1.00 19.50  ? 99  ARG H CA  1 
ATOM 1526 C C   . ARG B 2 99  ? 7.108   7.569   -5.241  1.00 24.52  ? 99  ARG H C   1 
ATOM 1527 O O   . ARG B 2 99  ? 6.962   7.550   -6.464  1.00 25.87  ? 99  ARG H O   1 
ATOM 1528 C CB  . ARG B 2 99  ? 8.783   6.395   -3.888  1.00 22.35  ? 99  ARG H CB  1 
ATOM 1529 C CG  . ARG B 2 99  ? 9.191   5.248   -3.017  1.00 21.44  ? 99  ARG H CG  1 
ATOM 1530 C CD  . ARG B 2 99  ? 10.623  5.449   -2.553  1.00 23.96  ? 99  ARG H CD  1 
ATOM 1531 N NE  . ARG B 2 99  ? 11.416  4.238   -2.729  1.00 23.66  ? 99  ARG H NE  1 
ATOM 1532 C CZ  . ARG B 2 99  ? 12.673  4.107   -2.325  1.00 26.08  ? 99  ARG H CZ  1 
ATOM 1533 N NH1 . ARG B 2 99  ? 13.287  5.123   -1.716  1.00 32.74  ? 99  ARG H NH1 1 
ATOM 1534 N NH2 . ARG B 2 99  ? 13.308  2.957   -2.528  1.00 27.45  ? 99  ARG H NH2 1 
ATOM 1535 N N   . GLY B 2 100 ? 7.060   8.681   -4.512  1.00 28.50  ? 100 GLY H N   1 
ATOM 1536 C CA  . GLY B 2 100 ? 6.805   9.975   -5.126  1.00 35.95  ? 100 GLY H CA  1 
ATOM 1537 C C   . GLY B 2 100 ? 8.040   10.849  -5.060  1.00 42.94  ? 100 GLY H C   1 
ATOM 1538 O O   . GLY B 2 100 ? 8.440   11.476  -6.041  1.00 50.03  ? 100 GLY H O   1 
ATOM 1539 N N   . PHE B 2 101 ? 8.624   10.898  -3.867  1.00 42.03  ? 101 PHE H N   1 
ATOM 1540 C CA  . PHE B 2 101 ? 9.843   11.649  -3.601  1.00 48.14  ? 101 PHE H CA  1 
ATOM 1541 C C   . PHE B 2 101 ? 10.931  10.594  -3.660  1.00 42.96  ? 101 PHE H C   1 
ATOM 1542 O O   . PHE B 2 101 ? 10.749  9.539   -4.271  1.00 38.02  ? 101 PHE H O   1 
ATOM 1543 C CB  . PHE B 2 101 ? 9.807   12.232  -2.188  1.00 48.94  ? 101 PHE H CB  1 
ATOM 1544 C CG  . PHE B 2 101 ? 9.498   13.695  -2.135  1.00 58.42  ? 101 PHE H CG  1 
ATOM 1545 C CD1 . PHE B 2 101 ? 8.575   14.269  -3.018  1.00 62.61  ? 101 PHE H CD1 1 
ATOM 1546 C CD2 . PHE B 2 101 ? 10.088  14.499  -1.157  1.00 64.51  ? 101 PHE H CD2 1 
ATOM 1547 C CE1 . PHE B 2 101 ? 8.239   15.633  -2.924  1.00 71.56  ? 101 PHE H CE1 1 
ATOM 1548 C CE2 . PHE B 2 101 ? 9.763   15.865  -1.049  1.00 74.03  ? 101 PHE H CE2 1 
ATOM 1549 C CZ  . PHE B 2 101 ? 8.837   16.430  -1.932  1.00 77.06  ? 101 PHE H CZ  1 
ATOM 1550 N N   . ALA B 2 102 ? 12.053  10.881  -3.011  1.00 44.65  ? 102 ALA H N   1 
ATOM 1551 C CA  . ALA B 2 102 ? 13.183  9.961   -2.937  1.00 42.96  ? 102 ALA H CA  1 
ATOM 1552 C C   . ALA B 2 102 ? 13.769  10.150  -1.545  1.00 46.28  ? 102 ALA H C   1 
ATOM 1553 O O   . ALA B 2 102 ? 14.894  9.749   -1.260  1.00 68.77  ? 102 ALA H O   1 
ATOM 1554 C CB  . ALA B 2 102 ? 14.220  10.289  -4.012  1.00 49.73  ? 102 ALA H CB  1 
ATOM 1555 N N   . GLY B 2 103 ? 12.980  10.783  -0.690  1.00 42.56  ? 103 GLY H N   1 
ATOM 1556 C CA  . GLY B 2 103 ? 13.383  11.027  0.681   1.00 57.51  ? 103 GLY H CA  1 
ATOM 1557 C C   . GLY B 2 103 ? 12.289  10.455  1.555   1.00 47.55  ? 103 GLY H C   1 
ATOM 1558 O O   . GLY B 2 103 ? 12.287  10.635  2.774   1.00 49.26  ? 103 GLY H O   1 
ATOM 1559 N N   . ALA B 2 104 ? 11.362  9.752   0.904   1.00 35.20  ? 104 ALA H N   1 
ATOM 1560 C CA  . ALA B 2 104 ? 10.216  9.128   1.558   1.00 31.15  ? 104 ALA H CA  1 
ATOM 1561 C C   . ALA B 2 104 ? 9.877   7.813   0.861   1.00 29.02  ? 104 ALA H C   1 
ATOM 1562 O O   . ALA B 2 104 ? 9.522   7.817   -0.313  1.00 27.27  ? 104 ALA H O   1 
ATOM 1563 C CB  . ALA B 2 104 ? 9.014   10.070  1.500   1.00 32.80  ? 104 ALA H CB  1 
ATOM 1564 N N   . ALA B 2 105 ? 9.978   6.697   1.581   1.00 29.95  ? 105 ALA H N   1 
ATOM 1565 C CA  . ALA B 2 105 ? 9.664   5.396   0.996   1.00 24.54  ? 105 ALA H CA  1 
ATOM 1566 C C   . ALA B 2 105 ? 8.151   5.192   0.941   1.00 20.73  ? 105 ALA H C   1 
ATOM 1567 O O   . ALA B 2 105 ? 7.660   4.077   0.723   1.00 19.39  ? 105 ALA H O   1 
ATOM 1568 C CB  . ALA B 2 105 ? 10.329  4.259   1.784   1.00 26.50  ? 105 ALA H CB  1 
ATOM 1569 N N   . SER B 2 106 ? 7.413   6.279   1.143   1.00 20.04  ? 106 SER H N   1 
ATOM 1570 C CA  . SER B 2 106 ? 5.960   6.237   1.057   1.00 16.70  ? 106 SER H CA  1 
ATOM 1571 C C   . SER B 2 106 ? 5.574   6.019   -0.403  1.00 15.82  ? 106 SER H C   1 
ATOM 1572 O O   . SER B 2 106 ? 6.177   6.595   -1.310  1.00 18.23  ? 106 SER H O   1 
ATOM 1573 C CB  . SER B 2 106 ? 5.357   7.547   1.542   1.00 16.68  ? 106 SER H CB  1 
ATOM 1574 O OG  . SER B 2 106 ? 5.391   7.612   2.950   1.00 16.48  ? 106 SER H OG  1 
ATOM 1575 N N   . PHE B 2 107 ? 4.561   5.187   -0.613  1.00 12.56  ? 107 PHE H N   1 
ATOM 1576 C CA  . PHE B 2 107 ? 4.068   4.863   -1.939  1.00 11.35  ? 107 PHE H CA  1 
ATOM 1577 C C   . PHE B 2 107 ? 3.066   5.908   -2.406  1.00 11.59  ? 107 PHE H C   1 
ATOM 1578 O O   . PHE B 2 107 ? 1.901   5.880   -2.008  1.00 10.37  ? 107 PHE H O   1 
ATOM 1579 C CB  . PHE B 2 107 ? 3.396   3.495   -1.908  1.00 9.29   ? 107 PHE H CB  1 
ATOM 1580 C CG  . PHE B 2 107 ? 4.302   2.383   -1.480  1.00 11.05  ? 107 PHE H CG  1 
ATOM 1581 C CD1 . PHE B 2 107 ? 5.672   2.482   -1.647  1.00 13.42  ? 107 PHE H CD1 1 
ATOM 1582 C CD2 . PHE B 2 107 ? 3.783   1.223   -0.933  1.00 10.46  ? 107 PHE H CD2 1 
ATOM 1583 C CE1 . PHE B 2 107 ? 6.516   1.431   -1.272  1.00 14.83  ? 107 PHE H CE1 1 
ATOM 1584 C CE2 . PHE B 2 107 ? 4.617   0.169   -0.557  1.00 11.44  ? 107 PHE H CE2 1 
ATOM 1585 C CZ  . PHE B 2 107 ? 5.981   0.273   -0.726  1.00 13.93  ? 107 PHE H CZ  1 
ATOM 1586 N N   . ALA B 2 108 ? 3.512   6.823   -3.258  1.00 15.05  ? 108 ALA H N   1 
ATOM 1587 C CA  . ALA B 2 108 ? 2.641   7.875   -3.774  1.00 18.40  ? 108 ALA H CA  1 
ATOM 1588 C C   . ALA B 2 108 ? 1.922   7.485   -5.071  1.00 19.40  ? 108 ALA H C   1 
ATOM 1589 O O   . ALA B 2 108 ? 0.926   8.102   -5.443  1.00 23.19  ? 108 ALA H O   1 
ATOM 1590 C CB  . ALA B 2 108 ? 3.444   9.130   -3.989  1.00 25.13  ? 108 ALA H CB  1 
ATOM 1591 N N   . TYR B 2 109 ? 2.424   6.470   -5.762  1.00 15.94  ? 109 TYR H N   1 
ATOM 1592 C CA  . TYR B 2 109 ? 1.820   6.042   -7.011  1.00 16.24  ? 109 TYR H CA  1 
ATOM 1593 C C   . TYR B 2 109 ? 1.473   4.577   -6.947  1.00 9.98   ? 109 TYR H C   1 
ATOM 1594 O O   . TYR B 2 109 ? 2.299   3.755   -6.533  1.00 6.94   ? 109 TYR H O   1 
ATOM 1595 C CB  . TYR B 2 109 ? 2.764   6.312   -8.189  1.00 20.20  ? 109 TYR H CB  1 
ATOM 1596 C CG  . TYR B 2 109 ? 3.074   7.777   -8.366  1.00 28.83  ? 109 TYR H CG  1 
ATOM 1597 C CD1 . TYR B 2 109 ? 2.128   8.649   -8.901  1.00 37.13  ? 109 TYR H CD1 1 
ATOM 1598 C CD2 . TYR B 2 109 ? 4.282   8.310   -7.935  1.00 30.74  ? 109 TYR H CD2 1 
ATOM 1599 C CE1 . TYR B 2 109 ? 2.378   10.016  -8.997  1.00 46.10  ? 109 TYR H CE1 1 
ATOM 1600 C CE2 . TYR B 2 109 ? 4.542   9.674   -8.021  1.00 39.49  ? 109 TYR H CE2 1 
ATOM 1601 C CZ  . TYR B 2 109 ? 3.588   10.521  -8.551  1.00 47.43  ? 109 TYR H CZ  1 
ATOM 1602 O OH  . TYR B 2 109 ? 3.849   11.880  -8.620  1.00 57.19  ? 109 TYR H OH  1 
ATOM 1603 N N   . TRP B 2 110 ? 0.247   4.258   -7.363  1.00 12.91  ? 110 TRP H N   1 
ATOM 1604 C CA  . TRP B 2 110 ? -0.250  2.889   -7.349  1.00 9.94   ? 110 TRP H CA  1 
ATOM 1605 C C   . TRP B 2 110 ? -0.937  2.453   -8.632  1.00 12.24  ? 110 TRP H C   1 
ATOM 1606 O O   . TRP B 2 110 ? -1.569  3.253   -9.326  1.00 20.15  ? 110 TRP H O   1 
ATOM 1607 C CB  . TRP B 2 110 ? -1.258  2.692   -6.217  1.00 10.06  ? 110 TRP H CB  1 
ATOM 1608 C CG  . TRP B 2 110 ? -0.713  2.903   -4.852  1.00 8.98   ? 110 TRP H CG  1 
ATOM 1609 C CD1 . TRP B 2 110 ? -0.273  4.070   -4.319  1.00 10.05  ? 110 TRP H CD1 1 
ATOM 1610 C CD2 . TRP B 2 110 ? -0.575  1.916   -3.832  1.00 8.99   ? 110 TRP H CD2 1 
ATOM 1611 N NE1 . TRP B 2 110 ? 0.131   3.878   -3.027  1.00 8.85   ? 110 TRP H NE1 1 
ATOM 1612 C CE2 . TRP B 2 110 ? -0.045  2.561   -2.701  1.00 8.96   ? 110 TRP H CE2 1 
ATOM 1613 C CE3 . TRP B 2 110 ? -0.847  0.538   -3.763  1.00 9.87   ? 110 TRP H CE3 1 
ATOM 1614 C CZ2 . TRP B 2 110 ? 0.216   1.887   -1.515  1.00 10.39  ? 110 TRP H CZ2 1 
ATOM 1615 C CZ3 . TRP B 2 110 ? -0.586  -0.139  -2.580  1.00 11.66  ? 110 TRP H CZ3 1 
ATOM 1616 C CH2 . TRP B 2 110 ? -0.064  0.535   -1.475  1.00 12.25  ? 110 TRP H CH2 1 
ATOM 1617 N N   . GLY B 2 111 ? -0.814  1.159   -8.914  1.00 9.29   ? 111 GLY H N   1 
ATOM 1618 C CA  . GLY B 2 111 ? -1.459  0.571   -10.067 1.00 13.61  ? 111 GLY H CA  1 
ATOM 1619 C C   . GLY B 2 111 ? -2.877  0.349   -9.582  1.00 18.90  ? 111 GLY H C   1 
ATOM 1620 O O   . GLY B 2 111 ? -3.131  0.452   -8.382  1.00 16.44  ? 111 GLY H O   1 
ATOM 1621 N N   . GLN B 2 112 ? -3.797  0.031   -10.488 1.00 26.45  ? 112 GLN H N   1 
ATOM 1622 C CA  . GLN B 2 112 ? -5.195  -0.146  -10.115 1.00 33.28  ? 112 GLN H CA  1 
ATOM 1623 C C   . GLN B 2 112 ? -5.492  -1.495  -9.497  1.00 30.03  ? 112 GLN H C   1 
ATOM 1624 O O   . GLN B 2 112 ? -6.618  -1.753  -9.096  1.00 35.52  ? 112 GLN H O   1 
ATOM 1625 C CB  . GLN B 2 112 ? -6.101  0.080   -11.332 1.00 44.82  ? 112 GLN H CB  1 
ATOM 1626 C CG  . GLN B 2 112 ? -6.196  -1.113  -12.273 1.00 46.68  ? 112 GLN H CG  1 
ATOM 1627 C CD  . GLN B 2 112 ? -4.987  -1.285  -13.179 1.00 41.52  ? 112 GLN H CD  1 
ATOM 1628 O OE1 . GLN B 2 112 ? -3.908  -0.755  -12.917 1.00 34.68  ? 112 GLN H OE1 1 
ATOM 1629 N NE2 . GLN B 2 112 ? -5.164  -2.047  -14.252 1.00 46.32  ? 112 GLN H NE2 1 
ATOM 1630 N N   . GLY B 2 113 ? -4.472  -2.345  -9.427  1.00 21.80  ? 113 GLY H N   1 
ATOM 1631 C CA  . GLY B 2 113 ? -4.626  -3.663  -8.831  1.00 18.91  ? 113 GLY H CA  1 
ATOM 1632 C C   . GLY B 2 113 ? -4.982  -4.784  -9.790  1.00 22.38  ? 113 GLY H C   1 
ATOM 1633 O O   . GLY B 2 113 ? -5.744  -4.597  -10.725 1.00 30.42  ? 113 GLY H O   1 
ATOM 1634 N N   . THR B 2 114 ? -4.420  -5.963  -9.552  1.00 18.37  ? 114 THR H N   1 
ATOM 1635 C CA  . THR B 2 114 ? -4.692  -7.125  -10.380 1.00 21.81  ? 114 THR H CA  1 
ATOM 1636 C C   . THR B 2 114 ? -5.306  -8.204  -9.489  1.00 20.91  ? 114 THR H C   1 
ATOM 1637 O O   . THR B 2 114 ? -4.668  -8.669  -8.539  1.00 16.24  ? 114 THR H O   1 
ATOM 1638 C CB  . THR B 2 114 ? -3.401  -7.697  -11.012 1.00 19.36  ? 114 THR H CB  1 
ATOM 1639 O OG1 . THR B 2 114 ? -2.781  -6.711  -11.850 1.00 19.23  ? 114 THR H OG1 1 
ATOM 1640 C CG2 . THR B 2 114 ? -3.723  -8.915  -11.838 1.00 24.70  ? 114 THR H CG2 1 
ATOM 1641 N N   . LEU B 2 115 ? -6.537  -8.599  -9.785  1.00 28.64  ? 115 LEU H N   1 
ATOM 1642 C CA  . LEU B 2 115 ? -7.179  -9.622  -8.978  1.00 29.51  ? 115 LEU H CA  1 
ATOM 1643 C C   . LEU B 2 115 ? -6.793  -11.024 -9.406  1.00 28.47  ? 115 LEU H C   1 
ATOM 1644 O O   . LEU B 2 115 ? -6.969  -11.419 -10.558 1.00 32.07  ? 115 LEU H O   1 
ATOM 1645 C CB  . LEU B 2 115 ? -8.707  -9.518  -9.024  1.00 40.47  ? 115 LEU H CB  1 
ATOM 1646 C CG  . LEU B 2 115 ? -9.374  -10.632 -8.199  1.00 44.79  ? 115 LEU H CG  1 
ATOM 1647 C CD1 . LEU B 2 115 ? -9.114  -10.375 -6.719  1.00 37.84  ? 115 LEU H CD1 1 
ATOM 1648 C CD2 . LEU B 2 115 ? -10.872 -10.695 -8.461  1.00 63.91  ? 115 LEU H CD2 1 
ATOM 1649 N N   . VAL B 2 116 ? -6.267  -11.771 -8.450  1.00 24.51  ? 116 VAL H N   1 
ATOM 1650 C CA  . VAL B 2 116 ? -5.905  -13.142 -8.701  1.00 25.80  ? 116 VAL H CA  1 
ATOM 1651 C C   . VAL B 2 116 ? -6.841  -13.988 -7.852  1.00 27.91  ? 116 VAL H C   1 
ATOM 1652 O O   . VAL B 2 116 ? -7.039  -13.724 -6.664  1.00 27.95  ? 116 VAL H O   1 
ATOM 1653 C CB  . VAL B 2 116 ? -4.429  -13.411 -8.322  1.00 24.51  ? 116 VAL H CB  1 
ATOM 1654 C CG1 . VAL B 2 116 ? -4.044  -14.844 -8.668  1.00 26.58  ? 116 VAL H CG1 1 
ATOM 1655 C CG2 . VAL B 2 116 ? -3.528  -12.451 -9.072  1.00 22.85  ? 116 VAL H CG2 1 
ATOM 1656 N N   . THR B 2 117 ? -7.460  -14.970 -8.485  1.00 30.75  ? 117 THR H N   1 
ATOM 1657 C CA  . THR B 2 117 ? -8.351  -15.886 -7.796  1.00 33.51  ? 117 THR H CA  1 
ATOM 1658 C C   . THR B 2 117 ? -7.830  -17.273 -8.139  1.00 32.17  ? 117 THR H C   1 
ATOM 1659 O O   . THR B 2 117 ? -7.630  -17.607 -9.316  1.00 40.77  ? 117 THR H O   1 
ATOM 1660 C CB  . THR B 2 117 ? -9.827  -15.763 -8.278  1.00 59.03  ? 117 THR H CB  1 
ATOM 1661 O OG1 . THR B 2 117 ? -10.374 -14.503 -7.870  1.00 63.65  ? 117 THR H OG1 1 
ATOM 1662 C CG2 . THR B 2 117 ? -10.680 -16.861 -7.680  1.00 79.20  ? 117 THR H CG2 1 
ATOM 1663 N N   . ALA B 2 118 ? -7.577  -18.069 -7.107  1.00 33.13  ? 118 ALA H N   1 
ATOM 1664 C CA  . ALA B 2 118 ? -7.089  -19.426 -7.315  1.00 33.40  ? 118 ALA H CA  1 
ATOM 1665 C C   . ALA B 2 118 ? -8.230  -20.399 -7.008  1.00 42.41  ? 118 ALA H C   1 
ATOM 1666 O O   . ALA B 2 118 ? -8.689  -20.516 -5.863  1.00 52.50  ? 118 ALA H O   1 
ATOM 1667 C CB  . ALA B 2 118 ? -5.878  -19.699 -6.419  1.00 32.69  ? 118 ALA H CB  1 
ATOM 1668 N N   . GLY B 2 119 ? -8.707  -21.053 -8.064  1.00 38.68  ? 119 GLY H N   1 
ATOM 1669 C CA  . GLY B 2 119 ? -9.787  -22.017 -7.952  1.00 51.86  ? 119 GLY H CA  1 
ATOM 1670 C C   . GLY B 2 119 ? -9.540  -23.118 -8.970  1.00 72.85  ? 119 GLY H C   1 
ATOM 1671 O O   . GLY B 2 119 ? -8.904  -22.891 -10.007 1.00 70.27  ? 119 GLY H O   1 
ATOM 1672 N N   . GLY B 2 120 ? -10.016 -24.320 -8.676  1.00 98.65  ? 120 GLY H N   1 
ATOM 1673 C CA  . GLY B 2 120 ? -9.828  -25.425 -9.604  1.00 90.11  ? 120 GLY H CA  1 
ATOM 1674 C C   . GLY B 2 120 ? -11.116 -25.689 -10.358 1.00 96.93  ? 120 GLY H C   1 
ATOM 1675 O O   . GLY B 2 120 ? -11.164 -26.479 -11.288 1.00 99.48  ? 120 GLY H O   1 
# 
